data_5S9E
# 
_entry.id   5S9E 
# 
_audit_conform.dict_name       mmcif_pdbx.dic 
_audit_conform.dict_version    5.387 
_audit_conform.dict_location   http://mmcif.pdb.org/dictionaries/ascii/mmcif_pdbx.dic 
# 
loop_
_database_2.database_id 
_database_2.database_code 
_database_2.pdbx_database_accession 
_database_2.pdbx_DOI 
PDB   5S9E         pdb_00005s9e 10.2210/pdb5s9e/pdb 
WWPDB D_1001404223 ?            ?                   
# 
loop_
_pdbx_audit_revision_history.ordinal 
_pdbx_audit_revision_history.data_content_type 
_pdbx_audit_revision_history.major_revision 
_pdbx_audit_revision_history.minor_revision 
_pdbx_audit_revision_history.revision_date 
1 'Structure model' 1 0 2021-02-17 
2 'Structure model' 1 1 2024-03-06 
# 
_pdbx_audit_revision_details.ordinal             1 
_pdbx_audit_revision_details.revision_ordinal    1 
_pdbx_audit_revision_details.data_content_type   'Structure model' 
_pdbx_audit_revision_details.provider            repository 
_pdbx_audit_revision_details.type                'Initial release' 
_pdbx_audit_revision_details.description         ? 
_pdbx_audit_revision_details.details             ? 
# 
loop_
_pdbx_audit_revision_group.ordinal 
_pdbx_audit_revision_group.revision_ordinal 
_pdbx_audit_revision_group.data_content_type 
_pdbx_audit_revision_group.group 
1 2 'Structure model' 'Data collection'     
2 2 'Structure model' 'Database references' 
# 
loop_
_pdbx_audit_revision_category.ordinal 
_pdbx_audit_revision_category.revision_ordinal 
_pdbx_audit_revision_category.data_content_type 
_pdbx_audit_revision_category.category 
1 2 'Structure model' chem_comp_atom 
2 2 'Structure model' chem_comp_bond 
3 2 'Structure model' database_2     
# 
loop_
_pdbx_audit_revision_item.ordinal 
_pdbx_audit_revision_item.revision_ordinal 
_pdbx_audit_revision_item.data_content_type 
_pdbx_audit_revision_item.item 
1 2 'Structure model' '_database_2.pdbx_DOI'                
2 2 'Structure model' '_database_2.pdbx_database_accession' 
# 
_pdbx_database_status.entry_id                        5S9E 
_pdbx_database_status.status_code                     REL 
_pdbx_database_status.status_code_sf                  REL 
_pdbx_database_status.status_code_mr                  ? 
_pdbx_database_status.status_code_cs                  ? 
_pdbx_database_status.recvd_initial_deposition_date   2021-01-22 
_pdbx_database_status.status_code_nmr_data            ? 
_pdbx_database_status.deposit_site                    RCSB 
_pdbx_database_status.process_site                    RCSB 
_pdbx_database_status.SG_entry                        ? 
_pdbx_database_status.pdb_format_compatible           Y 
_pdbx_database_status.methods_development_category    ? 
# 
loop_
_audit_author.name 
_audit_author.pdbx_ordinal 
_audit_author.identifier_ORCID 
'Grosjean, H.'     1  ? 
'Aimon, A.'        2  ? 
'Hassel-Hart , S.' 3  ? 
'Krojer, T.'       4  ? 
'Talon, R.'        5  ? 
'Douangamath, A.'  6  ? 
'Koekemoer, L.'    7  ? 
'Biggin, P.C.'     8  ? 
'Spencer, J.'      9  ? 
'von Delft, F.'    10 ? 
# 
_citation.id                        primary 
_citation.title                     
;Crystal Structures of the second bromodomain of Pleckstrin homology domain interacting protein (PHIP) in space group C2 soaked with crude reaction mixtures
;
_citation.journal_abbrev            'To Be Published' 
_citation.journal_volume            ? 
_citation.page_first                ? 
_citation.page_last                 ? 
_citation.year                      ? 
_citation.journal_id_ASTM           ? 
_citation.country                   ? 
_citation.journal_id_ISSN           ? 
_citation.journal_id_CSD            0353 
_citation.book_publisher            ? 
_citation.pdbx_database_id_PubMed   ? 
_citation.pdbx_database_id_DOI      ? 
# 
loop_
_citation_author.citation_id 
_citation_author.name 
_citation_author.identifier_ORCID 
_citation_author.ordinal 
primary 'Grosjean, H.'    ? 1  
primary 'Aimon, A.'       ? 2  
primary 'Hart , S.'       ? 3  
primary 'Krojer, T.'      ? 4  
primary 'Talon, R.'       ? 5  
primary 'Douangamath, A.' ? 6  
primary 'Koekemoer, L.'   ? 7  
primary 'Biggin, P.C.'    ? 8  
primary 'Spencer, J.'     ? 9  
primary 'von Delft, F.'   ? 10 
# 
loop_
_entity.id 
_entity.type 
_entity.src_method 
_entity.pdbx_description 
_entity.formula_weight 
_entity.pdbx_number_of_molecules 
_entity.pdbx_ec 
_entity.pdbx_mutation 
_entity.pdbx_fragment 
_entity.details 
1 polymer     man 'PH-interacting protein'                                                        17627.859 1   ? ? ? ? 
2 non-polymer syn '4-(5-methylfuran-2-carbonyl)-N-[(pyridin-3-yl)methyl]piperazine-1-carboxamide' 328.366   1   ? ? ? ? 
3 water       nat water                                                                           18.015    193 ? ? ? ? 
# 
_entity_name_com.entity_id   1 
_entity_name_com.name        
'PHIP,DDB1- and CUL4-associated factor 14,IRS-1 PH domain-binding protein,WD repeat-containing protein 11' 
# 
_entity_poly.entity_id                      1 
_entity_poly.type                           'polypeptide(L)' 
_entity_poly.nstd_linkage                   no 
_entity_poly.nstd_monomer                   no 
_entity_poly.pdbx_seq_one_letter_code       
;MHHHHHHSSGVDLGTENLYFQSMSYDIQAWKKQCEELLNLIFQCEDSEPFRQPVDLLEYPDYRDIIDTPMDFATVRETLE
AGNYESPMELCKDVRLIFSNSKAYTPSKRSRIYSMSLRLSAFFEEHISSVLSDYKSALRFHKRNTITKR
;
_entity_poly.pdbx_seq_one_letter_code_can   
;MHHHHHHSSGVDLGTENLYFQSMSYDIQAWKKQCEELLNLIFQCEDSEPFRQPVDLLEYPDYRDIIDTPMDFATVRETLE
AGNYESPMELCKDVRLIFSNSKAYTPSKRSRIYSMSLRLSAFFEEHISSVLSDYKSALRFHKRNTITKR
;
_entity_poly.pdbx_strand_id                 A 
_entity_poly.pdbx_target_identifier         ? 
# 
loop_
_pdbx_entity_nonpoly.entity_id 
_pdbx_entity_nonpoly.name 
_pdbx_entity_nonpoly.comp_id 
2 '4-(5-methylfuran-2-carbonyl)-N-[(pyridin-3-yl)methyl]piperazine-1-carboxamide' Y47 
3 water                                                                           HOH 
# 
loop_
_entity_poly_seq.entity_id 
_entity_poly_seq.num 
_entity_poly_seq.mon_id 
_entity_poly_seq.hetero 
1 1   MET n 
1 2   HIS n 
1 3   HIS n 
1 4   HIS n 
1 5   HIS n 
1 6   HIS n 
1 7   HIS n 
1 8   SER n 
1 9   SER n 
1 10  GLY n 
1 11  VAL n 
1 12  ASP n 
1 13  LEU n 
1 14  GLY n 
1 15  THR n 
1 16  GLU n 
1 17  ASN n 
1 18  LEU n 
1 19  TYR n 
1 20  PHE n 
1 21  GLN n 
1 22  SER n 
1 23  MET n 
1 24  SER n 
1 25  TYR n 
1 26  ASP n 
1 27  ILE n 
1 28  GLN n 
1 29  ALA n 
1 30  TRP n 
1 31  LYS n 
1 32  LYS n 
1 33  GLN n 
1 34  CYS n 
1 35  GLU n 
1 36  GLU n 
1 37  LEU n 
1 38  LEU n 
1 39  ASN n 
1 40  LEU n 
1 41  ILE n 
1 42  PHE n 
1 43  GLN n 
1 44  CYS n 
1 45  GLU n 
1 46  ASP n 
1 47  SER n 
1 48  GLU n 
1 49  PRO n 
1 50  PHE n 
1 51  ARG n 
1 52  GLN n 
1 53  PRO n 
1 54  VAL n 
1 55  ASP n 
1 56  LEU n 
1 57  LEU n 
1 58  GLU n 
1 59  TYR n 
1 60  PRO n 
1 61  ASP n 
1 62  TYR n 
1 63  ARG n 
1 64  ASP n 
1 65  ILE n 
1 66  ILE n 
1 67  ASP n 
1 68  THR n 
1 69  PRO n 
1 70  MET n 
1 71  ASP n 
1 72  PHE n 
1 73  ALA n 
1 74  THR n 
1 75  VAL n 
1 76  ARG n 
1 77  GLU n 
1 78  THR n 
1 79  LEU n 
1 80  GLU n 
1 81  ALA n 
1 82  GLY n 
1 83  ASN n 
1 84  TYR n 
1 85  GLU n 
1 86  SER n 
1 87  PRO n 
1 88  MET n 
1 89  GLU n 
1 90  LEU n 
1 91  CYS n 
1 92  LYS n 
1 93  ASP n 
1 94  VAL n 
1 95  ARG n 
1 96  LEU n 
1 97  ILE n 
1 98  PHE n 
1 99  SER n 
1 100 ASN n 
1 101 SER n 
1 102 LYS n 
1 103 ALA n 
1 104 TYR n 
1 105 THR n 
1 106 PRO n 
1 107 SER n 
1 108 LYS n 
1 109 ARG n 
1 110 SER n 
1 111 ARG n 
1 112 ILE n 
1 113 TYR n 
1 114 SER n 
1 115 MET n 
1 116 SER n 
1 117 LEU n 
1 118 ARG n 
1 119 LEU n 
1 120 SER n 
1 121 ALA n 
1 122 PHE n 
1 123 PHE n 
1 124 GLU n 
1 125 GLU n 
1 126 HIS n 
1 127 ILE n 
1 128 SER n 
1 129 SER n 
1 130 VAL n 
1 131 LEU n 
1 132 SER n 
1 133 ASP n 
1 134 TYR n 
1 135 LYS n 
1 136 SER n 
1 137 ALA n 
1 138 LEU n 
1 139 ARG n 
1 140 PHE n 
1 141 HIS n 
1 142 LYS n 
1 143 ARG n 
1 144 ASN n 
1 145 THR n 
1 146 ILE n 
1 147 THR n 
1 148 LYS n 
1 149 ARG n 
# 
_entity_src_gen.entity_id                          1 
_entity_src_gen.pdbx_src_id                        1 
_entity_src_gen.pdbx_alt_source_flag               sample 
_entity_src_gen.pdbx_seq_type                      'Biological sequence' 
_entity_src_gen.pdbx_beg_seq_num                   1 
_entity_src_gen.pdbx_end_seq_num                   149 
_entity_src_gen.gene_src_common_name               Human 
_entity_src_gen.gene_src_genus                     ? 
_entity_src_gen.pdbx_gene_src_gene                 'PHIP, DCAF14, WDR11' 
_entity_src_gen.gene_src_species                   ? 
_entity_src_gen.gene_src_strain                    ? 
_entity_src_gen.gene_src_tissue                    ? 
_entity_src_gen.gene_src_tissue_fraction           ? 
_entity_src_gen.gene_src_details                   ? 
_entity_src_gen.pdbx_gene_src_fragment             ? 
_entity_src_gen.pdbx_gene_src_scientific_name      'Homo sapiens' 
_entity_src_gen.pdbx_gene_src_ncbi_taxonomy_id     9606 
_entity_src_gen.pdbx_gene_src_variant              ? 
_entity_src_gen.pdbx_gene_src_cell_line            ? 
_entity_src_gen.pdbx_gene_src_atcc                 ? 
_entity_src_gen.pdbx_gene_src_organ                ? 
_entity_src_gen.pdbx_gene_src_organelle            ? 
_entity_src_gen.pdbx_gene_src_cell                 ? 
_entity_src_gen.pdbx_gene_src_cellular_location    ? 
_entity_src_gen.host_org_common_name               ? 
_entity_src_gen.pdbx_host_org_scientific_name      'Escherichia coli' 
_entity_src_gen.pdbx_host_org_ncbi_taxonomy_id     562 
_entity_src_gen.host_org_genus                     ? 
_entity_src_gen.pdbx_host_org_gene                 ? 
_entity_src_gen.pdbx_host_org_organ                ? 
_entity_src_gen.host_org_species                   ? 
_entity_src_gen.pdbx_host_org_tissue               ? 
_entity_src_gen.pdbx_host_org_tissue_fraction      ? 
_entity_src_gen.pdbx_host_org_strain               ? 
_entity_src_gen.pdbx_host_org_variant              ? 
_entity_src_gen.pdbx_host_org_cell_line            ? 
_entity_src_gen.pdbx_host_org_atcc                 ? 
_entity_src_gen.pdbx_host_org_culture_collection   ? 
_entity_src_gen.pdbx_host_org_cell                 ? 
_entity_src_gen.pdbx_host_org_organelle            ? 
_entity_src_gen.pdbx_host_org_cellular_location    ? 
_entity_src_gen.pdbx_host_org_vector_type          ? 
_entity_src_gen.pdbx_host_org_vector               ? 
_entity_src_gen.host_org_details                   ? 
_entity_src_gen.expression_system_id               ? 
_entity_src_gen.plasmid_name                       ? 
_entity_src_gen.plasmid_details                    ? 
_entity_src_gen.pdbx_description                   ? 
# 
loop_
_chem_comp.id 
_chem_comp.type 
_chem_comp.mon_nstd_flag 
_chem_comp.name 
_chem_comp.pdbx_synonyms 
_chem_comp.formula 
_chem_comp.formula_weight 
ALA 'L-peptide linking' y ALANINE                                                                         ? 'C3 H7 N O2'     
89.093  
ARG 'L-peptide linking' y ARGININE                                                                        ? 'C6 H15 N4 O2 1' 
175.209 
ASN 'L-peptide linking' y ASPARAGINE                                                                      ? 'C4 H8 N2 O3'    
132.118 
ASP 'L-peptide linking' y 'ASPARTIC ACID'                                                                 ? 'C4 H7 N O4'     
133.103 
CYS 'L-peptide linking' y CYSTEINE                                                                        ? 'C3 H7 N O2 S'   
121.158 
GLN 'L-peptide linking' y GLUTAMINE                                                                       ? 'C5 H10 N2 O3'   
146.144 
GLU 'L-peptide linking' y 'GLUTAMIC ACID'                                                                 ? 'C5 H9 N O4'     
147.129 
GLY 'peptide linking'   y GLYCINE                                                                         ? 'C2 H5 N O2'     
75.067  
HIS 'L-peptide linking' y HISTIDINE                                                                       ? 'C6 H10 N3 O2 1' 
156.162 
HOH non-polymer         . WATER                                                                           ? 'H2 O'           
18.015  
ILE 'L-peptide linking' y ISOLEUCINE                                                                      ? 'C6 H13 N O2'    
131.173 
LEU 'L-peptide linking' y LEUCINE                                                                         ? 'C6 H13 N O2'    
131.173 
LYS 'L-peptide linking' y LYSINE                                                                          ? 'C6 H15 N2 O2 1' 
147.195 
MET 'L-peptide linking' y METHIONINE                                                                      ? 'C5 H11 N O2 S'  
149.211 
PHE 'L-peptide linking' y PHENYLALANINE                                                                   ? 'C9 H11 N O2'    
165.189 
PRO 'L-peptide linking' y PROLINE                                                                         ? 'C5 H9 N O2'     
115.130 
SER 'L-peptide linking' y SERINE                                                                          ? 'C3 H7 N O3'     
105.093 
THR 'L-peptide linking' y THREONINE                                                                       ? 'C4 H9 N O3'     
119.119 
TRP 'L-peptide linking' y TRYPTOPHAN                                                                      ? 'C11 H12 N2 O2'  
204.225 
TYR 'L-peptide linking' y TYROSINE                                                                        ? 'C9 H11 N O3'    
181.189 
VAL 'L-peptide linking' y VALINE                                                                          ? 'C5 H11 N O2'    
117.146 
Y47 non-polymer         . '4-(5-methylfuran-2-carbonyl)-N-[(pyridin-3-yl)methyl]piperazine-1-carboxamide' ? 'C17 H20 N4 O3'  
328.366 
# 
loop_
_pdbx_poly_seq_scheme.asym_id 
_pdbx_poly_seq_scheme.entity_id 
_pdbx_poly_seq_scheme.seq_id 
_pdbx_poly_seq_scheme.mon_id 
_pdbx_poly_seq_scheme.ndb_seq_num 
_pdbx_poly_seq_scheme.pdb_seq_num 
_pdbx_poly_seq_scheme.auth_seq_num 
_pdbx_poly_seq_scheme.pdb_mon_id 
_pdbx_poly_seq_scheme.auth_mon_id 
_pdbx_poly_seq_scheme.pdb_strand_id 
_pdbx_poly_seq_scheme.pdb_ins_code 
_pdbx_poly_seq_scheme.hetero 
A 1 1   MET 1   1292 ?    ?   ?   A . n 
A 1 2   HIS 2   1293 ?    ?   ?   A . n 
A 1 3   HIS 3   1294 ?    ?   ?   A . n 
A 1 4   HIS 4   1295 ?    ?   ?   A . n 
A 1 5   HIS 5   1296 ?    ?   ?   A . n 
A 1 6   HIS 6   1297 ?    ?   ?   A . n 
A 1 7   HIS 7   1298 ?    ?   ?   A . n 
A 1 8   SER 8   1299 ?    ?   ?   A . n 
A 1 9   SER 9   1300 ?    ?   ?   A . n 
A 1 10  GLY 10  1301 ?    ?   ?   A . n 
A 1 11  VAL 11  1302 ?    ?   ?   A . n 
A 1 12  ASP 12  1303 ?    ?   ?   A . n 
A 1 13  LEU 13  1304 ?    ?   ?   A . n 
A 1 14  GLY 14  1305 ?    ?   ?   A . n 
A 1 15  THR 15  1306 ?    ?   ?   A . n 
A 1 16  GLU 16  1307 ?    ?   ?   A . n 
A 1 17  ASN 17  1308 ?    ?   ?   A . n 
A 1 18  LEU 18  1309 ?    ?   ?   A . n 
A 1 19  TYR 19  1310 ?    ?   ?   A . n 
A 1 20  PHE 20  1311 ?    ?   ?   A . n 
A 1 21  GLN 21  1312 ?    ?   ?   A . n 
A 1 22  SER 22  1313 ?    ?   ?   A . n 
A 1 23  MET 23  1314 ?    ?   ?   A . n 
A 1 24  SER 24  1315 ?    ?   ?   A . n 
A 1 25  TYR 25  1316 1316 TYR TYR A . n 
A 1 26  ASP 26  1317 1317 ASP ASP A . n 
A 1 27  ILE 27  1318 1318 ILE ILE A . n 
A 1 28  GLN 28  1319 1319 GLN GLN A . n 
A 1 29  ALA 29  1320 1320 ALA ALA A . n 
A 1 30  TRP 30  1321 1321 TRP TRP A . n 
A 1 31  LYS 31  1322 1322 LYS LYS A . n 
A 1 32  LYS 32  1323 1323 LYS LYS A . n 
A 1 33  GLN 33  1324 1324 GLN GLN A . n 
A 1 34  CYS 34  1325 1325 CYS CYS A . n 
A 1 35  GLU 35  1326 1326 GLU GLU A . n 
A 1 36  GLU 36  1327 1327 GLU GLU A . n 
A 1 37  LEU 37  1328 1328 LEU LEU A . n 
A 1 38  LEU 38  1329 1329 LEU LEU A . n 
A 1 39  ASN 39  1330 1330 ASN ASN A . n 
A 1 40  LEU 40  1331 1331 LEU LEU A . n 
A 1 41  ILE 41  1332 1332 ILE ILE A . n 
A 1 42  PHE 42  1333 1333 PHE PHE A . n 
A 1 43  GLN 43  1334 1334 GLN GLN A . n 
A 1 44  CYS 44  1335 1335 CYS CYS A . n 
A 1 45  GLU 45  1336 1336 GLU GLU A . n 
A 1 46  ASP 46  1337 1337 ASP ASP A . n 
A 1 47  SER 47  1338 1338 SER SER A . n 
A 1 48  GLU 48  1339 1339 GLU GLU A . n 
A 1 49  PRO 49  1340 1340 PRO PRO A . n 
A 1 50  PHE 50  1341 1341 PHE PHE A . n 
A 1 51  ARG 51  1342 1342 ARG ARG A . n 
A 1 52  GLN 52  1343 1343 GLN GLN A . n 
A 1 53  PRO 53  1344 1344 PRO PRO A . n 
A 1 54  VAL 54  1345 1345 VAL VAL A . n 
A 1 55  ASP 55  1346 1346 ASP ASP A . n 
A 1 56  LEU 56  1347 1347 LEU LEU A . n 
A 1 57  LEU 57  1348 1348 LEU LEU A . n 
A 1 58  GLU 58  1349 1349 GLU GLU A . n 
A 1 59  TYR 59  1350 1350 TYR TYR A . n 
A 1 60  PRO 60  1351 1351 PRO PRO A . n 
A 1 61  ASP 61  1352 1352 ASP ASP A . n 
A 1 62  TYR 62  1353 1353 TYR TYR A . n 
A 1 63  ARG 63  1354 1354 ARG ARG A . n 
A 1 64  ASP 64  1355 1355 ASP ASP A . n 
A 1 65  ILE 65  1356 1356 ILE ILE A . n 
A 1 66  ILE 66  1357 1357 ILE ILE A . n 
A 1 67  ASP 67  1358 1358 ASP ASP A . n 
A 1 68  THR 68  1359 1359 THR THR A . n 
A 1 69  PRO 69  1360 1360 PRO PRO A . n 
A 1 70  MET 70  1361 1361 MET MET A . n 
A 1 71  ASP 71  1362 1362 ASP ASP A . n 
A 1 72  PHE 72  1363 1363 PHE PHE A . n 
A 1 73  ALA 73  1364 1364 ALA ALA A . n 
A 1 74  THR 74  1365 1365 THR THR A . n 
A 1 75  VAL 75  1366 1366 VAL VAL A . n 
A 1 76  ARG 76  1367 1367 ARG ARG A . n 
A 1 77  GLU 77  1368 1368 GLU GLU A . n 
A 1 78  THR 78  1369 1369 THR THR A . n 
A 1 79  LEU 79  1370 1370 LEU LEU A . n 
A 1 80  GLU 80  1371 1371 GLU GLU A . n 
A 1 81  ALA 81  1372 1372 ALA ALA A . n 
A 1 82  GLY 82  1373 1373 GLY GLY A . n 
A 1 83  ASN 83  1374 1374 ASN ASN A . n 
A 1 84  TYR 84  1375 1375 TYR TYR A . n 
A 1 85  GLU 85  1376 1376 GLU GLU A . n 
A 1 86  SER 86  1377 1377 SER SER A . n 
A 1 87  PRO 87  1378 1378 PRO PRO A . n 
A 1 88  MET 88  1379 1379 MET MET A . n 
A 1 89  GLU 89  1380 1380 GLU GLU A . n 
A 1 90  LEU 90  1381 1381 LEU LEU A . n 
A 1 91  CYS 91  1382 1382 CYS CYS A . n 
A 1 92  LYS 92  1383 1383 LYS LYS A . n 
A 1 93  ASP 93  1384 1384 ASP ASP A . n 
A 1 94  VAL 94  1385 1385 VAL VAL A . n 
A 1 95  ARG 95  1386 1386 ARG ARG A . n 
A 1 96  LEU 96  1387 1387 LEU LEU A . n 
A 1 97  ILE 97  1388 1388 ILE ILE A . n 
A 1 98  PHE 98  1389 1389 PHE PHE A . n 
A 1 99  SER 99  1390 1390 SER SER A . n 
A 1 100 ASN 100 1391 1391 ASN ASN A . n 
A 1 101 SER 101 1392 1392 SER SER A . n 
A 1 102 LYS 102 1393 1393 LYS LYS A . n 
A 1 103 ALA 103 1394 1394 ALA ALA A . n 
A 1 104 TYR 104 1395 1395 TYR TYR A . n 
A 1 105 THR 105 1396 1396 THR THR A . n 
A 1 106 PRO 106 1397 1397 PRO PRO A . n 
A 1 107 SER 107 1398 1398 SER SER A . n 
A 1 108 LYS 108 1399 1399 LYS LYS A . n 
A 1 109 ARG 109 1400 1400 ARG ARG A . n 
A 1 110 SER 110 1401 1401 SER SER A . n 
A 1 111 ARG 111 1402 1402 ARG ARG A . n 
A 1 112 ILE 112 1403 1403 ILE ILE A . n 
A 1 113 TYR 113 1404 1404 TYR TYR A . n 
A 1 114 SER 114 1405 1405 SER SER A . n 
A 1 115 MET 115 1406 1406 MET MET A . n 
A 1 116 SER 116 1407 1407 SER SER A . n 
A 1 117 LEU 117 1408 1408 LEU LEU A . n 
A 1 118 ARG 118 1409 1409 ARG ARG A . n 
A 1 119 LEU 119 1410 1410 LEU LEU A . n 
A 1 120 SER 120 1411 1411 SER SER A . n 
A 1 121 ALA 121 1412 1412 ALA ALA A . n 
A 1 122 PHE 122 1413 1413 PHE PHE A . n 
A 1 123 PHE 123 1414 1414 PHE PHE A . n 
A 1 124 GLU 124 1415 1415 GLU GLU A . n 
A 1 125 GLU 125 1416 1416 GLU GLU A . n 
A 1 126 HIS 126 1417 1417 HIS HIS A . n 
A 1 127 ILE 127 1418 1418 ILE ILE A . n 
A 1 128 SER 128 1419 1419 SER SER A . n 
A 1 129 SER 129 1420 1420 SER SER A . n 
A 1 130 VAL 130 1421 1421 VAL VAL A . n 
A 1 131 LEU 131 1422 1422 LEU LEU A . n 
A 1 132 SER 132 1423 1423 SER SER A . n 
A 1 133 ASP 133 1424 1424 ASP ASP A . n 
A 1 134 TYR 134 1425 1425 TYR TYR A . n 
A 1 135 LYS 135 1426 1426 LYS LYS A . n 
A 1 136 SER 136 1427 1427 SER SER A . n 
A 1 137 ALA 137 1428 1428 ALA ALA A . n 
A 1 138 LEU 138 1429 1429 LEU LEU A . n 
A 1 139 ARG 139 1430 1430 ARG ARG A . n 
A 1 140 PHE 140 1431 1431 PHE PHE A . n 
A 1 141 HIS 141 1432 1432 HIS HIS A . n 
A 1 142 LYS 142 1433 1433 LYS LYS A . n 
A 1 143 ARG 143 1434 1434 ARG ARG A . n 
A 1 144 ASN 144 1435 ?    ?   ?   A . n 
A 1 145 THR 145 1436 ?    ?   ?   A . n 
A 1 146 ILE 146 1437 ?    ?   ?   A . n 
A 1 147 THR 147 1438 ?    ?   ?   A . n 
A 1 148 LYS 148 1439 ?    ?   ?   A . n 
A 1 149 ARG 149 1440 ?    ?   ?   A . n 
# 
loop_
_pdbx_nonpoly_scheme.asym_id 
_pdbx_nonpoly_scheme.entity_id 
_pdbx_nonpoly_scheme.mon_id 
_pdbx_nonpoly_scheme.ndb_seq_num 
_pdbx_nonpoly_scheme.pdb_seq_num 
_pdbx_nonpoly_scheme.auth_seq_num 
_pdbx_nonpoly_scheme.pdb_mon_id 
_pdbx_nonpoly_scheme.auth_mon_id 
_pdbx_nonpoly_scheme.pdb_strand_id 
_pdbx_nonpoly_scheme.pdb_ins_code 
B 2 Y47 1   1501 1501 Y47 LIG A . 
C 3 HOH 1   1601 66   HOH HOH A . 
C 3 HOH 2   1602 128  HOH HOH A . 
C 3 HOH 3   1603 197  HOH HOH A . 
C 3 HOH 4   1604 98   HOH HOH A . 
C 3 HOH 5   1605 172  HOH HOH A . 
C 3 HOH 6   1606 144  HOH HOH A . 
C 3 HOH 7   1607 89   HOH HOH A . 
C 3 HOH 8   1608 151  HOH HOH A . 
C 3 HOH 9   1609 184  HOH HOH A . 
C 3 HOH 10  1610 152  HOH HOH A . 
C 3 HOH 11  1611 174  HOH HOH A . 
C 3 HOH 12  1612 124  HOH HOH A . 
C 3 HOH 13  1613 70   HOH HOH A . 
C 3 HOH 14  1614 26   HOH HOH A . 
C 3 HOH 15  1615 160  HOH HOH A . 
C 3 HOH 16  1616 92   HOH HOH A . 
C 3 HOH 17  1617 55   HOH HOH A . 
C 3 HOH 18  1618 121  HOH HOH A . 
C 3 HOH 19  1619 85   HOH HOH A . 
C 3 HOH 20  1620 202  HOH HOH A . 
C 3 HOH 21  1621 7    HOH HOH A . 
C 3 HOH 22  1622 173  HOH HOH A . 
C 3 HOH 23  1623 159  HOH HOH A . 
C 3 HOH 24  1624 162  HOH HOH A . 
C 3 HOH 25  1625 171  HOH HOH A . 
C 3 HOH 26  1626 195  HOH HOH A . 
C 3 HOH 27  1627 10   HOH HOH A . 
C 3 HOH 28  1628 17   HOH HOH A . 
C 3 HOH 29  1629 75   HOH HOH A . 
C 3 HOH 30  1630 20   HOH HOH A . 
C 3 HOH 31  1631 33   HOH HOH A . 
C 3 HOH 32  1632 183  HOH HOH A . 
C 3 HOH 33  1633 204  HOH HOH A . 
C 3 HOH 34  1634 25   HOH HOH A . 
C 3 HOH 35  1635 74   HOH HOH A . 
C 3 HOH 36  1636 187  HOH HOH A . 
C 3 HOH 37  1637 141  HOH HOH A . 
C 3 HOH 38  1638 205  HOH HOH A . 
C 3 HOH 39  1639 182  HOH HOH A . 
C 3 HOH 40  1640 31   HOH HOH A . 
C 3 HOH 41  1641 136  HOH HOH A . 
C 3 HOH 42  1642 65   HOH HOH A . 
C 3 HOH 43  1643 83   HOH HOH A . 
C 3 HOH 44  1644 16   HOH HOH A . 
C 3 HOH 45  1645 161  HOH HOH A . 
C 3 HOH 46  1646 9    HOH HOH A . 
C 3 HOH 47  1647 129  HOH HOH A . 
C 3 HOH 48  1648 14   HOH HOH A . 
C 3 HOH 49  1649 108  HOH HOH A . 
C 3 HOH 50  1650 39   HOH HOH A . 
C 3 HOH 51  1651 145  HOH HOH A . 
C 3 HOH 52  1652 80   HOH HOH A . 
C 3 HOH 53  1653 86   HOH HOH A . 
C 3 HOH 54  1654 76   HOH HOH A . 
C 3 HOH 55  1655 28   HOH HOH A . 
C 3 HOH 56  1656 5    HOH HOH A . 
C 3 HOH 57  1657 1    HOH HOH A . 
C 3 HOH 58  1658 41   HOH HOH A . 
C 3 HOH 59  1659 123  HOH HOH A . 
C 3 HOH 60  1660 52   HOH HOH A . 
C 3 HOH 61  1661 176  HOH HOH A . 
C 3 HOH 62  1662 140  HOH HOH A . 
C 3 HOH 63  1663 64   HOH HOH A . 
C 3 HOH 64  1664 94   HOH HOH A . 
C 3 HOH 65  1665 4    HOH HOH A . 
C 3 HOH 66  1666 3    HOH HOH A . 
C 3 HOH 67  1667 35   HOH HOH A . 
C 3 HOH 68  1668 77   HOH HOH A . 
C 3 HOH 69  1669 130  HOH HOH A . 
C 3 HOH 70  1670 54   HOH HOH A . 
C 3 HOH 71  1671 180  HOH HOH A . 
C 3 HOH 72  1672 56   HOH HOH A . 
C 3 HOH 73  1673 36   HOH HOH A . 
C 3 HOH 74  1674 139  HOH HOH A . 
C 3 HOH 75  1675 71   HOH HOH A . 
C 3 HOH 76  1676 27   HOH HOH A . 
C 3 HOH 77  1677 177  HOH HOH A . 
C 3 HOH 78  1678 122  HOH HOH A . 
C 3 HOH 79  1679 45   HOH HOH A . 
C 3 HOH 80  1680 91   HOH HOH A . 
C 3 HOH 81  1681 59   HOH HOH A . 
C 3 HOH 82  1682 62   HOH HOH A . 
C 3 HOH 83  1683 95   HOH HOH A . 
C 3 HOH 84  1684 29   HOH HOH A . 
C 3 HOH 85  1685 82   HOH HOH A . 
C 3 HOH 86  1686 21   HOH HOH A . 
C 3 HOH 87  1687 50   HOH HOH A . 
C 3 HOH 88  1688 69   HOH HOH A . 
C 3 HOH 89  1689 178  HOH HOH A . 
C 3 HOH 90  1690 105  HOH HOH A . 
C 3 HOH 91  1691 23   HOH HOH A . 
C 3 HOH 92  1692 60   HOH HOH A . 
C 3 HOH 93  1693 6    HOH HOH A . 
C 3 HOH 94  1694 19   HOH HOH A . 
C 3 HOH 95  1695 131  HOH HOH A . 
C 3 HOH 96  1696 138  HOH HOH A . 
C 3 HOH 97  1697 90   HOH HOH A . 
C 3 HOH 98  1698 88   HOH HOH A . 
C 3 HOH 99  1699 15   HOH HOH A . 
C 3 HOH 100 1700 167  HOH HOH A . 
C 3 HOH 101 1701 84   HOH HOH A . 
C 3 HOH 102 1702 96   HOH HOH A . 
C 3 HOH 103 1703 63   HOH HOH A . 
C 3 HOH 104 1704 11   HOH HOH A . 
C 3 HOH 105 1705 113  HOH HOH A . 
C 3 HOH 106 1706 40   HOH HOH A . 
C 3 HOH 107 1707 157  HOH HOH A . 
C 3 HOH 108 1708 119  HOH HOH A . 
C 3 HOH 109 1709 116  HOH HOH A . 
C 3 HOH 110 1710 42   HOH HOH A . 
C 3 HOH 111 1711 48   HOH HOH A . 
C 3 HOH 112 1712 109  HOH HOH A . 
C 3 HOH 113 1713 150  HOH HOH A . 
C 3 HOH 114 1714 2    HOH HOH A . 
C 3 HOH 115 1715 165  HOH HOH A . 
C 3 HOH 116 1716 67   HOH HOH A . 
C 3 HOH 117 1717 38   HOH HOH A . 
C 3 HOH 118 1718 101  HOH HOH A . 
C 3 HOH 119 1719 120  HOH HOH A . 
C 3 HOH 120 1720 22   HOH HOH A . 
C 3 HOH 121 1721 49   HOH HOH A . 
C 3 HOH 122 1722 191  HOH HOH A . 
C 3 HOH 123 1723 12   HOH HOH A . 
C 3 HOH 124 1724 72   HOH HOH A . 
C 3 HOH 125 1725 135  HOH HOH A . 
C 3 HOH 126 1726 143  HOH HOH A . 
C 3 HOH 127 1727 106  HOH HOH A . 
C 3 HOH 128 1728 117  HOH HOH A . 
C 3 HOH 129 1729 34   HOH HOH A . 
C 3 HOH 130 1730 125  HOH HOH A . 
C 3 HOH 131 1731 134  HOH HOH A . 
C 3 HOH 132 1732 118  HOH HOH A . 
C 3 HOH 133 1733 53   HOH HOH A . 
C 3 HOH 134 1734 137  HOH HOH A . 
C 3 HOH 135 1735 57   HOH HOH A . 
C 3 HOH 136 1736 81   HOH HOH A . 
C 3 HOH 137 1737 44   HOH HOH A . 
C 3 HOH 138 1738 126  HOH HOH A . 
C 3 HOH 139 1739 158  HOH HOH A . 
C 3 HOH 140 1740 13   HOH HOH A . 
C 3 HOH 141 1741 146  HOH HOH A . 
C 3 HOH 142 1742 127  HOH HOH A . 
C 3 HOH 143 1743 175  HOH HOH A . 
C 3 HOH 144 1744 155  HOH HOH A . 
C 3 HOH 145 1745 166  HOH HOH A . 
C 3 HOH 146 1746 133  HOH HOH A . 
C 3 HOH 147 1747 153  HOH HOH A . 
C 3 HOH 148 1748 164  HOH HOH A . 
C 3 HOH 149 1749 142  HOH HOH A . 
C 3 HOH 150 1750 115  HOH HOH A . 
C 3 HOH 151 1751 181  HOH HOH A . 
C 3 HOH 152 1752 99   HOH HOH A . 
C 3 HOH 153 1753 8    HOH HOH A . 
C 3 HOH 154 1754 114  HOH HOH A . 
C 3 HOH 155 1755 185  HOH HOH A . 
C 3 HOH 156 1756 163  HOH HOH A . 
C 3 HOH 157 1757 37   HOH HOH A . 
C 3 HOH 158 1758 186  HOH HOH A . 
C 3 HOH 159 1759 199  HOH HOH A . 
C 3 HOH 160 1760 30   HOH HOH A . 
C 3 HOH 161 1761 198  HOH HOH A . 
C 3 HOH 162 1762 107  HOH HOH A . 
C 3 HOH 163 1763 61   HOH HOH A . 
C 3 HOH 164 1764 193  HOH HOH A . 
C 3 HOH 165 1765 51   HOH HOH A . 
C 3 HOH 166 1766 190  HOH HOH A . 
C 3 HOH 167 1767 188  HOH HOH A . 
C 3 HOH 168 1768 201  HOH HOH A . 
C 3 HOH 169 1769 168  HOH HOH A . 
C 3 HOH 170 1770 110  HOH HOH A . 
C 3 HOH 171 1771 93   HOH HOH A . 
C 3 HOH 172 1772 104  HOH HOH A . 
C 3 HOH 173 1773 68   HOH HOH A . 
C 3 HOH 174 1774 73   HOH HOH A . 
C 3 HOH 175 1775 46   HOH HOH A . 
C 3 HOH 176 1776 102  HOH HOH A . 
C 3 HOH 177 1777 149  HOH HOH A . 
C 3 HOH 178 1778 78   HOH HOH A . 
C 3 HOH 179 1779 112  HOH HOH A . 
C 3 HOH 180 1780 170  HOH HOH A . 
C 3 HOH 181 1781 156  HOH HOH A . 
C 3 HOH 182 1782 196  HOH HOH A . 
C 3 HOH 183 1783 148  HOH HOH A . 
C 3 HOH 184 1784 200  HOH HOH A . 
C 3 HOH 185 1785 87   HOH HOH A . 
C 3 HOH 186 1786 100  HOH HOH A . 
C 3 HOH 187 1787 111  HOH HOH A . 
C 3 HOH 188 1788 189  HOH HOH A . 
C 3 HOH 189 1789 103  HOH HOH A . 
C 3 HOH 190 1790 97   HOH HOH A . 
C 3 HOH 191 1791 192  HOH HOH A . 
C 3 HOH 192 1792 203  HOH HOH A . 
C 3 HOH 193 1793 79   HOH HOH A . 
# 
loop_
_pdbx_unobs_or_zero_occ_atoms.id 
_pdbx_unobs_or_zero_occ_atoms.PDB_model_num 
_pdbx_unobs_or_zero_occ_atoms.polymer_flag 
_pdbx_unobs_or_zero_occ_atoms.occupancy_flag 
_pdbx_unobs_or_zero_occ_atoms.auth_asym_id 
_pdbx_unobs_or_zero_occ_atoms.auth_comp_id 
_pdbx_unobs_or_zero_occ_atoms.auth_seq_id 
_pdbx_unobs_or_zero_occ_atoms.PDB_ins_code 
_pdbx_unobs_or_zero_occ_atoms.auth_atom_id 
_pdbx_unobs_or_zero_occ_atoms.label_alt_id 
_pdbx_unobs_or_zero_occ_atoms.label_asym_id 
_pdbx_unobs_or_zero_occ_atoms.label_comp_id 
_pdbx_unobs_or_zero_occ_atoms.label_seq_id 
_pdbx_unobs_or_zero_occ_atoms.label_atom_id 
1 1 Y 1 A LYS 1323 ? CE ? A LYS 32 CE 
2 1 Y 1 A LYS 1323 ? NZ ? A LYS 32 NZ 
# 
loop_
_software.pdbx_ordinal 
_software.name 
_software.version 
_software.date 
_software.type 
_software.contact_author 
_software.contact_author_email 
_software.classification 
_software.location 
_software.language 
_software.citation_id 
1 REFMAC      5.8.0267 ?               program 'Garib N. Murshudov' garib@ysbl.york.ac.uk    refinement        
http://www.ccp4.ac.uk/dist/html/refmac5.html        Fortran_77 ? 
2 Aimless     0.7.4    13/12/18        program 'Phil Evans'         ?                        'data scaling'    
http://www.mrc-lmb.cam.ac.uk/harry/pre/aimless.html ?          ? 
3 PDB_EXTRACT 3.23     'SEP. 23, 2016' package PDB                  deposit@deposit.rcsb.org 'data extraction' 
http://sw-tools.pdb.org/apps/PDB_EXTRACT/           C++        ? 
4 XDS         .        ?               program ?                    ?                        'data reduction'  ? ?          ? 
5 REFMAC      .        ?               program ?                    ?                        phasing           ? ?          ? 
# 
_cell.entry_id           5S9E 
_cell.length_a           81.069 
_cell.length_b           27.088 
_cell.length_c           55.915 
_cell.angle_alpha        90.000 
_cell.angle_beta         100.380 
_cell.angle_gamma        90.000 
_cell.Z_PDB              4 
_cell.pdbx_unique_axis   ? 
# 
_symmetry.entry_id                         5S9E 
_symmetry.Int_Tables_number                5 
_symmetry.space_group_name_H-M             'C 1 2 1' 
_symmetry.pdbx_full_space_group_name_H-M   ? 
_symmetry.cell_setting                     ? 
# 
_exptl.crystals_number   1 
_exptl.entry_id          5S9E 
_exptl.method            'X-RAY DIFFRACTION' 
# 
_exptl_crystal.id                    1 
_exptl_crystal.pdbx_mosaicity        0.090 
_exptl_crystal.pdbx_mosaicity_esd    ? 
_exptl_crystal.density_Matthews      1.71 
_exptl_crystal.density_diffrn        ? 
_exptl_crystal.density_meas          ? 
_exptl_crystal.density_meas_temp     ? 
_exptl_crystal.density_percent_sol   28.19 
_exptl_crystal.size_max              ? 
_exptl_crystal.size_mid              ? 
_exptl_crystal.size_min              ? 
_exptl_crystal.size_rad              ? 
_exptl_crystal.description           ? 
_exptl_crystal.preparation           ? 
# 
_exptl_crystal_grow.crystal_id      1 
_exptl_crystal_grow.method          'VAPOR DIFFUSION, SITTING DROP' 
_exptl_crystal_grow.pH              5.6 
_exptl_crystal_grow.temp            277 
_exptl_crystal_grow.pdbx_details    '20% PEG 8000, 0.04M POTASSIUM PHOSPHATE' 
_exptl_crystal_grow.temp_details    ? 
_exptl_crystal_grow.pdbx_pH_range   ? 
# 
_diffrn.id                               1 
_diffrn.ambient_temp                     100 
_diffrn.crystal_id                       1 
_diffrn.ambient_temp_details             ? 
_diffrn.pdbx_serial_crystal_experiment   ? 
# 
_diffrn_detector.detector               PIXEL 
_diffrn_detector.type                   'DECTRIS PILATUS 6M' 
_diffrn_detector.pdbx_collection_date   2020-09-16 
_diffrn_detector.diffrn_id              1 
_diffrn_detector.details                ? 
# 
_diffrn_radiation.diffrn_id                        1 
_diffrn_radiation.wavelength_id                    1 
_diffrn_radiation.pdbx_diffrn_protocol             'SINGLE WAVELENGTH' 
_diffrn_radiation.pdbx_monochromatic_or_laue_m_l   ? 
_diffrn_radiation.monochromator                    ? 
_diffrn_radiation.pdbx_scattering_type             x-ray 
# 
_diffrn_radiation_wavelength.id           1 
_diffrn_radiation_wavelength.wavelength   0.9127 
_diffrn_radiation_wavelength.wt           1.0 
# 
_diffrn_source.diffrn_id                   1 
_diffrn_source.source                      SYNCHROTRON 
_diffrn_source.type                        'DIAMOND BEAMLINE I04-1' 
_diffrn_source.pdbx_wavelength_list        0.9127 
_diffrn_source.pdbx_synchrotron_site       Diamond 
_diffrn_source.pdbx_synchrotron_beamline   I04-1 
_diffrn_source.pdbx_wavelength             ? 
# 
_reflns.entry_id                     5S9E 
_reflns.pdbx_diffrn_id               1 
_reflns.pdbx_ordinal                 1 
_reflns.observed_criterion_sigma_I   ? 
_reflns.observed_criterion_sigma_F   ? 
_reflns.d_resolution_low             39.870 
_reflns.d_resolution_high            1.180 
_reflns.number_obs                   29598 
_reflns.number_all                   ? 
_reflns.percent_possible_obs         74.300 
_reflns.pdbx_Rmerge_I_obs            0.055 
_reflns.pdbx_Rsym_value              ? 
_reflns.pdbx_netI_over_sigmaI        9.300 
_reflns.B_iso_Wilson_estimate        ? 
_reflns.pdbx_redundancy              2.600 
_reflns.pdbx_Rrim_I_all              0.066 
_reflns.pdbx_Rpim_I_all              0.037 
_reflns.pdbx_CC_half                 0.996 
_reflns.pdbx_netI_over_av_sigmaI     ? 
_reflns.pdbx_number_measured_all     75717 
_reflns.pdbx_scaling_rejects         0 
_reflns.pdbx_chi_squared             ? 
_reflns.Rmerge_F_all                 ? 
_reflns.Rmerge_F_obs                 ? 
_reflns.observed_criterion_F_max     ? 
_reflns.observed_criterion_F_min     ? 
_reflns.observed_criterion_I_max     ? 
_reflns.observed_criterion_I_min     ? 
_reflns.pdbx_d_res_high_opt          ? 
_reflns.pdbx_d_res_low_opt           ? 
_reflns.details                      ? 
_reflns.pdbx_CC_star                 ? 
# 
loop_
_reflns_shell.pdbx_diffrn_id 
_reflns_shell.pdbx_ordinal 
_reflns_shell.d_res_high 
_reflns_shell.d_res_low 
_reflns_shell.number_measured_obs 
_reflns_shell.number_measured_all 
_reflns_shell.number_unique_obs 
_reflns_shell.pdbx_rejects 
_reflns_shell.Rmerge_I_obs 
_reflns_shell.meanI_over_sigI_obs 
_reflns_shell.pdbx_Rsym_value 
_reflns_shell.pdbx_chi_squared 
_reflns_shell.pdbx_redundancy 
_reflns_shell.percent_possible_obs 
_reflns_shell.pdbx_netI_over_sigmaI_obs 
_reflns_shell.number_possible 
_reflns_shell.number_unique_all 
_reflns_shell.Rmerge_F_all 
_reflns_shell.Rmerge_F_obs 
_reflns_shell.Rmerge_I_all 
_reflns_shell.meanI_over_sigI_all 
_reflns_shell.percent_possible_all 
_reflns_shell.pdbx_Rrim_I_all 
_reflns_shell.pdbx_Rpim_I_all 
_reflns_shell.pdbx_CC_half 
_reflns_shell.pdbx_CC_star 
1 1 1.180 1.240  ? 4129 ? ? 0.404 ? ? ? 1.200 ? 1.600  ? 3375 ? ? ? ? 59.700 0.554 0.377 0.830 ? 
1 2 3.730 39.870 ? 4048 ? ? 0.049 ? ? ? 3.200 ? 23.500 ? 1274 ? ? ? ? 94.500 0.059 0.032 0.992 ? 
# 
_refine.entry_id                                 5S9E 
_refine.pdbx_refine_id                           'X-RAY DIFFRACTION' 
_refine.ls_d_res_high                            1.1800 
_refine.ls_d_res_low                             39.9000 
_refine.pdbx_ls_sigma_F                          0.000 
_refine.pdbx_data_cutoff_high_absF               ? 
_refine.pdbx_data_cutoff_low_absF                ? 
_refine.ls_percent_reflns_obs                    74.1200 
_refine.ls_number_reflns_obs                     28131 
_refine.ls_number_reflns_all                     ? 
_refine.pdbx_ls_cross_valid_method               THROUGHOUT 
_refine.ls_matrix_type                           ? 
_refine.pdbx_R_Free_selection_details            RANDOM 
_refine.details                                  
'HYDROGENS HAVE BEEN ADDED IN THE RIDING POSITIONS U VALUES      : REFINED INDIVIDUALLY' 
_refine.ls_R_factor_all                          ? 
_refine.ls_R_factor_obs                          0.1750 
_refine.ls_R_factor_R_work                       0.1737 
_refine.ls_wR_factor_R_work                      ? 
_refine.ls_R_factor_R_free                       0.2008 
_refine.ls_wR_factor_R_free                      ? 
_refine.ls_percent_reflns_R_free                 5.0000 
_refine.ls_number_reflns_R_free                  1466 
_refine.ls_number_reflns_R_work                  ? 
_refine.ls_R_factor_R_free_error                 ? 
_refine.B_iso_mean                               15.0270 
_refine.solvent_model_param_bsol                 ? 
_refine.solvent_model_param_ksol                 ? 
_refine.pdbx_isotropic_thermal_model             ? 
_refine.aniso_B[1][1]                            0.0800 
_refine.aniso_B[2][2]                            0.6300 
_refine.aniso_B[3][3]                            -0.8200 
_refine.aniso_B[1][2]                            0.0000 
_refine.aniso_B[1][3]                            0.4300 
_refine.aniso_B[2][3]                            0.0000 
_refine.correlation_coeff_Fo_to_Fc               0.9710 
_refine.correlation_coeff_Fo_to_Fc_free          0.9650 
_refine.overall_SU_R_Cruickshank_DPI             ? 
_refine.pdbx_overall_SU_R_free_Cruickshank_DPI   ? 
_refine.pdbx_overall_SU_R_Blow_DPI               ? 
_refine.pdbx_overall_SU_R_free_Blow_DPI          ? 
_refine.overall_SU_R_free                        ? 
_refine.pdbx_overall_ESU_R                       0.0670 
_refine.pdbx_overall_ESU_R_Free                  0.0670 
_refine.overall_SU_ML                            0.0430 
_refine.overall_SU_B                             0.9730 
_refine.solvent_model_details                    MASK 
_refine.pdbx_solvent_vdw_probe_radii             1.2000 
_refine.pdbx_solvent_ion_probe_radii             0.8000 
_refine.pdbx_solvent_shrinkage_radii             0.8000 
_refine.ls_number_parameters                     ? 
_refine.ls_number_restraints                     ? 
_refine.pdbx_starting_model                      5RJI 
_refine.pdbx_method_to_determine_struct          'FOURIER SYNTHESIS' 
_refine.pdbx_stereochemistry_target_values       'MAXIMUM LIKELIHOOD' 
_refine.pdbx_stereochem_target_val_spec_case     ? 
_refine.overall_FOM_work_R_set                   ? 
_refine.B_iso_max                                115.310 
_refine.B_iso_min                                6.560 
_refine.pdbx_overall_phase_error                 ? 
_refine.occupancy_max                            ? 
_refine.occupancy_min                            ? 
_refine.pdbx_diffrn_id                           1 
_refine.pdbx_TLS_residual_ADP_flag               ? 
_refine.pdbx_ls_sigma_I                          ? 
_refine.pdbx_data_cutoff_high_rms_absF           ? 
_refine.ls_R_factor_R_free_error_details         ? 
# 
_refine_hist.cycle_id                         final 
_refine_hist.pdbx_refine_id                   'X-RAY DIFFRACTION' 
_refine_hist.d_res_high                       1.1800 
_refine_hist.d_res_low                        39.9000 
_refine_hist.pdbx_number_atoms_ligand         24 
_refine_hist.number_atoms_solvent             193 
_refine_hist.number_atoms_total               1207 
_refine_hist.pdbx_number_residues_total       119 
_refine_hist.pdbx_B_iso_mean_ligand           12.68 
_refine_hist.pdbx_B_iso_mean_solvent          27.09 
_refine_hist.pdbx_number_atoms_protein        990 
_refine_hist.pdbx_number_atoms_nucleic_acid   0 
# 
loop_
_refine_ls_restr.pdbx_refine_id 
_refine_ls_restr.type 
_refine_ls_restr.number 
_refine_ls_restr.dev_ideal 
_refine_ls_restr.dev_ideal_target 
_refine_ls_restr.weight 
_refine_ls_restr.pdbx_restraint_function 
'X-RAY DIFFRACTION' r_bond_refined_d       2025 0.011  0.014  ? ? 
'X-RAY DIFFRACTION' r_bond_other_d         1456 0.001  0.017  ? ? 
'X-RAY DIFFRACTION' r_angle_refined_deg    2266 1.623  1.653  ? ? 
'X-RAY DIFFRACTION' r_angle_other_deg      3401 1.552  1.573  ? ? 
'X-RAY DIFFRACTION' r_dihedral_angle_1_deg 214  5.210  5.000  ? ? 
'X-RAY DIFFRACTION' r_dihedral_angle_2_deg 95   25.952 20.947 ? ? 
'X-RAY DIFFRACTION' r_dihedral_angle_3_deg 267  13.290 15.000 ? ? 
'X-RAY DIFFRACTION' r_dihedral_angle_4_deg 12   14.903 15.000 ? ? 
'X-RAY DIFFRACTION' r_chiral_restr         198  0.098  0.200  ? ? 
'X-RAY DIFFRACTION' r_gen_planes_refined   2011 0.009  0.020  ? ? 
'X-RAY DIFFRACTION' r_gen_planes_other     405  0.002  0.020  ? ? 
'X-RAY DIFFRACTION' r_mcbond_it            951  0.877  1.390  ? ? 
'X-RAY DIFFRACTION' r_mcbond_other         927  0.886  1.373  ? ? 
'X-RAY DIFFRACTION' r_mcangle_it           1006 1.510  2.030  ? ? 
# 
_refine_ls_shell.d_res_high                       1.1780 
_refine_ls_shell.d_res_low                        1.2090 
_refine_ls_shell.pdbx_total_number_of_bins_used   20 
_refine_ls_shell.percent_reflns_obs               50.3100 
_refine_ls_shell.number_reflns_R_work             1382 
_refine_ls_shell.R_factor_all                     ? 
_refine_ls_shell.R_factor_R_work                  0.2910 
_refine_ls_shell.R_factor_R_free                  0.2820 
_refine_ls_shell.percent_reflns_R_free            ? 
_refine_ls_shell.number_reflns_R_free             73 
_refine_ls_shell.R_factor_R_free_error            ? 
_refine_ls_shell.number_reflns_all                1455 
_refine_ls_shell.number_reflns_obs                ? 
_refine_ls_shell.pdbx_refine_id                   'X-RAY DIFFRACTION' 
_refine_ls_shell.R_factor_obs                     ? 
# 
_struct.entry_id                  5S9E 
_struct.title                     
'PanDDA analysis group deposition -- Crystal Structure of PHIP in complex with Z198194396 synthetic derivative' 
_struct.pdbx_model_details        ? 
_struct.pdbx_CASP_flag            ? 
_struct.pdbx_model_type_details   ? 
# 
_struct_keywords.entry_id        5S9E 
_struct_keywords.text            
;SGC - Diamond I04-1 fragment screening, PanDDA, XChemExplorer, Robotic chemistry, Crystal soaking, Reaction crudes, SIGNALING PROTEIN
;
_struct_keywords.pdbx_keywords   'SIGNALING PROTEIN' 
# 
loop_
_struct_asym.id 
_struct_asym.pdbx_blank_PDB_chainid_flag 
_struct_asym.pdbx_modified 
_struct_asym.entity_id 
_struct_asym.details 
A N N 1 ? 
B N N 2 ? 
C N N 3 ? 
# 
_struct_ref.id                         1 
_struct_ref.db_name                    UNP 
_struct_ref.db_code                    PHIP_HUMAN 
_struct_ref.pdbx_db_accession          Q8WWQ0 
_struct_ref.pdbx_db_isoform            ? 
_struct_ref.entity_id                  1 
_struct_ref.pdbx_seq_one_letter_code   
;SYDIQAWKKQCEELLNLIFQCEDSEPFRQPVDLLEYPDYRDIIDTPMDFATVRETLEAGNYESPMELCKDVRLIFSNSKA
YTPSKRSRIYSMSLRLSAFFEEHISSVLSDYKSALRFHKRNTITKR
;
_struct_ref.pdbx_align_begin           1315 
# 
_struct_ref_seq.align_id                      1 
_struct_ref_seq.ref_id                        1 
_struct_ref_seq.pdbx_PDB_id_code              5S9E 
_struct_ref_seq.pdbx_strand_id                A 
_struct_ref_seq.seq_align_beg                 24 
_struct_ref_seq.pdbx_seq_align_beg_ins_code   ? 
_struct_ref_seq.seq_align_end                 149 
_struct_ref_seq.pdbx_seq_align_end_ins_code   ? 
_struct_ref_seq.pdbx_db_accession             Q8WWQ0 
_struct_ref_seq.db_align_beg                  1315 
_struct_ref_seq.pdbx_db_align_beg_ins_code    ? 
_struct_ref_seq.db_align_end                  1440 
_struct_ref_seq.pdbx_db_align_end_ins_code    ? 
_struct_ref_seq.pdbx_auth_seq_align_beg       1315 
_struct_ref_seq.pdbx_auth_seq_align_end       1440 
# 
loop_
_struct_ref_seq_dif.align_id 
_struct_ref_seq_dif.pdbx_pdb_id_code 
_struct_ref_seq_dif.mon_id 
_struct_ref_seq_dif.pdbx_pdb_strand_id 
_struct_ref_seq_dif.seq_num 
_struct_ref_seq_dif.pdbx_pdb_ins_code 
_struct_ref_seq_dif.pdbx_seq_db_name 
_struct_ref_seq_dif.pdbx_seq_db_accession_code 
_struct_ref_seq_dif.db_mon_id 
_struct_ref_seq_dif.pdbx_seq_db_seq_num 
_struct_ref_seq_dif.details 
_struct_ref_seq_dif.pdbx_auth_seq_num 
_struct_ref_seq_dif.pdbx_ordinal 
1 5S9E MET A 1  ? UNP Q8WWQ0 ? ? 'initiating methionine' 1292 1  
1 5S9E HIS A 2  ? UNP Q8WWQ0 ? ? 'expression tag'        1293 2  
1 5S9E HIS A 3  ? UNP Q8WWQ0 ? ? 'expression tag'        1294 3  
1 5S9E HIS A 4  ? UNP Q8WWQ0 ? ? 'expression tag'        1295 4  
1 5S9E HIS A 5  ? UNP Q8WWQ0 ? ? 'expression tag'        1296 5  
1 5S9E HIS A 6  ? UNP Q8WWQ0 ? ? 'expression tag'        1297 6  
1 5S9E HIS A 7  ? UNP Q8WWQ0 ? ? 'expression tag'        1298 7  
1 5S9E SER A 8  ? UNP Q8WWQ0 ? ? 'expression tag'        1299 8  
1 5S9E SER A 9  ? UNP Q8WWQ0 ? ? 'expression tag'        1300 9  
1 5S9E GLY A 10 ? UNP Q8WWQ0 ? ? 'expression tag'        1301 10 
1 5S9E VAL A 11 ? UNP Q8WWQ0 ? ? 'expression tag'        1302 11 
1 5S9E ASP A 12 ? UNP Q8WWQ0 ? ? 'expression tag'        1303 12 
1 5S9E LEU A 13 ? UNP Q8WWQ0 ? ? 'expression tag'        1304 13 
1 5S9E GLY A 14 ? UNP Q8WWQ0 ? ? 'expression tag'        1305 14 
1 5S9E THR A 15 ? UNP Q8WWQ0 ? ? 'expression tag'        1306 15 
1 5S9E GLU A 16 ? UNP Q8WWQ0 ? ? 'expression tag'        1307 16 
1 5S9E ASN A 17 ? UNP Q8WWQ0 ? ? 'expression tag'        1308 17 
1 5S9E LEU A 18 ? UNP Q8WWQ0 ? ? 'expression tag'        1309 18 
1 5S9E TYR A 19 ? UNP Q8WWQ0 ? ? 'expression tag'        1310 19 
1 5S9E PHE A 20 ? UNP Q8WWQ0 ? ? 'expression tag'        1311 20 
1 5S9E GLN A 21 ? UNP Q8WWQ0 ? ? 'expression tag'        1312 21 
1 5S9E SER A 22 ? UNP Q8WWQ0 ? ? 'expression tag'        1313 22 
1 5S9E MET A 23 ? UNP Q8WWQ0 ? ? 'expression tag'        1314 23 
# 
_pdbx_struct_assembly.id                   1 
_pdbx_struct_assembly.details              author_and_software_defined_assembly 
_pdbx_struct_assembly.method_details       PISA 
_pdbx_struct_assembly.oligomeric_details   monomeric 
_pdbx_struct_assembly.oligomeric_count     1 
# 
_pdbx_struct_assembly_gen.assembly_id       1 
_pdbx_struct_assembly_gen.oper_expression   1 
_pdbx_struct_assembly_gen.asym_id_list      A,B,C 
# 
_pdbx_struct_oper_list.id                   1 
_pdbx_struct_oper_list.type                 'identity operation' 
_pdbx_struct_oper_list.name                 1_555 
_pdbx_struct_oper_list.symmetry_operation   x,y,z 
_pdbx_struct_oper_list.matrix[1][1]         1.0000000000 
_pdbx_struct_oper_list.matrix[1][2]         0.0000000000 
_pdbx_struct_oper_list.matrix[1][3]         0.0000000000 
_pdbx_struct_oper_list.vector[1]            0.0000000000 
_pdbx_struct_oper_list.matrix[2][1]         0.0000000000 
_pdbx_struct_oper_list.matrix[2][2]         1.0000000000 
_pdbx_struct_oper_list.matrix[2][3]         0.0000000000 
_pdbx_struct_oper_list.vector[2]            0.0000000000 
_pdbx_struct_oper_list.matrix[3][1]         0.0000000000 
_pdbx_struct_oper_list.matrix[3][2]         0.0000000000 
_pdbx_struct_oper_list.matrix[3][3]         1.0000000000 
_pdbx_struct_oper_list.vector[3]            0.0000000000 
# 
loop_
_struct_conf.conf_type_id 
_struct_conf.id 
_struct_conf.pdbx_PDB_helix_id 
_struct_conf.beg_label_comp_id 
_struct_conf.beg_label_asym_id 
_struct_conf.beg_label_seq_id 
_struct_conf.pdbx_beg_PDB_ins_code 
_struct_conf.end_label_comp_id 
_struct_conf.end_label_asym_id 
_struct_conf.end_label_seq_id 
_struct_conf.pdbx_end_PDB_ins_code 
_struct_conf.beg_auth_comp_id 
_struct_conf.beg_auth_asym_id 
_struct_conf.beg_auth_seq_id 
_struct_conf.end_auth_comp_id 
_struct_conf.end_auth_asym_id 
_struct_conf.end_auth_seq_id 
_struct_conf.pdbx_PDB_helix_class 
_struct_conf.details 
_struct_conf.pdbx_PDB_helix_length 
HELX_P HELX_P1 AA1 ALA A 29  ? CYS A 44  ? ALA A 1320 CYS A 1335 1 ? 16 
HELX_P HELX_P2 AA2 GLU A 45  ? ARG A 51  ? GLU A 1336 ARG A 1342 5 ? 7  
HELX_P HELX_P3 AA3 ASP A 61  ? ILE A 66  ? ASP A 1352 ILE A 1357 1 ? 6  
HELX_P HELX_P4 AA4 ASP A 71  ? ALA A 81  ? ASP A 1362 ALA A 1372 1 ? 11 
HELX_P HELX_P5 AA5 SER A 86  ? THR A 105 ? SER A 1377 THR A 1396 1 ? 20 
HELX_P HELX_P6 AA6 SER A 110 ? LYS A 142 ? SER A 1401 LYS A 1433 1 ? 33 
# 
_struct_conf_type.id          HELX_P 
_struct_conf_type.criteria    ? 
_struct_conf_type.reference   ? 
# 
_struct_site.id                   AC1 
_struct_site.pdbx_evidence_code   Software 
_struct_site.pdbx_auth_asym_id    A 
_struct_site.pdbx_auth_comp_id    Y47 
_struct_site.pdbx_auth_seq_id     1501 
_struct_site.pdbx_auth_ins_code   ? 
_struct_site.pdbx_num_residues    13 
_struct_site.details              'binding site for residue Y47 A 1501' 
# 
loop_
_struct_site_gen.id 
_struct_site_gen.site_id 
_struct_site_gen.pdbx_num_res 
_struct_site_gen.label_comp_id 
_struct_site_gen.label_asym_id 
_struct_site_gen.label_seq_id 
_struct_site_gen.pdbx_auth_ins_code 
_struct_site_gen.auth_comp_id 
_struct_site_gen.auth_asym_id 
_struct_site_gen.auth_seq_id 
_struct_site_gen.label_atom_id 
_struct_site_gen.label_alt_id 
_struct_site_gen.symmetry 
_struct_site_gen.details 
1  AC1 13 GLU A 48  ? GLU A 1339 . ? 1_555 ? 
2  AC1 13 PRO A 49  ? PRO A 1340 . ? 1_555 ? 
3  AC1 13 PHE A 50  ? PHE A 1341 . ? 1_555 ? 
4  AC1 13 GLN A 52  ? GLN A 1343 . ? 1_555 ? 
5  AC1 13 PRO A 53  ? PRO A 1344 . ? 1_555 ? 
6  AC1 13 TYR A 59  ? TYR A 1350 . ? 1_555 ? 
7  AC1 13 SER A 101 ? SER A 1392 . ? 1_555 ? 
8  AC1 13 THR A 105 ? THR A 1396 . ? 1_555 ? 
9  AC1 13 SER A 110 ? SER A 1401 . ? 1_555 ? 
10 AC1 13 ILE A 112 ? ILE A 1403 . ? 1_555 ? 
11 AC1 13 HOH C .   ? HOH A 1601 . ? 1_555 ? 
12 AC1 13 HOH C .   ? HOH A 1628 . ? 1_555 ? 
13 AC1 13 HOH C .   ? HOH A 1633 . ? 1_555 ? 
# 
loop_
_pdbx_validate_close_contact.id 
_pdbx_validate_close_contact.PDB_model_num 
_pdbx_validate_close_contact.auth_atom_id_1 
_pdbx_validate_close_contact.auth_asym_id_1 
_pdbx_validate_close_contact.auth_comp_id_1 
_pdbx_validate_close_contact.auth_seq_id_1 
_pdbx_validate_close_contact.PDB_ins_code_1 
_pdbx_validate_close_contact.label_alt_id_1 
_pdbx_validate_close_contact.auth_atom_id_2 
_pdbx_validate_close_contact.auth_asym_id_2 
_pdbx_validate_close_contact.auth_comp_id_2 
_pdbx_validate_close_contact.auth_seq_id_2 
_pdbx_validate_close_contact.PDB_ins_code_2 
_pdbx_validate_close_contact.label_alt_id_2 
_pdbx_validate_close_contact.dist 
1 1 N4  A Y47 1501 ? ? O A HOH 1601 ? ? 1.73 
2 1 O   A HOH 1625 ? ? O A HOH 1726 ? ? 1.77 
3 1 O   A HOH 1696 ? ? O A HOH 1722 ? ? 1.90 
4 1 O   A HOH 1710 ? ? O A HOH 1752 ? ? 2.01 
5 1 OE1 A GLU 1327 ? ? O A HOH 1602 ? ? 2.05 
6 1 O   A HOH 1721 ? ? O A HOH 1744 ? ? 2.16 
7 1 C15 A Y47 1501 ? ? O A HOH 1601 ? ? 2.16 
8 1 O   A HOH 1635 ? ? O A HOH 1769 ? ? 2.18 
# 
_pdbx_validate_rmsd_bond.id                        1 
_pdbx_validate_rmsd_bond.PDB_model_num             1 
_pdbx_validate_rmsd_bond.auth_atom_id_1            CD 
_pdbx_validate_rmsd_bond.auth_asym_id_1            A 
_pdbx_validate_rmsd_bond.auth_comp_id_1            GLU 
_pdbx_validate_rmsd_bond.auth_seq_id_1             1371 
_pdbx_validate_rmsd_bond.PDB_ins_code_1            ? 
_pdbx_validate_rmsd_bond.label_alt_id_1            ? 
_pdbx_validate_rmsd_bond.auth_atom_id_2            OE2 
_pdbx_validate_rmsd_bond.auth_asym_id_2            A 
_pdbx_validate_rmsd_bond.auth_comp_id_2            GLU 
_pdbx_validate_rmsd_bond.auth_seq_id_2             1371 
_pdbx_validate_rmsd_bond.PDB_ins_code_2            ? 
_pdbx_validate_rmsd_bond.label_alt_id_2            ? 
_pdbx_validate_rmsd_bond.bond_value                1.321 
_pdbx_validate_rmsd_bond.bond_target_value         1.252 
_pdbx_validate_rmsd_bond.bond_deviation            0.069 
_pdbx_validate_rmsd_bond.bond_standard_deviation   0.011 
_pdbx_validate_rmsd_bond.linker_flag               N 
# 
loop_
_pdbx_struct_special_symmetry.id 
_pdbx_struct_special_symmetry.PDB_model_num 
_pdbx_struct_special_symmetry.auth_asym_id 
_pdbx_struct_special_symmetry.auth_comp_id 
_pdbx_struct_special_symmetry.auth_seq_id 
_pdbx_struct_special_symmetry.PDB_ins_code 
_pdbx_struct_special_symmetry.label_asym_id 
_pdbx_struct_special_symmetry.label_comp_id 
_pdbx_struct_special_symmetry.label_seq_id 
1 1 A HOH 1727 ? C HOH . 
2 1 A HOH 1787 ? C HOH . 
# 
_phasing.method   MR 
# 
loop_
_pdbx_unobs_or_zero_occ_residues.id 
_pdbx_unobs_or_zero_occ_residues.PDB_model_num 
_pdbx_unobs_or_zero_occ_residues.polymer_flag 
_pdbx_unobs_or_zero_occ_residues.occupancy_flag 
_pdbx_unobs_or_zero_occ_residues.auth_asym_id 
_pdbx_unobs_or_zero_occ_residues.auth_comp_id 
_pdbx_unobs_or_zero_occ_residues.auth_seq_id 
_pdbx_unobs_or_zero_occ_residues.PDB_ins_code 
_pdbx_unobs_or_zero_occ_residues.label_asym_id 
_pdbx_unobs_or_zero_occ_residues.label_comp_id 
_pdbx_unobs_or_zero_occ_residues.label_seq_id 
1  1 Y 1 A MET 1292 ? A MET 1   
2  1 Y 1 A HIS 1293 ? A HIS 2   
3  1 Y 1 A HIS 1294 ? A HIS 3   
4  1 Y 1 A HIS 1295 ? A HIS 4   
5  1 Y 1 A HIS 1296 ? A HIS 5   
6  1 Y 1 A HIS 1297 ? A HIS 6   
7  1 Y 1 A HIS 1298 ? A HIS 7   
8  1 Y 1 A SER 1299 ? A SER 8   
9  1 Y 1 A SER 1300 ? A SER 9   
10 1 Y 1 A GLY 1301 ? A GLY 10  
11 1 Y 1 A VAL 1302 ? A VAL 11  
12 1 Y 1 A ASP 1303 ? A ASP 12  
13 1 Y 1 A LEU 1304 ? A LEU 13  
14 1 Y 1 A GLY 1305 ? A GLY 14  
15 1 Y 1 A THR 1306 ? A THR 15  
16 1 Y 1 A GLU 1307 ? A GLU 16  
17 1 Y 1 A ASN 1308 ? A ASN 17  
18 1 Y 1 A LEU 1309 ? A LEU 18  
19 1 Y 1 A TYR 1310 ? A TYR 19  
20 1 Y 1 A PHE 1311 ? A PHE 20  
21 1 Y 1 A GLN 1312 ? A GLN 21  
22 1 Y 1 A SER 1313 ? A SER 22  
23 1 Y 1 A MET 1314 ? A MET 23  
24 1 Y 1 A SER 1315 ? A SER 24  
25 1 Y 1 A ASN 1435 ? A ASN 144 
26 1 Y 1 A THR 1436 ? A THR 145 
27 1 Y 1 A ILE 1437 ? A ILE 146 
28 1 Y 1 A THR 1438 ? A THR 147 
29 1 Y 1 A LYS 1439 ? A LYS 148 
30 1 Y 1 A ARG 1440 ? A ARG 149 
# 
loop_
_chem_comp_atom.comp_id 
_chem_comp_atom.atom_id 
_chem_comp_atom.type_symbol 
_chem_comp_atom.pdbx_aromatic_flag 
_chem_comp_atom.pdbx_stereo_config 
_chem_comp_atom.pdbx_ordinal 
ALA N    N N N 1   
ALA CA   C N S 2   
ALA C    C N N 3   
ALA O    O N N 4   
ALA CB   C N N 5   
ALA OXT  O N N 6   
ALA H    H N N 7   
ALA H2   H N N 8   
ALA HA   H N N 9   
ALA HB1  H N N 10  
ALA HB2  H N N 11  
ALA HB3  H N N 12  
ALA HXT  H N N 13  
ARG N    N N N 14  
ARG CA   C N S 15  
ARG C    C N N 16  
ARG O    O N N 17  
ARG CB   C N N 18  
ARG CG   C N N 19  
ARG CD   C N N 20  
ARG NE   N N N 21  
ARG CZ   C N N 22  
ARG NH1  N N N 23  
ARG NH2  N N N 24  
ARG OXT  O N N 25  
ARG H    H N N 26  
ARG H2   H N N 27  
ARG HA   H N N 28  
ARG HB2  H N N 29  
ARG HB3  H N N 30  
ARG HG2  H N N 31  
ARG HG3  H N N 32  
ARG HD2  H N N 33  
ARG HD3  H N N 34  
ARG HE   H N N 35  
ARG HH11 H N N 36  
ARG HH12 H N N 37  
ARG HH21 H N N 38  
ARG HH22 H N N 39  
ARG HXT  H N N 40  
ASN N    N N N 41  
ASN CA   C N S 42  
ASN C    C N N 43  
ASN O    O N N 44  
ASN CB   C N N 45  
ASN CG   C N N 46  
ASN OD1  O N N 47  
ASN ND2  N N N 48  
ASN OXT  O N N 49  
ASN H    H N N 50  
ASN H2   H N N 51  
ASN HA   H N N 52  
ASN HB2  H N N 53  
ASN HB3  H N N 54  
ASN HD21 H N N 55  
ASN HD22 H N N 56  
ASN HXT  H N N 57  
ASP N    N N N 58  
ASP CA   C N S 59  
ASP C    C N N 60  
ASP O    O N N 61  
ASP CB   C N N 62  
ASP CG   C N N 63  
ASP OD1  O N N 64  
ASP OD2  O N N 65  
ASP OXT  O N N 66  
ASP H    H N N 67  
ASP H2   H N N 68  
ASP HA   H N N 69  
ASP HB2  H N N 70  
ASP HB3  H N N 71  
ASP HD2  H N N 72  
ASP HXT  H N N 73  
CYS N    N N N 74  
CYS CA   C N R 75  
CYS C    C N N 76  
CYS O    O N N 77  
CYS CB   C N N 78  
CYS SG   S N N 79  
CYS OXT  O N N 80  
CYS H    H N N 81  
CYS H2   H N N 82  
CYS HA   H N N 83  
CYS HB2  H N N 84  
CYS HB3  H N N 85  
CYS HG   H N N 86  
CYS HXT  H N N 87  
GLN N    N N N 88  
GLN CA   C N S 89  
GLN C    C N N 90  
GLN O    O N N 91  
GLN CB   C N N 92  
GLN CG   C N N 93  
GLN CD   C N N 94  
GLN OE1  O N N 95  
GLN NE2  N N N 96  
GLN OXT  O N N 97  
GLN H    H N N 98  
GLN H2   H N N 99  
GLN HA   H N N 100 
GLN HB2  H N N 101 
GLN HB3  H N N 102 
GLN HG2  H N N 103 
GLN HG3  H N N 104 
GLN HE21 H N N 105 
GLN HE22 H N N 106 
GLN HXT  H N N 107 
GLU N    N N N 108 
GLU CA   C N S 109 
GLU C    C N N 110 
GLU O    O N N 111 
GLU CB   C N N 112 
GLU CG   C N N 113 
GLU CD   C N N 114 
GLU OE1  O N N 115 
GLU OE2  O N N 116 
GLU OXT  O N N 117 
GLU H    H N N 118 
GLU H2   H N N 119 
GLU HA   H N N 120 
GLU HB2  H N N 121 
GLU HB3  H N N 122 
GLU HG2  H N N 123 
GLU HG3  H N N 124 
GLU HE2  H N N 125 
GLU HXT  H N N 126 
GLY N    N N N 127 
GLY CA   C N N 128 
GLY C    C N N 129 
GLY O    O N N 130 
GLY OXT  O N N 131 
GLY H    H N N 132 
GLY H2   H N N 133 
GLY HA2  H N N 134 
GLY HA3  H N N 135 
GLY HXT  H N N 136 
HIS N    N N N 137 
HIS CA   C N S 138 
HIS C    C N N 139 
HIS O    O N N 140 
HIS CB   C N N 141 
HIS CG   C Y N 142 
HIS ND1  N Y N 143 
HIS CD2  C Y N 144 
HIS CE1  C Y N 145 
HIS NE2  N Y N 146 
HIS OXT  O N N 147 
HIS H    H N N 148 
HIS H2   H N N 149 
HIS HA   H N N 150 
HIS HB2  H N N 151 
HIS HB3  H N N 152 
HIS HD1  H N N 153 
HIS HD2  H N N 154 
HIS HE1  H N N 155 
HIS HE2  H N N 156 
HIS HXT  H N N 157 
HOH O    O N N 158 
HOH H1   H N N 159 
HOH H2   H N N 160 
ILE N    N N N 161 
ILE CA   C N S 162 
ILE C    C N N 163 
ILE O    O N N 164 
ILE CB   C N S 165 
ILE CG1  C N N 166 
ILE CG2  C N N 167 
ILE CD1  C N N 168 
ILE OXT  O N N 169 
ILE H    H N N 170 
ILE H2   H N N 171 
ILE HA   H N N 172 
ILE HB   H N N 173 
ILE HG12 H N N 174 
ILE HG13 H N N 175 
ILE HG21 H N N 176 
ILE HG22 H N N 177 
ILE HG23 H N N 178 
ILE HD11 H N N 179 
ILE HD12 H N N 180 
ILE HD13 H N N 181 
ILE HXT  H N N 182 
LEU N    N N N 183 
LEU CA   C N S 184 
LEU C    C N N 185 
LEU O    O N N 186 
LEU CB   C N N 187 
LEU CG   C N N 188 
LEU CD1  C N N 189 
LEU CD2  C N N 190 
LEU OXT  O N N 191 
LEU H    H N N 192 
LEU H2   H N N 193 
LEU HA   H N N 194 
LEU HB2  H N N 195 
LEU HB3  H N N 196 
LEU HG   H N N 197 
LEU HD11 H N N 198 
LEU HD12 H N N 199 
LEU HD13 H N N 200 
LEU HD21 H N N 201 
LEU HD22 H N N 202 
LEU HD23 H N N 203 
LEU HXT  H N N 204 
LYS N    N N N 205 
LYS CA   C N S 206 
LYS C    C N N 207 
LYS O    O N N 208 
LYS CB   C N N 209 
LYS CG   C N N 210 
LYS CD   C N N 211 
LYS CE   C N N 212 
LYS NZ   N N N 213 
LYS OXT  O N N 214 
LYS H    H N N 215 
LYS H2   H N N 216 
LYS HA   H N N 217 
LYS HB2  H N N 218 
LYS HB3  H N N 219 
LYS HG2  H N N 220 
LYS HG3  H N N 221 
LYS HD2  H N N 222 
LYS HD3  H N N 223 
LYS HE2  H N N 224 
LYS HE3  H N N 225 
LYS HZ1  H N N 226 
LYS HZ2  H N N 227 
LYS HZ3  H N N 228 
LYS HXT  H N N 229 
MET N    N N N 230 
MET CA   C N S 231 
MET C    C N N 232 
MET O    O N N 233 
MET CB   C N N 234 
MET CG   C N N 235 
MET SD   S N N 236 
MET CE   C N N 237 
MET OXT  O N N 238 
MET H    H N N 239 
MET H2   H N N 240 
MET HA   H N N 241 
MET HB2  H N N 242 
MET HB3  H N N 243 
MET HG2  H N N 244 
MET HG3  H N N 245 
MET HE1  H N N 246 
MET HE2  H N N 247 
MET HE3  H N N 248 
MET HXT  H N N 249 
PHE N    N N N 250 
PHE CA   C N S 251 
PHE C    C N N 252 
PHE O    O N N 253 
PHE CB   C N N 254 
PHE CG   C Y N 255 
PHE CD1  C Y N 256 
PHE CD2  C Y N 257 
PHE CE1  C Y N 258 
PHE CE2  C Y N 259 
PHE CZ   C Y N 260 
PHE OXT  O N N 261 
PHE H    H N N 262 
PHE H2   H N N 263 
PHE HA   H N N 264 
PHE HB2  H N N 265 
PHE HB3  H N N 266 
PHE HD1  H N N 267 
PHE HD2  H N N 268 
PHE HE1  H N N 269 
PHE HE2  H N N 270 
PHE HZ   H N N 271 
PHE HXT  H N N 272 
PRO N    N N N 273 
PRO CA   C N S 274 
PRO C    C N N 275 
PRO O    O N N 276 
PRO CB   C N N 277 
PRO CG   C N N 278 
PRO CD   C N N 279 
PRO OXT  O N N 280 
PRO H    H N N 281 
PRO HA   H N N 282 
PRO HB2  H N N 283 
PRO HB3  H N N 284 
PRO HG2  H N N 285 
PRO HG3  H N N 286 
PRO HD2  H N N 287 
PRO HD3  H N N 288 
PRO HXT  H N N 289 
SER N    N N N 290 
SER CA   C N S 291 
SER C    C N N 292 
SER O    O N N 293 
SER CB   C N N 294 
SER OG   O N N 295 
SER OXT  O N N 296 
SER H    H N N 297 
SER H2   H N N 298 
SER HA   H N N 299 
SER HB2  H N N 300 
SER HB3  H N N 301 
SER HG   H N N 302 
SER HXT  H N N 303 
THR N    N N N 304 
THR CA   C N S 305 
THR C    C N N 306 
THR O    O N N 307 
THR CB   C N R 308 
THR OG1  O N N 309 
THR CG2  C N N 310 
THR OXT  O N N 311 
THR H    H N N 312 
THR H2   H N N 313 
THR HA   H N N 314 
THR HB   H N N 315 
THR HG1  H N N 316 
THR HG21 H N N 317 
THR HG22 H N N 318 
THR HG23 H N N 319 
THR HXT  H N N 320 
TRP N    N N N 321 
TRP CA   C N S 322 
TRP C    C N N 323 
TRP O    O N N 324 
TRP CB   C N N 325 
TRP CG   C Y N 326 
TRP CD1  C Y N 327 
TRP CD2  C Y N 328 
TRP NE1  N Y N 329 
TRP CE2  C Y N 330 
TRP CE3  C Y N 331 
TRP CZ2  C Y N 332 
TRP CZ3  C Y N 333 
TRP CH2  C Y N 334 
TRP OXT  O N N 335 
TRP H    H N N 336 
TRP H2   H N N 337 
TRP HA   H N N 338 
TRP HB2  H N N 339 
TRP HB3  H N N 340 
TRP HD1  H N N 341 
TRP HE1  H N N 342 
TRP HE3  H N N 343 
TRP HZ2  H N N 344 
TRP HZ3  H N N 345 
TRP HH2  H N N 346 
TRP HXT  H N N 347 
TYR N    N N N 348 
TYR CA   C N S 349 
TYR C    C N N 350 
TYR O    O N N 351 
TYR CB   C N N 352 
TYR CG   C Y N 353 
TYR CD1  C Y N 354 
TYR CD2  C Y N 355 
TYR CE1  C Y N 356 
TYR CE2  C Y N 357 
TYR CZ   C Y N 358 
TYR OH   O N N 359 
TYR OXT  O N N 360 
TYR H    H N N 361 
TYR H2   H N N 362 
TYR HA   H N N 363 
TYR HB2  H N N 364 
TYR HB3  H N N 365 
TYR HD1  H N N 366 
TYR HD2  H N N 367 
TYR HE1  H N N 368 
TYR HE2  H N N 369 
TYR HH   H N N 370 
TYR HXT  H N N 371 
VAL N    N N N 372 
VAL CA   C N S 373 
VAL C    C N N 374 
VAL O    O N N 375 
VAL CB   C N N 376 
VAL CG1  C N N 377 
VAL CG2  C N N 378 
VAL OXT  O N N 379 
VAL H    H N N 380 
VAL H2   H N N 381 
VAL HA   H N N 382 
VAL HB   H N N 383 
VAL HG11 H N N 384 
VAL HG12 H N N 385 
VAL HG13 H N N 386 
VAL HG21 H N N 387 
VAL HG22 H N N 388 
VAL HG23 H N N 389 
VAL HXT  H N N 390 
Y47 N1   N N N 391 
Y47 N3   N N N 392 
Y47 C4   C Y N 393 
Y47 C5   C Y N 394 
Y47 C6   C N N 395 
Y47 C7   C N N 396 
Y47 C8   C N N 397 
Y47 C10  C N N 398 
Y47 C13  C Y N 399 
Y47 C15  C Y N 400 
Y47 C17  C N N 401 
Y47 C1   C N N 402 
Y47 C11  C Y N 403 
Y47 C12  C Y N 404 
Y47 C14  C Y N 405 
Y47 C16  C N N 406 
Y47 C2   C Y N 407 
Y47 C3   C Y N 408 
Y47 C9   C N N 409 
Y47 N2   N N N 410 
Y47 N4   N Y N 411 
Y47 O1   O N N 412 
Y47 O2   O N N 413 
Y47 O3   O Y N 414 
Y47 H10  H N N 415 
Y47 H5   H N N 416 
Y47 H6   H N N 417 
Y47 H7   H N N 418 
Y47 H9   H N N 419 
Y47 H8   H N N 420 
Y47 H11  H N N 421 
Y47 H12  H N N 422 
Y47 H14  H N N 423 
Y47 H16  H N N 424 
Y47 H20  H N N 425 
Y47 H19  H N N 426 
Y47 H3   H N N 427 
Y47 H2   H N N 428 
Y47 H1   H N N 429 
Y47 H13  H N N 430 
Y47 H15  H N N 431 
Y47 H17  H N N 432 
Y47 H18  H N N 433 
Y47 H4   H N N 434 
# 
loop_
_chem_comp_bond.comp_id 
_chem_comp_bond.atom_id_1 
_chem_comp_bond.atom_id_2 
_chem_comp_bond.value_order 
_chem_comp_bond.pdbx_aromatic_flag 
_chem_comp_bond.pdbx_stereo_config 
_chem_comp_bond.pdbx_ordinal 
ALA N   CA   sing N N 1   
ALA N   H    sing N N 2   
ALA N   H2   sing N N 3   
ALA CA  C    sing N N 4   
ALA CA  CB   sing N N 5   
ALA CA  HA   sing N N 6   
ALA C   O    doub N N 7   
ALA C   OXT  sing N N 8   
ALA CB  HB1  sing N N 9   
ALA CB  HB2  sing N N 10  
ALA CB  HB3  sing N N 11  
ALA OXT HXT  sing N N 12  
ARG N   CA   sing N N 13  
ARG N   H    sing N N 14  
ARG N   H2   sing N N 15  
ARG CA  C    sing N N 16  
ARG CA  CB   sing N N 17  
ARG CA  HA   sing N N 18  
ARG C   O    doub N N 19  
ARG C   OXT  sing N N 20  
ARG CB  CG   sing N N 21  
ARG CB  HB2  sing N N 22  
ARG CB  HB3  sing N N 23  
ARG CG  CD   sing N N 24  
ARG CG  HG2  sing N N 25  
ARG CG  HG3  sing N N 26  
ARG CD  NE   sing N N 27  
ARG CD  HD2  sing N N 28  
ARG CD  HD3  sing N N 29  
ARG NE  CZ   sing N N 30  
ARG NE  HE   sing N N 31  
ARG CZ  NH1  sing N N 32  
ARG CZ  NH2  doub N N 33  
ARG NH1 HH11 sing N N 34  
ARG NH1 HH12 sing N N 35  
ARG NH2 HH21 sing N N 36  
ARG NH2 HH22 sing N N 37  
ARG OXT HXT  sing N N 38  
ASN N   CA   sing N N 39  
ASN N   H    sing N N 40  
ASN N   H2   sing N N 41  
ASN CA  C    sing N N 42  
ASN CA  CB   sing N N 43  
ASN CA  HA   sing N N 44  
ASN C   O    doub N N 45  
ASN C   OXT  sing N N 46  
ASN CB  CG   sing N N 47  
ASN CB  HB2  sing N N 48  
ASN CB  HB3  sing N N 49  
ASN CG  OD1  doub N N 50  
ASN CG  ND2  sing N N 51  
ASN ND2 HD21 sing N N 52  
ASN ND2 HD22 sing N N 53  
ASN OXT HXT  sing N N 54  
ASP N   CA   sing N N 55  
ASP N   H    sing N N 56  
ASP N   H2   sing N N 57  
ASP CA  C    sing N N 58  
ASP CA  CB   sing N N 59  
ASP CA  HA   sing N N 60  
ASP C   O    doub N N 61  
ASP C   OXT  sing N N 62  
ASP CB  CG   sing N N 63  
ASP CB  HB2  sing N N 64  
ASP CB  HB3  sing N N 65  
ASP CG  OD1  doub N N 66  
ASP CG  OD2  sing N N 67  
ASP OD2 HD2  sing N N 68  
ASP OXT HXT  sing N N 69  
CYS N   CA   sing N N 70  
CYS N   H    sing N N 71  
CYS N   H2   sing N N 72  
CYS CA  C    sing N N 73  
CYS CA  CB   sing N N 74  
CYS CA  HA   sing N N 75  
CYS C   O    doub N N 76  
CYS C   OXT  sing N N 77  
CYS CB  SG   sing N N 78  
CYS CB  HB2  sing N N 79  
CYS CB  HB3  sing N N 80  
CYS SG  HG   sing N N 81  
CYS OXT HXT  sing N N 82  
GLN N   CA   sing N N 83  
GLN N   H    sing N N 84  
GLN N   H2   sing N N 85  
GLN CA  C    sing N N 86  
GLN CA  CB   sing N N 87  
GLN CA  HA   sing N N 88  
GLN C   O    doub N N 89  
GLN C   OXT  sing N N 90  
GLN CB  CG   sing N N 91  
GLN CB  HB2  sing N N 92  
GLN CB  HB3  sing N N 93  
GLN CG  CD   sing N N 94  
GLN CG  HG2  sing N N 95  
GLN CG  HG3  sing N N 96  
GLN CD  OE1  doub N N 97  
GLN CD  NE2  sing N N 98  
GLN NE2 HE21 sing N N 99  
GLN NE2 HE22 sing N N 100 
GLN OXT HXT  sing N N 101 
GLU N   CA   sing N N 102 
GLU N   H    sing N N 103 
GLU N   H2   sing N N 104 
GLU CA  C    sing N N 105 
GLU CA  CB   sing N N 106 
GLU CA  HA   sing N N 107 
GLU C   O    doub N N 108 
GLU C   OXT  sing N N 109 
GLU CB  CG   sing N N 110 
GLU CB  HB2  sing N N 111 
GLU CB  HB3  sing N N 112 
GLU CG  CD   sing N N 113 
GLU CG  HG2  sing N N 114 
GLU CG  HG3  sing N N 115 
GLU CD  OE1  doub N N 116 
GLU CD  OE2  sing N N 117 
GLU OE2 HE2  sing N N 118 
GLU OXT HXT  sing N N 119 
GLY N   CA   sing N N 120 
GLY N   H    sing N N 121 
GLY N   H2   sing N N 122 
GLY CA  C    sing N N 123 
GLY CA  HA2  sing N N 124 
GLY CA  HA3  sing N N 125 
GLY C   O    doub N N 126 
GLY C   OXT  sing N N 127 
GLY OXT HXT  sing N N 128 
HIS N   CA   sing N N 129 
HIS N   H    sing N N 130 
HIS N   H2   sing N N 131 
HIS CA  C    sing N N 132 
HIS CA  CB   sing N N 133 
HIS CA  HA   sing N N 134 
HIS C   O    doub N N 135 
HIS C   OXT  sing N N 136 
HIS CB  CG   sing N N 137 
HIS CB  HB2  sing N N 138 
HIS CB  HB3  sing N N 139 
HIS CG  ND1  sing Y N 140 
HIS CG  CD2  doub Y N 141 
HIS ND1 CE1  doub Y N 142 
HIS ND1 HD1  sing N N 143 
HIS CD2 NE2  sing Y N 144 
HIS CD2 HD2  sing N N 145 
HIS CE1 NE2  sing Y N 146 
HIS CE1 HE1  sing N N 147 
HIS NE2 HE2  sing N N 148 
HIS OXT HXT  sing N N 149 
HOH O   H1   sing N N 150 
HOH O   H2   sing N N 151 
ILE N   CA   sing N N 152 
ILE N   H    sing N N 153 
ILE N   H2   sing N N 154 
ILE CA  C    sing N N 155 
ILE CA  CB   sing N N 156 
ILE CA  HA   sing N N 157 
ILE C   O    doub N N 158 
ILE C   OXT  sing N N 159 
ILE CB  CG1  sing N N 160 
ILE CB  CG2  sing N N 161 
ILE CB  HB   sing N N 162 
ILE CG1 CD1  sing N N 163 
ILE CG1 HG12 sing N N 164 
ILE CG1 HG13 sing N N 165 
ILE CG2 HG21 sing N N 166 
ILE CG2 HG22 sing N N 167 
ILE CG2 HG23 sing N N 168 
ILE CD1 HD11 sing N N 169 
ILE CD1 HD12 sing N N 170 
ILE CD1 HD13 sing N N 171 
ILE OXT HXT  sing N N 172 
LEU N   CA   sing N N 173 
LEU N   H    sing N N 174 
LEU N   H2   sing N N 175 
LEU CA  C    sing N N 176 
LEU CA  CB   sing N N 177 
LEU CA  HA   sing N N 178 
LEU C   O    doub N N 179 
LEU C   OXT  sing N N 180 
LEU CB  CG   sing N N 181 
LEU CB  HB2  sing N N 182 
LEU CB  HB3  sing N N 183 
LEU CG  CD1  sing N N 184 
LEU CG  CD2  sing N N 185 
LEU CG  HG   sing N N 186 
LEU CD1 HD11 sing N N 187 
LEU CD1 HD12 sing N N 188 
LEU CD1 HD13 sing N N 189 
LEU CD2 HD21 sing N N 190 
LEU CD2 HD22 sing N N 191 
LEU CD2 HD23 sing N N 192 
LEU OXT HXT  sing N N 193 
LYS N   CA   sing N N 194 
LYS N   H    sing N N 195 
LYS N   H2   sing N N 196 
LYS CA  C    sing N N 197 
LYS CA  CB   sing N N 198 
LYS CA  HA   sing N N 199 
LYS C   O    doub N N 200 
LYS C   OXT  sing N N 201 
LYS CB  CG   sing N N 202 
LYS CB  HB2  sing N N 203 
LYS CB  HB3  sing N N 204 
LYS CG  CD   sing N N 205 
LYS CG  HG2  sing N N 206 
LYS CG  HG3  sing N N 207 
LYS CD  CE   sing N N 208 
LYS CD  HD2  sing N N 209 
LYS CD  HD3  sing N N 210 
LYS CE  NZ   sing N N 211 
LYS CE  HE2  sing N N 212 
LYS CE  HE3  sing N N 213 
LYS NZ  HZ1  sing N N 214 
LYS NZ  HZ2  sing N N 215 
LYS NZ  HZ3  sing N N 216 
LYS OXT HXT  sing N N 217 
MET N   CA   sing N N 218 
MET N   H    sing N N 219 
MET N   H2   sing N N 220 
MET CA  C    sing N N 221 
MET CA  CB   sing N N 222 
MET CA  HA   sing N N 223 
MET C   O    doub N N 224 
MET C   OXT  sing N N 225 
MET CB  CG   sing N N 226 
MET CB  HB2  sing N N 227 
MET CB  HB3  sing N N 228 
MET CG  SD   sing N N 229 
MET CG  HG2  sing N N 230 
MET CG  HG3  sing N N 231 
MET SD  CE   sing N N 232 
MET CE  HE1  sing N N 233 
MET CE  HE2  sing N N 234 
MET CE  HE3  sing N N 235 
MET OXT HXT  sing N N 236 
PHE N   CA   sing N N 237 
PHE N   H    sing N N 238 
PHE N   H2   sing N N 239 
PHE CA  C    sing N N 240 
PHE CA  CB   sing N N 241 
PHE CA  HA   sing N N 242 
PHE C   O    doub N N 243 
PHE C   OXT  sing N N 244 
PHE CB  CG   sing N N 245 
PHE CB  HB2  sing N N 246 
PHE CB  HB3  sing N N 247 
PHE CG  CD1  doub Y N 248 
PHE CG  CD2  sing Y N 249 
PHE CD1 CE1  sing Y N 250 
PHE CD1 HD1  sing N N 251 
PHE CD2 CE2  doub Y N 252 
PHE CD2 HD2  sing N N 253 
PHE CE1 CZ   doub Y N 254 
PHE CE1 HE1  sing N N 255 
PHE CE2 CZ   sing Y N 256 
PHE CE2 HE2  sing N N 257 
PHE CZ  HZ   sing N N 258 
PHE OXT HXT  sing N N 259 
PRO N   CA   sing N N 260 
PRO N   CD   sing N N 261 
PRO N   H    sing N N 262 
PRO CA  C    sing N N 263 
PRO CA  CB   sing N N 264 
PRO CA  HA   sing N N 265 
PRO C   O    doub N N 266 
PRO C   OXT  sing N N 267 
PRO CB  CG   sing N N 268 
PRO CB  HB2  sing N N 269 
PRO CB  HB3  sing N N 270 
PRO CG  CD   sing N N 271 
PRO CG  HG2  sing N N 272 
PRO CG  HG3  sing N N 273 
PRO CD  HD2  sing N N 274 
PRO CD  HD3  sing N N 275 
PRO OXT HXT  sing N N 276 
SER N   CA   sing N N 277 
SER N   H    sing N N 278 
SER N   H2   sing N N 279 
SER CA  C    sing N N 280 
SER CA  CB   sing N N 281 
SER CA  HA   sing N N 282 
SER C   O    doub N N 283 
SER C   OXT  sing N N 284 
SER CB  OG   sing N N 285 
SER CB  HB2  sing N N 286 
SER CB  HB3  sing N N 287 
SER OG  HG   sing N N 288 
SER OXT HXT  sing N N 289 
THR N   CA   sing N N 290 
THR N   H    sing N N 291 
THR N   H2   sing N N 292 
THR CA  C    sing N N 293 
THR CA  CB   sing N N 294 
THR CA  HA   sing N N 295 
THR C   O    doub N N 296 
THR C   OXT  sing N N 297 
THR CB  OG1  sing N N 298 
THR CB  CG2  sing N N 299 
THR CB  HB   sing N N 300 
THR OG1 HG1  sing N N 301 
THR CG2 HG21 sing N N 302 
THR CG2 HG22 sing N N 303 
THR CG2 HG23 sing N N 304 
THR OXT HXT  sing N N 305 
TRP N   CA   sing N N 306 
TRP N   H    sing N N 307 
TRP N   H2   sing N N 308 
TRP CA  C    sing N N 309 
TRP CA  CB   sing N N 310 
TRP CA  HA   sing N N 311 
TRP C   O    doub N N 312 
TRP C   OXT  sing N N 313 
TRP CB  CG   sing N N 314 
TRP CB  HB2  sing N N 315 
TRP CB  HB3  sing N N 316 
TRP CG  CD1  doub Y N 317 
TRP CG  CD2  sing Y N 318 
TRP CD1 NE1  sing Y N 319 
TRP CD1 HD1  sing N N 320 
TRP CD2 CE2  doub Y N 321 
TRP CD2 CE3  sing Y N 322 
TRP NE1 CE2  sing Y N 323 
TRP NE1 HE1  sing N N 324 
TRP CE2 CZ2  sing Y N 325 
TRP CE3 CZ3  doub Y N 326 
TRP CE3 HE3  sing N N 327 
TRP CZ2 CH2  doub Y N 328 
TRP CZ2 HZ2  sing N N 329 
TRP CZ3 CH2  sing Y N 330 
TRP CZ3 HZ3  sing N N 331 
TRP CH2 HH2  sing N N 332 
TRP OXT HXT  sing N N 333 
TYR N   CA   sing N N 334 
TYR N   H    sing N N 335 
TYR N   H2   sing N N 336 
TYR CA  C    sing N N 337 
TYR CA  CB   sing N N 338 
TYR CA  HA   sing N N 339 
TYR C   O    doub N N 340 
TYR C   OXT  sing N N 341 
TYR CB  CG   sing N N 342 
TYR CB  HB2  sing N N 343 
TYR CB  HB3  sing N N 344 
TYR CG  CD1  doub Y N 345 
TYR CG  CD2  sing Y N 346 
TYR CD1 CE1  sing Y N 347 
TYR CD1 HD1  sing N N 348 
TYR CD2 CE2  doub Y N 349 
TYR CD2 HD2  sing N N 350 
TYR CE1 CZ   doub Y N 351 
TYR CE1 HE1  sing N N 352 
TYR CE2 CZ   sing Y N 353 
TYR CE2 HE2  sing N N 354 
TYR CZ  OH   sing N N 355 
TYR OH  HH   sing N N 356 
TYR OXT HXT  sing N N 357 
VAL N   CA   sing N N 358 
VAL N   H    sing N N 359 
VAL N   H2   sing N N 360 
VAL CA  C    sing N N 361 
VAL CA  CB   sing N N 362 
VAL CA  HA   sing N N 363 
VAL C   O    doub N N 364 
VAL C   OXT  sing N N 365 
VAL CB  CG1  sing N N 366 
VAL CB  CG2  sing N N 367 
VAL CB  HB   sing N N 368 
VAL CG1 HG11 sing N N 369 
VAL CG1 HG12 sing N N 370 
VAL CG1 HG13 sing N N 371 
VAL CG2 HG21 sing N N 372 
VAL CG2 HG22 sing N N 373 
VAL CG2 HG23 sing N N 374 
VAL OXT HXT  sing N N 375 
Y47 C1  C2   sing N N 376 
Y47 C2  C3   doub Y N 377 
Y47 C3  C4   sing Y N 378 
Y47 C4  C5   doub Y N 379 
Y47 C5  C6   sing N N 380 
Y47 C6  O1   doub N N 381 
Y47 C6  N1   sing N N 382 
Y47 N1  C7   sing N N 383 
Y47 C7  C8   sing N N 384 
Y47 C8  N2   sing N N 385 
Y47 N2  C9   sing N N 386 
Y47 C9  O2   doub N N 387 
Y47 C9  N3   sing N N 388 
Y47 N3  C10  sing N N 389 
Y47 C10 C11  sing N N 390 
Y47 C11 C12  doub Y N 391 
Y47 C12 C13  sing Y N 392 
Y47 C13 C14  doub Y N 393 
Y47 C14 N4   sing Y N 394 
Y47 N4  C15  doub Y N 395 
Y47 N2  C16  sing N N 396 
Y47 C16 C17  sing N N 397 
Y47 C5  O3   sing Y N 398 
Y47 C2  O3   sing Y N 399 
Y47 N1  C17  sing N N 400 
Y47 C11 C15  sing Y N 401 
Y47 N3  H10  sing N N 402 
Y47 C4  H5   sing N N 403 
Y47 C7  H6   sing N N 404 
Y47 C7  H7   sing N N 405 
Y47 C8  H9   sing N N 406 
Y47 C8  H8   sing N N 407 
Y47 C10 H11  sing N N 408 
Y47 C10 H12  sing N N 409 
Y47 C13 H14  sing N N 410 
Y47 C15 H16  sing N N 411 
Y47 C17 H20  sing N N 412 
Y47 C17 H19  sing N N 413 
Y47 C1  H3   sing N N 414 
Y47 C1  H2   sing N N 415 
Y47 C1  H1   sing N N 416 
Y47 C12 H13  sing N N 417 
Y47 C14 H15  sing N N 418 
Y47 C16 H17  sing N N 419 
Y47 C16 H18  sing N N 420 
Y47 C3  H4   sing N N 421 
# 
_pdbx_deposit_group.group_id            G_1002190 
_pdbx_deposit_group.group_description   
;XDomainX of XOrganismX PHIP screened against crude reaction mixtures by X-ray Crystallography at the XChem facility of Diamond Light Source beamline I04-1
;
_pdbx_deposit_group.group_title         'PanDDA analysis group deposition' 
_pdbx_deposit_group.group_type          'changed state' 
# 
_atom_sites.entry_id                    5S9E 
_atom_sites.fract_transf_matrix[1][1]   0.00129309 
_atom_sites.fract_transf_matrix[1][2]   -0.00934130 
_atom_sites.fract_transf_matrix[1][3]   -0.00826579 
_atom_sites.fract_transf_matrix[2][1]   0.02650983 
_atom_sites.fract_transf_matrix[2][2]   0.01898622 
_atom_sites.fract_transf_matrix[2][3]   -0.01730946 
_atom_sites.fract_transf_matrix[3][1]   0.01264707 
_atom_sites.fract_transf_matrix[3][2]   -0.01004041 
_atom_sites.fract_transf_matrix[3][3]   0.00835626 
_atom_sites.fract_transf_vector[1]      -0.145791 
_atom_sites.fract_transf_vector[2]      0.453180 
_atom_sites.fract_transf_vector[3]      0.230794 
# 
loop_
_atom_type.symbol 
C 
N 
O 
S 
# 
loop_
_atom_site.group_PDB 
_atom_site.id 
_atom_site.type_symbol 
_atom_site.label_atom_id 
_atom_site.label_alt_id 
_atom_site.label_comp_id 
_atom_site.label_asym_id 
_atom_site.label_entity_id 
_atom_site.label_seq_id 
_atom_site.pdbx_PDB_ins_code 
_atom_site.Cartn_x 
_atom_site.Cartn_y 
_atom_site.Cartn_z 
_atom_site.occupancy 
_atom_site.B_iso_or_equiv 
_atom_site.pdbx_formal_charge 
_atom_site.auth_seq_id 
_atom_site.auth_comp_id 
_atom_site.auth_asym_id 
_atom_site.auth_atom_id 
_atom_site.pdbx_PDB_model_num 
ATOM   1    N N   . TYR A 1 25  ? -16.385 8.825   -15.076 1.00 20.81  ? 1316 TYR A N   1 
ATOM   2    C CA  . TYR A 1 25  ? -17.036 7.506   -15.098 1.00 18.82  ? 1316 TYR A CA  1 
ATOM   3    C C   . TYR A 1 25  ? -16.159 6.488   -15.834 1.00 15.50  ? 1316 TYR A C   1 
ATOM   4    O O   . TYR A 1 25  ? -16.666 5.449   -16.234 1.00 14.28  ? 1316 TYR A O   1 
ATOM   5    C CB  . TYR A 1 25  ? -18.442 7.520   -15.686 1.00 21.51  ? 1316 TYR A CB  1 
ATOM   6    C CG  . TYR A 1 25  ? -19.447 8.432   -15.024 1.00 20.19  ? 1316 TYR A CG  1 
ATOM   7    C CD1 . TYR A 1 25  ? -19.672 8.414   -13.644 1.00 21.21  ? 1316 TYR A CD1 1 
ATOM   8    C CD2 . TYR A 1 25  ? -20.159 9.320   -15.808 1.00 21.54  ? 1316 TYR A CD2 1 
ATOM   9    C CE1 . TYR A 1 25  ? -20.593 9.270   -13.058 1.00 22.80  ? 1316 TYR A CE1 1 
ATOM   10   C CE2 . TYR A 1 25  ? -21.113 10.146  -15.244 1.00 21.48  ? 1316 TYR A CE2 1 
ATOM   11   C CZ  . TYR A 1 25  ? -21.327 10.123  -13.871 1.00 24.41  ? 1316 TYR A CZ  1 
ATOM   12   O OH  . TYR A 1 25  ? -22.251 10.981  -13.323 1.00 21.43  ? 1316 TYR A OH  1 
ATOM   13   N N   . ASP A 1 26  ? -14.858 6.737   -15.893 1.00 13.31  ? 1317 ASP A N   1 
ATOM   14   C CA  . ASP A 1 26  ? -13.868 5.808   -16.490 1.00 12.96  ? 1317 ASP A CA  1 
ATOM   15   C C   . ASP A 1 26  ? -13.542 4.722   -15.486 1.00 12.40  ? 1317 ASP A C   1 
ATOM   16   O O   . ASP A 1 26  ? -12.887 4.984   -14.468 1.00 13.15  ? 1317 ASP A O   1 
ATOM   17   C CB  . ASP A 1 26  ? -12.663 6.595   -16.955 1.00 12.76  ? 1317 ASP A CB  1 
ATOM   18   C CG  . ASP A 1 26  ? -11.592 5.756   -17.583 1.00 12.81  ? 1317 ASP A CG  1 
ATOM   19   O OD1 . ASP A 1 26  ? -11.627 4.540   -17.428 1.00 13.07  ? 1317 ASP A OD1 1 
ATOM   20   O OD2 . ASP A 1 26  ? -10.786 6.351   -18.307 1.00 15.74  ? 1317 ASP A OD2 1 
ATOM   21   N N   . ILE A 1 27  ? -13.994 3.502   -15.721 0.50 12.26  ? 1318 ILE A N   1 
ATOM   22   C CA  . ILE A 1 27  ? -13.823 2.420   -14.714 0.50 12.77  ? 1318 ILE A CA  1 
ATOM   23   C C   . ILE A 1 27  ? -12.422 1.831   -14.804 0.50 11.82  ? 1318 ILE A C   1 
ATOM   24   O O   . ILE A 1 27  ? -12.125 0.976   -13.968 0.50 11.64  ? 1318 ILE A O   1 
ATOM   25   C CB  . ILE A 1 27  ? -14.921 1.359   -14.873 0.50 14.06  ? 1318 ILE A CB  1 
ATOM   26   C CG1 . ILE A 1 27  ? -14.936 0.757   -16.274 0.50 14.99  ? 1318 ILE A CG1 1 
ATOM   27   C CG2 . ILE A 1 27  ? -16.269 1.962   -14.519 0.50 14.55  ? 1318 ILE A CG2 1 
ATOM   28   C CD1 . ILE A 1 27  ? -16.310 0.771   -16.904 0.50 15.94  ? 1318 ILE A CD1 1 
ATOM   29   N N   . GLN A 1 28  ? -11.598 2.284   -15.753 1.00 10.84  ? 1319 GLN A N   1 
ATOM   30   C CA  . GLN A 1 28  ? -10.187 1.857   -15.792 1.00 10.68  ? 1319 GLN A CA  1 
ATOM   31   C C   . GLN A 1 28  ? -9.229  2.888   -15.217 1.00 11.25  ? 1319 GLN A C   1 
ATOM   32   O O   . GLN A 1 28  ? -8.055  2.529   -15.053 1.00 12.70  ? 1319 GLN A O   1 
ATOM   33   C CB  . GLN A 1 28  ? -9.751  1.502   -17.231 1.00 11.82  ? 1319 GLN A CB  1 
ATOM   34   C CG  . GLN A 1 28  ? -10.245 0.149   -17.729 1.00 12.44  ? 1319 GLN A CG  1 
ATOM   35   C CD  . GLN A 1 28  ? -11.553 0.213   -18.463 1.00 11.98  ? 1319 GLN A CD  1 
ATOM   36   O OE1 . GLN A 1 28  ? -11.769 1.035   -19.353 1.00 12.60  ? 1319 GLN A OE1 1 
ATOM   37   N NE2 . GLN A 1 28  ? -12.451 -0.615  -18.091 1.00 11.76  ? 1319 GLN A NE2 1 
ATOM   38   N N   . ALA A 1 29  ? -9.667  4.122   -14.939 1.00 11.75  ? 1320 ALA A N   1 
ATOM   39   C CA  . ALA A 1 29  ? -8.746  5.231   -14.623 1.00 11.56  ? 1320 ALA A CA  1 
ATOM   40   C C   . ALA A 1 29  ? -7.976  4.957   -13.317 1.00 11.63  ? 1320 ALA A C   1 
ATOM   41   O O   . ALA A 1 29  ? -6.881  5.505   -13.178 1.00 12.45  ? 1320 ALA A O   1 
ATOM   42   C CB  . ALA A 1 29  ? -9.551  6.514   -14.479 1.00 12.42  ? 1320 ALA A CB  1 
ATOM   43   N N   . TRP A 1 30  ? -8.500  4.134   -12.433 1.00 10.65  ? 1321 TRP A N   1 
ATOM   44   C CA  . TRP A 1 30  ? -7.815  3.896   -11.156 1.00 11.18  ? 1321 TRP A CA  1 
ATOM   45   C C   . TRP A 1 30  ? -6.421  3.355   -11.379 1.00 10.80  ? 1321 TRP A C   1 
ATOM   46   O O   . TRP A 1 30  ? -5.563  3.582   -10.516 1.00 11.00  ? 1321 TRP A O   1 
ATOM   47   C CB  . TRP A 1 30  ? -8.622  2.933   -10.312 1.00 11.09  ? 1321 TRP A CB  1 
ATOM   48   C CG  . TRP A 1 30  ? -8.731  1.590   -10.941 1.00 11.87  ? 1321 TRP A CG  1 
ATOM   49   C CD1 . TRP A 1 30  ? -9.620  1.203   -11.885 1.00 11.85  ? 1321 TRP A CD1 1 
ATOM   50   C CD2 . TRP A 1 30  ? -7.856  0.466   -10.742 1.00 10.74  ? 1321 TRP A CD2 1 
ATOM   51   N NE1 . TRP A 1 30  ? -9.400  -0.095  -12.249 1.00 12.00  ? 1321 TRP A NE1 1 
ATOM   52   C CE2 . TRP A 1 30  ? -8.319  -0.563  -11.577 1.00 11.66  ? 1321 TRP A CE2 1 
ATOM   53   C CE3 . TRP A 1 30  ? -6.762  0.204   -9.918  1.00 12.54  ? 1321 TRP A CE3 1 
ATOM   54   C CZ2 . TRP A 1 30  ? -7.732  -1.814  -11.627 1.00 12.59  ? 1321 TRP A CZ2 1 
ATOM   55   C CZ3 . TRP A 1 30  ? -6.193  -1.048  -9.939  1.00 11.54  ? 1321 TRP A CZ3 1 
ATOM   56   C CH2 . TRP A 1 30  ? -6.635  -2.015  -10.838 1.00 12.99  ? 1321 TRP A CH2 1 
ATOM   57   N N   . LYS A 1 31  ? -6.185  2.608   -12.439 1.00 10.74  ? 1322 LYS A N   1 
ATOM   58   C CA  . LYS A 1 31  ? -4.892  1.918   -12.558 1.00 11.32  ? 1322 LYS A CA  1 
ATOM   59   C C   . LYS A 1 31  ? -3.749  2.924   -12.722 1.00 11.48  ? 1322 LYS A C   1 
ATOM   60   O O   . LYS A 1 31  ? -2.771  2.893   -11.942 1.00 11.73  ? 1322 LYS A O   1 
ATOM   61   C CB  . LYS A 1 31  ? -4.976  0.869   -13.659 1.00 11.28  ? 1322 LYS A CB  1 
ATOM   62   C CG  . LYS A 1 31  ? -3.670  0.102   -13.829 1.00 11.71  ? 1322 LYS A CG  1 
ATOM   63   C CD  . LYS A 1 31  ? -3.818  -1.006  -14.828 1.00 11.99  ? 1322 LYS A CD  1 
ATOM   64   C CE  . LYS A 1 31  ? -2.571  -1.849  -14.957 1.00 12.52  ? 1322 LYS A CE  1 
ATOM   65   N NZ  . LYS A 1 31  ? -2.886  -2.960  -15.896 1.00 13.06  ? 1322 LYS A NZ  1 
ATOM   66   N N   . LYS A 1 32  ? -3.880  3.861   -13.642 1.00 12.19  ? 1323 LYS A N   1 
ATOM   67   C CA  . LYS A 1 32  ? -2.836  4.877   -13.813 1.00 12.81  ? 1323 LYS A CA  1 
ATOM   68   C C   . LYS A 1 32  ? -2.771  5.766   -12.568 1.00 12.36  ? 1323 LYS A C   1 
ATOM   69   O O   . LYS A 1 32  ? -1.710  6.207   -12.197 1.00 12.60  ? 1323 LYS A O   1 
ATOM   70   C CB  . LYS A 1 32  ? -3.106  5.711   -15.062 1.00 16.39  ? 1323 LYS A CB  1 
ATOM   71   C CG  . LYS A 1 32  ? -2.021  6.717   -15.391 1.00 21.50  ? 1323 LYS A CG  1 
ATOM   72   C CD  . LYS A 1 32  ? -2.286  7.527   -16.678 1.00 23.59  ? 1323 LYS A CD  1 
ATOM   73   N N   . GLN A 1 33  ? -3.926  6.062   -11.977 1.00 11.49  ? 1324 GLN A N   1 
ATOM   74   C CA  . GLN A 1 33  ? -3.923  6.874   -10.759 1.00 11.92  ? 1324 GLN A CA  1 
ATOM   75   C C   . GLN A 1 33  ? -3.127  6.146   -9.662  1.00 12.63  ? 1324 GLN A C   1 
ATOM   76   O O   . GLN A 1 33  ? -2.356  6.780   -8.936  1.00 12.13  ? 1324 GLN A O   1 
ATOM   77   C CB  . GLN A 1 33  ? -5.343  7.113   -10.280 1.00 12.01  ? 1324 GLN A CB  1 
ATOM   78   C CG  . GLN A 1 33  ? -6.097  8.070   -11.191 1.00 12.43  ? 1324 GLN A CG  1 
ATOM   79   C CD  . GLN A 1 33  ? -7.580  8.024   -11.004 1.00 13.82  ? 1324 GLN A CD  1 
ATOM   80   O OE1 . GLN A 1 33  ? -8.115  7.272   -10.216 1.00 14.47  ? 1324 GLN A OE1 1 
ATOM   81   N NE2 . GLN A 1 33  ? -8.267  8.780   -11.841 1.00 14.62  ? 1324 GLN A NE2 1 
ATOM   82   N N   . CYS A 1 34  ? -3.304  4.839   -9.520  1.00 12.20  ? 1325 CYS A N   1 
ATOM   83   C CA  . CYS A 1 34  ? -2.489  4.072   -8.572  1.00 11.01  ? 1325 CYS A CA  1 
ATOM   84   C C   . CYS A 1 34  ? -1.026  4.007   -8.984  1.00 11.32  ? 1325 CYS A C   1 
ATOM   85   O O   . CYS A 1 34  ? -0.149  4.097   -8.099  1.00 11.19  ? 1325 CYS A O   1 
ATOM   86   C CB  . CYS A 1 34  ? -3.031  2.681   -8.373  1.00 11.64  ? 1325 CYS A CB  1 
ATOM   87   S SG  . CYS A 1 34  ? -4.608  2.636   -7.494  1.00 11.64  ? 1325 CYS A SG  1 
ATOM   88   N N   . GLU A 1 35  ? -0.725  3.882   -10.258 1.00 11.37  ? 1326 GLU A N   1 
ATOM   89   C CA  . GLU A 1 35  ? 0.687   3.917   -10.684 1.00 11.77  ? 1326 GLU A CA  1 
ATOM   90   C C   . GLU A 1 35  ? 1.315   5.244   -10.265 1.00 12.03  ? 1326 GLU A C   1 
ATOM   91   O O   . GLU A 1 35  ? 2.438   5.221   -9.753  1.00 14.21  ? 1326 GLU A O   1 
ATOM   92   C CB  . GLU A 1 35  ? 0.821   3.750   -12.198 1.00 13.02  ? 1326 GLU A CB  1 
ATOM   93   C CG  . GLU A 1 35  ? 0.370   2.434   -12.749 1.00 16.85  ? 1326 GLU A CG  1 
ATOM   94   C CD  . GLU A 1 35  ? 0.233   2.357   -14.261 1.00 20.36  ? 1326 GLU A CD  1 
ATOM   95   O OE1 . GLU A 1 35  ? 0.326   3.410   -14.927 1.00 22.94  ? 1326 GLU A OE1 1 
ATOM   96   O OE2 . GLU A 1 35  ? -0.046  1.248   -14.749 1.00 24.41  ? 1326 GLU A OE2 1 
ATOM   97   N N   . GLU A 1 36  ? 0.605   6.331   -10.459 1.00 13.84  ? 1327 GLU A N   1 
ATOM   98   C CA  . GLU A 1 36  ? 1.144   7.654   -10.123 1.00 13.59  ? 1327 GLU A CA  1 
ATOM   99   C C   . GLU A 1 36  ? 1.337   7.782   -8.621  1.00 13.04  ? 1327 GLU A C   1 
ATOM   100  O O   . GLU A 1 36  ? 2.344   8.324   -8.193  1.00 14.29  ? 1327 GLU A O   1 
ATOM   101  C CB  . GLU A 1 36  ? 0.224   8.704   -10.739 1.00 17.49  ? 1327 GLU A CB  1 
ATOM   102  C CG  . GLU A 1 36  ? 0.247   8.635   -12.274 1.00 25.23  ? 1327 GLU A CG  1 
ATOM   103  C CD  . GLU A 1 36  ? 1.587   8.829   -12.978 1.00 32.73  ? 1327 GLU A CD  1 
ATOM   104  O OE1 . GLU A 1 36  ? 2.369   9.720   -12.556 1.00 41.69  ? 1327 GLU A OE1 1 
ATOM   105  O OE2 . GLU A 1 36  ? 1.856   8.089   -13.958 1.00 40.07  ? 1327 GLU A OE2 1 
ATOM   106  N N   . LEU A 1 37  ? 0.357   7.306   -7.860  1.00 12.54  ? 1328 LEU A N   1 
ATOM   107  C CA  . LEU A 1 37  ? 0.487   7.376   -6.391  1.00 12.29  ? 1328 LEU A CA  1 
ATOM   108  C C   . LEU A 1 37  ? 1.658   6.505   -5.934  1.00 12.18  ? 1328 LEU A C   1 
ATOM   109  O O   . LEU A 1 37  ? 2.395   6.937   -5.030  1.00 12.95  ? 1328 LEU A O   1 
ATOM   110  C CB  . LEU A 1 37  ? -0.828  6.945   -5.776  1.00 12.78  ? 1328 LEU A CB  1 
ATOM   111  C CG  . LEU A 1 37  ? -0.839  6.892   -4.265  1.00 13.62  ? 1328 LEU A CG  1 
ATOM   112  C CD1 . LEU A 1 37  ? -0.313  8.196   -3.655  1.00 14.21  ? 1328 LEU A CD1 1 
ATOM   113  C CD2 . LEU A 1 37  ? -2.218  6.588   -3.823  1.00 13.64  ? 1328 LEU A CD2 1 
ATOM   114  N N   . LEU A 1 38  ? 1.837   5.324   -6.493  1.00 11.67  ? 1329 LEU A N   1 
ATOM   115  C CA  . LEU A 1 38  ? 3.007   4.506   -6.148  1.00 12.36  ? 1329 LEU A CA  1 
ATOM   116  C C   . LEU A 1 38  ? 4.290   5.245   -6.506  1.00 13.47  ? 1329 LEU A C   1 
ATOM   117  O O   . LEU A 1 38  ? 5.253   5.175   -5.743  1.00 14.87  ? 1329 LEU A O   1 
ATOM   118  C CB  . LEU A 1 38  ? 2.943   3.157   -6.862  1.00 13.05  ? 1329 LEU A CB  1 
ATOM   119  C CG  . LEU A 1 38  ? 1.878   2.231   -6.297  1.00 12.50  ? 1329 LEU A CG  1 
ATOM   120  C CD1 . LEU A 1 38  ? 1.657   1.064   -7.226  1.00 14.27  ? 1329 LEU A CD1 1 
ATOM   121  C CD2 . LEU A 1 38  ? 2.210   1.718   -4.893  1.00 13.50  ? 1329 LEU A CD2 1 
ATOM   122  N N   . ASN A 1 39  ? 4.315   5.913   -7.634  1.00 14.52  ? 1330 ASN A N   1 
ATOM   123  C CA  . ASN A 1 39  ? 5.503   6.715   -8.000  1.00 17.68  ? 1330 ASN A CA  1 
ATOM   124  C C   . ASN A 1 39  ? 5.779   7.736   -6.890  1.00 15.81  ? 1330 ASN A C   1 
ATOM   125  O O   . ASN A 1 39  ? 6.966   7.860   -6.488  1.00 17.28  ? 1330 ASN A O   1 
ATOM   126  C CB  . ASN A 1 39  ? 5.359   7.419   -9.342  1.00 18.27  ? 1330 ASN A CB  1 
ATOM   127  C CG  . ASN A 1 39  ? 5.486   6.476   -10.516 1.00 22.13  ? 1330 ASN A CG  1 
ATOM   128  O OD1 . ASN A 1 39  ? 5.892   5.336   -10.373 1.00 24.22  ? 1330 ASN A OD1 1 
ATOM   129  N ND2 . ASN A 1 39  ? 5.060   6.921   -11.685 1.00 23.01  ? 1330 ASN A ND2 1 
ATOM   130  N N   . LEU A 1 40  ? 4.781   8.454   -6.433  1.00 14.74  ? 1331 LEU A N   1 
ATOM   131  C CA  . LEU A 1 40  ? 4.955   9.450   -5.354  1.00 15.39  ? 1331 LEU A CA  1 
ATOM   132  C C   . LEU A 1 40  ? 5.466   8.727   -4.120  1.00 15.07  ? 1331 LEU A C   1 
ATOM   133  O O   . LEU A 1 40  ? 6.401   9.242   -3.458  1.00 14.36  ? 1331 LEU A O   1 
ATOM   134  C CB  . LEU A 1 40  ? 3.652   10.166  -5.043  1.00 14.17  ? 1331 LEU A CB  1 
ATOM   135  C CG  . LEU A 1 40  ? 3.154   11.085  -6.150  1.00 15.17  ? 1331 LEU A CG  1 
ATOM   136  C CD1 . LEU A 1 40  ? 1.812   11.655  -5.759  1.00 17.45  ? 1331 LEU A CD1 1 
ATOM   137  C CD2 . LEU A 1 40  ? 4.193   12.168  -6.498  1.00 17.06  ? 1331 LEU A CD2 1 
ATOM   138  N N   . ILE A 1 41  ? 4.902   7.566   -3.792  1.00 13.41  ? 1332 ILE A N   1 
ATOM   139  C CA  . ILE A 1 41  ? 5.324   6.828   -2.571  1.00 11.73  ? 1332 ILE A CA  1 
ATOM   140  C C   . ILE A 1 41  ? 6.797   6.467   -2.692  1.00 12.82  ? 1332 ILE A C   1 
ATOM   141  O O   . ILE A 1 41  ? 7.548   6.615   -1.697  1.00 12.35  ? 1332 ILE A O   1 
ATOM   142  C CB  . ILE A 1 41  ? 4.416   5.617   -2.332  1.00 12.96  ? 1332 ILE A CB  1 
ATOM   143  C CG1 . ILE A 1 41  ? 3.083   6.176   -1.846  1.00 12.99  ? 1332 ILE A CG1 1 
ATOM   144  C CG2 . ILE A 1 41  ? 5.005   4.621   -1.345  1.00 11.59  ? 1332 ILE A CG2 1 
ATOM   145  C CD1 . ILE A 1 41  ? 1.947   5.222   -1.798  1.00 14.21  ? 1332 ILE A CD1 1 
ATOM   146  N N   . PHE A 1 42  ? 7.242   6.027   -3.855  1.00 13.91  ? 1333 PHE A N   1 
ATOM   147  C CA  . PHE A 1 42  ? 8.667   5.647   -4.036  1.00 15.86  ? 1333 PHE A CA  1 
ATOM   148  C C   . PHE A 1 42  ? 9.585   6.877   -3.990  1.00 17.61  ? 1333 PHE A C   1 
ATOM   149  O O   . PHE A 1 42  ? 10.785  6.687   -3.662  1.00 22.16  ? 1333 PHE A O   1 
ATOM   150  C CB  . PHE A 1 42  ? 8.789   4.860   -5.345  1.00 15.23  ? 1333 PHE A CB  1 
ATOM   151  C CG  . PHE A 1 42  ? 8.625   3.374   -5.208  1.00 15.38  ? 1333 PHE A CG  1 
ATOM   152  C CD1 . PHE A 1 42  ? 7.376   2.774   -5.358  1.00 16.39  ? 1333 PHE A CD1 1 
ATOM   153  C CD2 . PHE A 1 42  ? 9.737   2.568   -4.983  1.00 16.43  ? 1333 PHE A CD2 1 
ATOM   154  C CE1 . PHE A 1 42  ? 7.255   1.397   -5.275  1.00 16.06  ? 1333 PHE A CE1 1 
ATOM   155  C CE2 . PHE A 1 42  ? 9.589   1.195   -4.880  1.00 17.77  ? 1333 PHE A CE2 1 
ATOM   156  C CZ  . PHE A 1 42  ? 8.353   0.620   -4.991  1.00 17.50  ? 1333 PHE A CZ  1 
ATOM   157  N N   . GLN A 1 43  ? 9.090   8.093   -4.198  1.00 17.43  ? 1334 GLN A N   1 
ATOM   158  C CA  . GLN A 1 43  ? 9.938   9.313   -4.061  1.00 18.77  ? 1334 GLN A CA  1 
ATOM   159  C C   . GLN A 1 43  ? 10.024  9.744   -2.606  1.00 19.04  ? 1334 GLN A C   1 
ATOM   160  O O   . GLN A 1 43  ? 10.906  10.525  -2.236  1.00 22.05  ? 1334 GLN A O   1 
ATOM   161  C CB  . GLN A 1 43  ? 9.342   10.419  -4.925  1.00 23.84  ? 1334 GLN A CB  1 
ATOM   162  C CG  . GLN A 1 43  ? 9.703   10.229  -6.390  1.00 27.96  ? 1334 GLN A CG  1 
ATOM   163  C CD  . GLN A 1 43  ? 11.192  10.325  -6.651  1.00 30.57  ? 1334 GLN A CD  1 
ATOM   164  O OE1 . GLN A 1 43  ? 11.890  11.222  -6.146  1.00 30.10  ? 1334 GLN A OE1 1 
ATOM   165  N NE2 . GLN A 1 43  ? 11.693  9.420   -7.490  1.00 30.93  ? 1334 GLN A NE2 1 
ATOM   166  N N   A CYS A 1 44  ? 9.080   9.290   -1.760  0.19 17.28  ? 1335 CYS A N   1 
ATOM   167  N N   B CYS A 1 44  ? 9.168   9.178   -1.776  0.20 17.66  ? 1335 CYS A N   1 
ATOM   168  C CA  A CYS A 1 44  ? 9.024   9.618   -0.305  0.19 16.11  ? 1335 CYS A CA  1 
ATOM   169  C CA  B CYS A 1 44  ? 9.058   9.580   -0.368  0.20 16.75  ? 1335 CYS A CA  1 
ATOM   170  C C   A CYS A 1 44  ? 10.113  8.838   0.438   0.19 14.92  ? 1335 CYS A C   1 
ATOM   171  C C   B CYS A 1 44  ? 10.099  8.822   0.462   0.20 15.16  ? 1335 CYS A C   1 
ATOM   172  O O   A CYS A 1 44  ? 10.119  7.597   0.354   0.19 13.57  ? 1335 CYS A O   1 
ATOM   173  O O   B CYS A 1 44  ? 10.088  7.579   0.426   0.20 13.56  ? 1335 CYS A O   1 
ATOM   174  C CB  A CYS A 1 44  ? 7.695   9.259   0.355   0.19 16.46  ? 1335 CYS A CB  1 
ATOM   175  C CB  B CYS A 1 44  ? 7.646   9.314   0.101   0.20 17.53  ? 1335 CYS A CB  1 
ATOM   176  S SG  A CYS A 1 44  ? 6.277   10.236  -0.198  0.19 16.87  ? 1335 CYS A SG  1 
ATOM   177  S SG  B CYS A 1 44  ? 7.372   10.098  1.693   0.20 19.38  ? 1335 CYS A SG  1 
ATOM   178  N N   . GLU A 1 45  ? 10.970  9.538   1.183   1.00 14.61  ? 1336 GLU A N   1 
ATOM   179  C CA  . GLU A 1 45  ? 11.969  8.863   2.042   1.00 14.01  ? 1336 GLU A CA  1 
ATOM   180  C C   . GLU A 1 45  ? 11.288  7.890   3.027   1.00 12.38  ? 1336 GLU A C   1 
ATOM   181  O O   . GLU A 1 45  ? 11.878  6.846   3.346   1.00 12.52  ? 1336 GLU A O   1 
ATOM   182  C CB  . GLU A 1 45  ? 12.774  9.892   2.815   1.00 14.42  ? 1336 GLU A CB  1 
ATOM   183  C CG  . GLU A 1 45  ? 13.676  10.668  1.881   1.00 16.44  ? 1336 GLU A CG  1 
ATOM   184  C CD  . GLU A 1 45  ? 14.434  11.783  2.536   1.00 17.03  ? 1336 GLU A CD  1 
ATOM   185  O OE1 . GLU A 1 45  ? 14.326  11.973  3.737   1.00 19.75  ? 1336 GLU A OE1 1 
ATOM   186  O OE2 . GLU A 1 45  ? 15.159  12.465  1.807   1.00 19.04  ? 1336 GLU A OE2 1 
ATOM   187  N N   . ASP A 1 46  ? 10.101  8.243   3.488   1.00 11.73  ? 1337 ASP A N   1 
ATOM   188  C CA  . ASP A 1 46  ? 9.356   7.400   4.450   1.00 11.84  ? 1337 ASP A CA  1 
ATOM   189  C C   . ASP A 1 46  ? 9.021   6.028   3.861   1.00 10.59  ? 1337 ASP A C   1 
ATOM   190  O O   . ASP A 1 46  ? 8.727   5.133   4.664   1.00 12.07  ? 1337 ASP A O   1 
ATOM   191  C CB  . ASP A 1 46  ? 8.092   8.067   4.948   1.00 12.61  ? 1337 ASP A CB  1 
ATOM   192  C CG  . ASP A 1 46  ? 8.356   9.143   5.980   1.00 13.79  ? 1337 ASP A CG  1 
ATOM   193  O OD1 . ASP A 1 46  ? 9.447   9.103   6.621   1.00 15.44  ? 1337 ASP A OD1 1 
ATOM   194  O OD2 . ASP A 1 46  ? 7.452   9.940   6.195   1.00 13.79  ? 1337 ASP A OD2 1 
ATOM   195  N N   . SER A 1 47  ? 9.061   5.820   2.554   1.00 10.84  ? 1338 SER A N   1 
ATOM   196  C CA  . SER A 1 47  ? 8.761   4.483   2.006   1.00 10.79  ? 1338 SER A CA  1 
ATOM   197  C C   . SER A 1 47  ? 9.950   3.546   1.974   1.00 10.35  ? 1338 SER A C   1 
ATOM   198  O O   . SER A 1 47  ? 9.806   2.387   1.696   1.00 11.04  ? 1338 SER A O   1 
ATOM   199  C CB  . SER A 1 47  ? 8.184   4.584   0.629   1.00 11.57  ? 1338 SER A CB  1 
ATOM   200  O OG  . SER A 1 47  ? 9.137   4.942   -0.368  1.00 11.78  ? 1338 SER A OG  1 
ATOM   201  N N   . GLU A 1 48  ? 11.145  4.080   2.219   1.00 12.07  ? 1339 GLU A N   1 
ATOM   202  C CA  . GLU A 1 48  ? 12.355  3.261   1.981   1.00 13.50  ? 1339 GLU A CA  1 
ATOM   203  C C   . GLU A 1 48  ? 12.314  1.903   2.676   1.00 11.97  ? 1339 GLU A C   1 
ATOM   204  O O   . GLU A 1 48  ? 12.657  0.906   2.064   1.00 12.32  ? 1339 GLU A O   1 
ATOM   205  C CB  . GLU A 1 48  ? 13.646  4.018   2.299   1.00 15.97  ? 1339 GLU A CB  1 
ATOM   206  C CG  . GLU A 1 48  ? 14.874  3.349   1.688   1.00 19.84  ? 1339 GLU A CG  1 
ATOM   207  C CD  . GLU A 1 48  ? 15.399  2.145   2.439   1.00 24.23  ? 1339 GLU A CD  1 
ATOM   208  O OE1 . GLU A 1 48  ? 15.158  2.094   3.625   1.00 22.52  ? 1339 GLU A OE1 1 
ATOM   209  O OE2 . GLU A 1 48  ? 16.080  1.275   1.818   1.00 32.12  ? 1339 GLU A OE2 1 
ATOM   210  N N   . PRO A 1 49  ? 11.865  1.787   3.949   0.39 11.91  ? 1340 PRO A N   1 
ATOM   211  C CA  . PRO A 1 49  ? 11.787  0.474   4.599   0.39 11.59  ? 1340 PRO A CA  1 
ATOM   212  C C   . PRO A 1 49  ? 10.850  -0.523  3.900   0.39 11.33  ? 1340 PRO A C   1 
ATOM   213  O O   . PRO A 1 49  ? 10.996  -1.726  4.089   0.39 11.52  ? 1340 PRO A O   1 
ATOM   214  C CB  . PRO A 1 49  ? 11.226  0.792   5.994   0.39 12.02  ? 1340 PRO A CB  1 
ATOM   215  C CG  . PRO A 1 49  ? 11.628  2.226   6.237   0.39 12.33  ? 1340 PRO A CG  1 
ATOM   216  C CD  . PRO A 1 49  ? 11.507  2.875   4.871   0.39 12.12  ? 1340 PRO A CD  1 
ATOM   217  N N   . PHE A 1 50  ? 9.906   -0.010  3.118   0.39 11.42  ? 1341 PHE A N   1 
ATOM   218  C CA  . PHE A 1 50  ? 8.723   -0.770  2.658   0.39 11.02  ? 1341 PHE A CA  1 
ATOM   219  C C   . PHE A 1 50  ? 8.749   -0.966  1.145   0.39 11.28  ? 1341 PHE A C   1 
ATOM   220  O O   . PHE A 1 50  ? 7.675   -1.151  0.565   0.39 11.49  ? 1341 PHE A O   1 
ATOM   221  C CB  . PHE A 1 50  ? 7.462   -0.035  3.114   0.39 10.47  ? 1341 PHE A CB  1 
ATOM   222  C CG  . PHE A 1 50  ? 7.502   0.296   4.580   0.39 10.20  ? 1341 PHE A CG  1 
ATOM   223  C CD1 . PHE A 1 50  ? 7.419   -0.723  5.514   0.39 9.94   ? 1341 PHE A CD1 1 
ATOM   224  C CD2 . PHE A 1 50  ? 7.683   1.594   5.022   0.39 10.15  ? 1341 PHE A CD2 1 
ATOM   225  C CE1 . PHE A 1 50  ? 7.482   -0.443  6.868   0.39 10.10  ? 1341 PHE A CE1 1 
ATOM   226  C CE2 . PHE A 1 50  ? 7.742   1.877   6.376   0.39 10.21  ? 1341 PHE A CE2 1 
ATOM   227  C CZ  . PHE A 1 50  ? 7.643   0.853   7.296   0.39 10.10  ? 1341 PHE A CZ  1 
ATOM   228  N N   . ARG A 1 51  ? 9.926   -0.990  0.518   0.39 11.58  ? 1342 ARG A N   1 
ATOM   229  C CA  . ARG A 1 51  ? 10.003  -1.141  -0.958  0.39 12.08  ? 1342 ARG A CA  1 
ATOM   230  C C   . ARG A 1 51  ? 10.538  -2.518  -1.330  0.39 13.03  ? 1342 ARG A C   1 
ATOM   231  O O   . ARG A 1 51  ? 10.634  -2.765  -2.545  0.39 14.37  ? 1342 ARG A O   1 
ATOM   232  C CB  . ARG A 1 51  ? 10.944  -0.117  -1.589  0.39 12.40  ? 1342 ARG A CB  1 
ATOM   233  C CG  . ARG A 1 51  ? 10.506  1.324   -1.408  0.39 12.32  ? 1342 ARG A CG  1 
ATOM   234  C CD  . ARG A 1 51  ? 11.571  2.245   -1.957  0.39 12.66  ? 1342 ARG A CD  1 
ATOM   235  N NE  . ARG A 1 51  ? 11.338  3.617   -1.549  0.39 12.48  ? 1342 ARG A NE  1 
ATOM   236  C CZ  . ARG A 1 51  ? 12.256  4.581   -1.574  0.39 13.62  ? 1342 ARG A CZ  1 
ATOM   237  N NH1 . ARG A 1 51  ? 13.482  4.331   -2.007  0.39 13.80  ? 1342 ARG A NH1 1 
ATOM   238  N NH2 . ARG A 1 51  ? 11.940  5.800   -1.168  0.39 13.79  ? 1342 ARG A NH2 1 
ATOM   239  N N   . GLN A 1 52  ? 10.920  -3.337  -0.348  0.39 12.90  ? 1343 GLN A N   1 
ATOM   240  C CA  . GLN A 1 52  ? 11.512  -4.677  -0.568  0.39 14.19  ? 1343 GLN A CA  1 
ATOM   241  C C   . GLN A 1 52  ? 11.266  -5.540  0.665   0.39 13.61  ? 1343 GLN A C   1 
ATOM   242  O O   . GLN A 1 52  ? 10.934  -5.032  1.737   0.39 13.08  ? 1343 GLN A O   1 
ATOM   243  C CB  . GLN A 1 52  ? 13.016  -4.575  -0.841  0.39 15.47  ? 1343 GLN A CB  1 
ATOM   244  C CG  . GLN A 1 52  ? 13.383  -4.051  -2.227  0.39 17.39  ? 1343 GLN A CG  1 
ATOM   245  C CD  . GLN A 1 52  ? 12.926  -4.928  -3.370  0.39 18.59  ? 1343 GLN A CD  1 
ATOM   246  O OE1 . GLN A 1 52  ? 13.163  -6.132  -3.385  0.39 20.47  ? 1343 GLN A OE1 1 
ATOM   247  N NE2 . GLN A 1 52  ? 12.279  -4.325  -4.360  0.39 18.93  ? 1343 GLN A NE2 1 
ATOM   248  N N   . PRO A 1 53  ? 11.400  -6.880  0.528   0.39 13.75  ? 1344 PRO A N   1 
ATOM   249  C CA  . PRO A 1 53  ? 11.228  -7.802  1.652   0.39 13.80  ? 1344 PRO A CA  1 
ATOM   250  C C   . PRO A 1 53  ? 12.202  -7.586  2.820   0.39 13.52  ? 1344 PRO A C   1 
ATOM   251  O O   . PRO A 1 53  ? 13.277  -7.061  2.629   0.39 13.03  ? 1344 PRO A O   1 
ATOM   252  C CB  . PRO A 1 53  ? 11.487  -9.178  1.023   0.39 14.30  ? 1344 PRO A CB  1 
ATOM   253  C CG  . PRO A 1 53  ? 11.127  -8.976  -0.430  0.39 14.47  ? 1344 PRO A CG  1 
ATOM   254  C CD  . PRO A 1 53  ? 11.643  -7.590  -0.739  0.39 14.36  ? 1344 PRO A CD  1 
ATOM   255  N N   . VAL A 1 54  ? 11.791  -8.008  4.010   0.39 13.17  ? 1345 VAL A N   1 
ATOM   256  C CA  . VAL A 1 54  ? 12.645  -7.994  5.231   0.39 13.69  ? 1345 VAL A CA  1 
ATOM   257  C C   . VAL A 1 54  ? 13.720  -9.084  5.108   0.39 14.25  ? 1345 VAL A C   1 
ATOM   258  O O   . VAL A 1 54  ? 13.369  -10.253 4.875   0.39 14.49  ? 1345 VAL A O   1 
ATOM   259  C CB  . VAL A 1 54  ? 11.787  -8.145  6.496   0.39 13.47  ? 1345 VAL A CB  1 
ATOM   260  C CG1 . VAL A 1 54  ? 12.631  -8.132  7.760   0.39 13.32  ? 1345 VAL A CG1 1 
ATOM   261  C CG2 . VAL A 1 54  ? 10.731  -7.053  6.555   0.39 13.58  ? 1345 VAL A CG2 1 
ATOM   262  N N   . ASP A 1 55  ? 14.986  -8.693  5.246   0.39 15.34  ? 1346 ASP A N   1 
ATOM   263  C CA  . ASP A 1 55  ? 16.150  -9.612  5.303   0.39 15.94  ? 1346 ASP A CA  1 
ATOM   264  C C   . ASP A 1 55  ? 16.096  -10.311 6.663   0.39 15.78  ? 1346 ASP A C   1 
ATOM   265  O O   . ASP A 1 55  ? 16.149  -9.592  7.673   0.39 16.13  ? 1346 ASP A O   1 
ATOM   266  C CB  . ASP A 1 55  ? 17.453  -8.831  5.126   0.39 17.50  ? 1346 ASP A CB  1 
ATOM   267  C CG  . ASP A 1 55  ? 18.646  -9.714  4.837   0.39 19.30  ? 1346 ASP A CG  1 
ATOM   268  O OD1 . ASP A 1 55  ? 18.767  -10.753 5.500   0.39 20.84  ? 1346 ASP A OD1 1 
ATOM   269  O OD2 . ASP A 1 55  ? 19.418  -9.365  3.925   0.39 21.15  ? 1346 ASP A OD2 1 
ATOM   270  N N   . LEU A 1 56  ? 15.931  -11.636 6.707   0.39 16.07  ? 1347 LEU A N   1 
ATOM   271  C CA  . LEU A 1 56  ? 15.773  -12.354 8.003   0.39 16.00  ? 1347 LEU A CA  1 
ATOM   272  C C   . LEU A 1 56  ? 17.110  -12.384 8.759   0.39 16.31  ? 1347 LEU A C   1 
ATOM   273  O O   . LEU A 1 56  ? 17.065  -12.536 9.977   0.39 16.22  ? 1347 LEU A O   1 
ATOM   274  C CB  . LEU A 1 56  ? 15.163  -13.743 7.768   0.39 15.76  ? 1347 LEU A CB  1 
ATOM   275  C CG  . LEU A 1 56  ? 13.652  -13.727 7.513   0.39 16.26  ? 1347 LEU A CG  1 
ATOM   276  C CD1 . LEU A 1 56  ? 13.145  -15.104 7.100   0.39 16.70  ? 1347 LEU A CD1 1 
ATOM   277  C CD2 . LEU A 1 56  ? 12.898  -13.214 8.734   0.39 16.59  ? 1347 LEU A CD2 1 
ATOM   278  N N   . LEU A 1 57  ? 18.245  -12.144 8.090   0.39 16.21  ? 1348 LEU A N   1 
ATOM   279  C CA  . LEU A 1 57  ? 19.564  -11.976 8.770   0.39 17.40  ? 1348 LEU A CA  1 
ATOM   280  C C   . LEU A 1 57  ? 19.563  -10.687 9.609   0.39 16.71  ? 1348 LEU A C   1 
ATOM   281  O O   . LEU A 1 57  ? 20.357  -10.599 10.572  0.39 18.08  ? 1348 LEU A O   1 
ATOM   282  C CB  . LEU A 1 57  ? 20.697  -11.958 7.738   0.39 18.14  ? 1348 LEU A CB  1 
ATOM   283  C CG  . LEU A 1 57  ? 21.014  -13.293 7.062   0.39 19.03  ? 1348 LEU A CG  1 
ATOM   284  C CD1 . LEU A 1 57  ? 20.923  -14.454 8.040   0.39 19.75  ? 1348 LEU A CD1 1 
ATOM   285  C CD2 . LEU A 1 57  ? 20.123  -13.537 5.853   0.39 19.48  ? 1348 LEU A CD2 1 
ATOM   286  N N   . GLU A 1 58  ? 18.697  -9.731  9.271   0.39 15.76  ? 1349 GLU A N   1 
ATOM   287  C CA  . GLU A 1 58  ? 18.573  -8.436  9.989   0.39 15.40  ? 1349 GLU A CA  1 
ATOM   288  C C   . GLU A 1 58  ? 17.447  -8.523  11.026  0.39 15.23  ? 1349 GLU A C   1 
ATOM   289  O O   . GLU A 1 58  ? 17.603  -7.965  12.134  0.39 15.96  ? 1349 GLU A O   1 
ATOM   290  C CB  . GLU A 1 58  ? 18.308  -7.318  8.985   0.39 15.38  ? 1349 GLU A CB  1 
ATOM   291  C CG  . GLU A 1 58  ? 19.499  -7.015  8.087   0.39 15.64  ? 1349 GLU A CG  1 
ATOM   292  C CD  . GLU A 1 58  ? 19.243  -5.921  7.068   0.39 16.35  ? 1349 GLU A CD  1 
ATOM   293  O OE1 . GLU A 1 58  ? 18.067  -5.523  6.903   0.39 16.66  ? 1349 GLU A OE1 1 
ATOM   294  O OE2 . GLU A 1 58  ? 20.211  -5.461  6.444   0.39 17.42  ? 1349 GLU A OE2 1 
ATOM   295  N N   . TYR A 1 59  ? 16.344  -9.178  10.664  0.39 15.56  ? 1350 TYR A N   1 
ATOM   296  C CA  . TYR A 1 59  ? 15.131  -9.330  11.510  0.39 15.81  ? 1350 TYR A CA  1 
ATOM   297  C C   . TYR A 1 59  ? 14.745  -10.803 11.518  0.39 17.19  ? 1350 TYR A C   1 
ATOM   298  O O   . TYR A 1 59  ? 13.754  -11.206 10.924  0.39 16.16  ? 1350 TYR A O   1 
ATOM   299  C CB  . TYR A 1 59  ? 14.020  -8.409  11.001  0.39 15.13  ? 1350 TYR A CB  1 
ATOM   300  C CG  . TYR A 1 59  ? 14.416  -6.960  10.874  0.39 14.42  ? 1350 TYR A CG  1 
ATOM   301  C CD1 . TYR A 1 59  ? 14.160  -6.054  11.886  0.39 14.40  ? 1350 TYR A CD1 1 
ATOM   302  C CD2 . TYR A 1 59  ? 15.077  -6.496  9.744   0.39 14.17  ? 1350 TYR A CD2 1 
ATOM   303  C CE1 . TYR A 1 59  ? 14.515  -4.720  11.768  0.39 13.82  ? 1350 TYR A CE1 1 
ATOM   304  C CE2 . TYR A 1 59  ? 15.448  -5.169  9.613   0.39 13.66  ? 1350 TYR A CE2 1 
ATOM   305  C CZ  . TYR A 1 59  ? 15.161  -4.276  10.627  0.39 13.71  ? 1350 TYR A CZ  1 
ATOM   306  O OH  . TYR A 1 59  ? 15.515  -2.962  10.507  0.39 13.97  ? 1350 TYR A OH  1 
ATOM   307  N N   . PRO A 1 60  ? 15.544  -11.648 12.202  1.00 19.63  ? 1351 PRO A N   1 
ATOM   308  C CA  . PRO A 1 60  ? 15.330  -13.079 12.171  1.00 18.82  ? 1351 PRO A CA  1 
ATOM   309  C C   . PRO A 1 60  ? 13.954  -13.574 12.658  1.00 17.02  ? 1351 PRO A C   1 
ATOM   310  O O   . PRO A 1 60  ? 13.561  -14.650 12.266  1.00 19.20  ? 1351 PRO A O   1 
ATOM   311  C CB  . PRO A 1 60  ? 16.473  -13.633 13.060  1.00 20.26  ? 1351 PRO A CB  1 
ATOM   312  C CG  . PRO A 1 60  ? 17.212  -12.492 13.643  1.00 22.60  ? 1351 PRO A CG  1 
ATOM   313  C CD  . PRO A 1 60  ? 16.675  -11.214 13.038  1.00 19.89  ? 1351 PRO A CD  1 
ATOM   314  N N   . ASP A 1 61  ? 13.268  -12.800 13.482  1.00 17.69  ? 1352 ASP A N   1 
ATOM   315  C CA  . ASP A 1 61  ? 11.955  -13.272 13.988  1.00 17.36  ? 1352 ASP A CA  1 
ATOM   316  C C   . ASP A 1 61  ? 10.782  -12.789 13.113  1.00 16.48  ? 1352 ASP A C   1 
ATOM   317  O O   . ASP A 1 61  ? 9.621   -13.054 13.437  1.00 16.08  ? 1352 ASP A O   1 
ATOM   318  C CB  . ASP A 1 61  ? 11.769  -12.752 15.400  1.00 20.26  ? 1352 ASP A CB  1 
ATOM   319  C CG  . ASP A 1 61  ? 11.806  -11.257 15.492  1.00 20.54  ? 1352 ASP A CG  1 
ATOM   320  O OD1 . ASP A 1 61  ? 12.441  -10.607 14.598  1.00 20.96  ? 1352 ASP A OD1 1 
ATOM   321  O OD2 . ASP A 1 61  ? 11.292  -10.735 16.491  1.00 24.89  ? 1352 ASP A OD2 1 
ATOM   322  N N   . TYR A 1 62  ? 11.070  -12.091 12.014  0.39 15.94  ? 1353 TYR A N   1 
ATOM   323  C CA  . TYR A 1 62  ? 10.035  -11.328 11.270  0.39 15.89  ? 1353 TYR A CA  1 
ATOM   324  C C   . TYR A 1 62  ? 8.876   -12.258 10.873  0.39 16.13  ? 1353 TYR A C   1 
ATOM   325  O O   . TYR A 1 62  ? 7.714   -11.876 11.099  0.39 15.95  ? 1353 TYR A O   1 
ATOM   326  C CB  . TYR A 1 62  ? 10.666  -10.589 10.093  0.39 14.95  ? 1353 TYR A CB  1 
ATOM   327  C CG  . TYR A 1 62  ? 9.712   -9.654  9.402   0.39 14.45  ? 1353 TYR A CG  1 
ATOM   328  C CD1 . TYR A 1 62  ? 9.293   -8.499  10.030  0.39 14.14  ? 1353 TYR A CD1 1 
ATOM   329  C CD2 . TYR A 1 62  ? 9.187   -9.957  8.154   0.39 14.21  ? 1353 TYR A CD2 1 
ATOM   330  C CE1 . TYR A 1 62  ? 8.389   -7.646  9.422   0.39 13.49  ? 1353 TYR A CE1 1 
ATOM   331  C CE2 . TYR A 1 62  ? 8.292   -9.107  7.526   0.39 13.58  ? 1353 TYR A CE2 1 
ATOM   332  C CZ  . TYR A 1 62  ? 7.892   -7.949  8.167   0.39 13.36  ? 1353 TYR A CZ  1 
ATOM   333  O OH  . TYR A 1 62  ? 7.005   -7.113  7.560   0.39 12.91  ? 1353 TYR A OH  1 
ATOM   334  N N   . ARG A 1 63  ? 9.164   -13.446 10.329  1.00 16.95  ? 1354 ARG A N   1 
ATOM   335  C CA  . ARG A 1 63  ? 8.121   -14.380 9.866   1.00 16.75  ? 1354 ARG A CA  1 
ATOM   336  C C   . ARG A 1 63  ? 7.479   -15.168 11.013  1.00 17.08  ? 1354 ARG A C   1 
ATOM   337  O O   . ARG A 1 63  ? 6.458   -15.770 10.777  1.00 17.35  ? 1354 ARG A O   1 
ATOM   338  C CB  . ARG A 1 63  ? 8.607   -15.318 8.760   1.00 19.25  ? 1354 ARG A CB  1 
ATOM   339  C CG  . ARG A 1 63  ? 9.034   -14.589 7.501   1.00 21.40  ? 1354 ARG A CG  1 
ATOM   340  C CD  . ARG A 1 63  ? 7.938   -13.707 6.913   1.00 21.12  ? 1354 ARG A CD  1 
ATOM   341  N NE  . ARG A 1 63  ? 6.794   -14.551 6.626   1.00 22.48  ? 1354 ARG A NE  1 
ATOM   342  C CZ  . ARG A 1 63  ? 6.680   -15.303 5.542   1.00 25.30  ? 1354 ARG A CZ  1 
ATOM   343  N NH1 . ARG A 1 63  ? 7.612   -15.277 4.600   1.00 24.21  ? 1354 ARG A NH1 1 
ATOM   344  N NH2 . ARG A 1 63  ? 5.623   -16.067 5.398   1.00 27.81  ? 1354 ARG A NH2 1 
ATOM   345  N N   . ASP A 1 64  ? 7.991   -15.057 12.238  1.00 15.61  ? 1355 ASP A N   1 
ATOM   346  C CA  . ASP A 1 64  ? 7.312   -15.617 13.427  1.00 17.55  ? 1355 ASP A CA  1 
ATOM   347  C C   . ASP A 1 64  ? 6.116   -14.722 13.779  1.00 18.38  ? 1355 ASP A C   1 
ATOM   348  O O   . ASP A 1 64  ? 5.159   -15.212 14.366  1.00 21.30  ? 1355 ASP A O   1 
ATOM   349  C CB  . ASP A 1 64  ? 8.217   -15.646 14.654  1.00 19.65  ? 1355 ASP A CB  1 
ATOM   350  C CG  . ASP A 1 64  ? 9.464   -16.488 14.532  1.00 21.22  ? 1355 ASP A CG  1 
ATOM   351  O OD1 . ASP A 1 64  ? 9.549   -17.275 13.589  1.00 23.11  ? 1355 ASP A OD1 1 
ATOM   352  O OD2 . ASP A 1 64  ? 10.361  -16.291 15.349  1.00 24.43  ? 1355 ASP A OD2 1 
ATOM   353  N N   A ILE A 1 65  ? 6.160   -13.440 13.413  0.19 17.98  ? 1356 ILE A N   1 
ATOM   354  N N   B ILE A 1 65  ? 6.228   -13.426 13.437  0.20 17.07  ? 1356 ILE A N   1 
ATOM   355  C CA  A ILE A 1 65  ? 5.093   -12.457 13.769  0.19 16.76  ? 1356 ILE A CA  1 
ATOM   356  C CA  B ILE A 1 65  ? 5.270   -12.334 13.798  0.20 15.43  ? 1356 ILE A CA  1 
ATOM   357  C C   A ILE A 1 65  ? 4.217   -12.194 12.546  0.19 16.18  ? 1356 ILE A C   1 
ATOM   358  C C   B ILE A 1 65  ? 4.318   -12.075 12.616  0.20 15.47  ? 1356 ILE A C   1 
ATOM   359  O O   A ILE A 1 65  ? 2.976   -12.114 12.689  0.19 16.44  ? 1356 ILE A O   1 
ATOM   360  O O   B ILE A 1 65  ? 3.110   -11.895 12.868  0.20 16.10  ? 1356 ILE A O   1 
ATOM   361  C CB  A ILE A 1 65  ? 5.733   -11.172 14.313  0.19 17.13  ? 1356 ILE A CB  1 
ATOM   362  C CB  B ILE A 1 65  ? 6.043   -11.064 14.233  0.20 14.82  ? 1356 ILE A CB  1 
ATOM   363  C CG1 A ILE A 1 65  ? 6.570   -11.467 15.559  0.19 17.35  ? 1356 ILE A CG1 1 
ATOM   364  C CG1 B ILE A 1 65  ? 7.123   -11.337 15.292  0.20 14.64  ? 1356 ILE A CG1 1 
ATOM   365  C CG2 A ILE A 1 65  ? 4.682   -10.104 14.574  0.19 17.32  ? 1356 ILE A CG2 1 
ATOM   366  C CG2 B ILE A 1 65  ? 5.087   -9.966  14.686  0.20 14.98  ? 1356 ILE A CG2 1 
ATOM   367  C CD1 A ILE A 1 65  ? 7.725   -10.534 15.736  0.19 17.57  ? 1356 ILE A CD1 1 
ATOM   368  C CD1 B ILE A 1 65  ? 6.616   -11.931 16.590  0.20 14.76  ? 1356 ILE A CD1 1 
ATOM   369  N N   . ILE A 1 66  ? 4.844   -12.060 11.385  1.00 15.24  ? 1357 ILE A N   1 
ATOM   370  C CA  . ILE A 1 66  ? 4.139   -11.622 10.158  1.00 15.69  ? 1357 ILE A CA  1 
ATOM   371  C C   . ILE A 1 66  ? 3.910   -12.840 9.272   1.00 15.34  ? 1357 ILE A C   1 
ATOM   372  O O   . ILE A 1 66  ? 4.889   -13.371 8.735   1.00 19.07  ? 1357 ILE A O   1 
ATOM   373  C CB  . ILE A 1 66  ? 4.970   -10.529 9.460   1.00 14.66  ? 1357 ILE A CB  1 
ATOM   374  C CG1 . ILE A 1 66  ? 5.143   -9.300  10.354  1.00 14.54  ? 1357 ILE A CG1 1 
ATOM   375  C CG2 . ILE A 1 66  ? 4.381   -10.212 8.094   1.00 15.16  ? 1357 ILE A CG2 1 
ATOM   376  C CD1 . ILE A 1 66  ? 3.846   -8.750  10.919  1.00 14.08  ? 1357 ILE A CD1 1 
ATOM   377  N N   . ASP A 1 67  ? 2.653   -13.187 9.073   1.00 17.52  ? 1358 ASP A N   1 
ATOM   378  C CA  . ASP A 1 67  ? 2.234   -14.333 8.223   1.00 19.95  ? 1358 ASP A CA  1 
ATOM   379  C C   . ASP A 1 67  ? 2.356   -13.984 6.741   1.00 18.38  ? 1358 ASP A C   1 
ATOM   380  O O   . ASP A 1 67  ? 2.610   -14.868 5.922   1.00 18.84  ? 1358 ASP A O   1 
ATOM   381  C CB  . ASP A 1 67  ? 0.752   -14.685 8.428   1.00 25.32  ? 1358 ASP A CB  1 
ATOM   382  C CG  . ASP A 1 67  ? 0.374   -15.352 9.725   1.00 33.80  ? 1358 ASP A CG  1 
ATOM   383  O OD1 . ASP A 1 67  ? 1.279   -15.825 10.418  1.00 40.08  ? 1358 ASP A OD1 1 
ATOM   384  O OD2 . ASP A 1 67  ? -0.830  -15.368 10.025  1.00 42.82  ? 1358 ASP A OD2 1 
ATOM   385  N N   . THR A 1 68  ? 1.984   -12.759 6.361   1.00 16.83  ? 1359 THR A N   1 
ATOM   386  C CA  . THR A 1 68  ? 1.821   -12.374 4.951   1.00 15.45  ? 1359 THR A CA  1 
ATOM   387  C C   . THR A 1 68  ? 2.609   -11.098 4.703   1.00 14.44  ? 1359 THR A C   1 
ATOM   388  O O   . THR A 1 68  ? 2.073   -9.988  4.835   1.00 14.41  ? 1359 THR A O   1 
ATOM   389  C CB  . THR A 1 68  ? 0.360   -12.136 4.590   1.00 17.28  ? 1359 THR A CB  1 
ATOM   390  O OG1 . THR A 1 68  ? -0.378  -13.277 4.997   1.00 22.09  ? 1359 THR A OG1 1 
ATOM   391  C CG2 . THR A 1 68  ? 0.159   -11.935 3.114   1.00 19.06  ? 1359 THR A CG2 1 
ATOM   392  N N   . PRO A 1 69  ? 3.872   -11.223 4.318   1.00 14.37  ? 1360 PRO A N   1 
ATOM   393  C CA  . PRO A 1 69  ? 4.675   -10.056 3.976   1.00 14.13  ? 1360 PRO A CA  1 
ATOM   394  C C   . PRO A 1 69  ? 4.062   -9.282  2.812   1.00 12.10  ? 1360 PRO A C   1 
ATOM   395  O O   . PRO A 1 69  ? 3.430   -9.847  1.939   1.00 13.54  ? 1360 PRO A O   1 
ATOM   396  C CB  . PRO A 1 69  ? 6.038   -10.620 3.585   1.00 17.26  ? 1360 PRO A CB  1 
ATOM   397  C CG  . PRO A 1 69  ? 6.086   -11.985 4.217   1.00 19.06  ? 1360 PRO A CG  1 
ATOM   398  C CD  . PRO A 1 69  ? 4.652   -12.486 4.268   1.00 16.31  ? 1360 PRO A CD  1 
ATOM   399  N N   . MET A 1 70  ? 4.313   -7.985  2.805   1.00 11.65  ? 1361 MET A N   1 
ATOM   400  C CA  . MET A 1 70  ? 3.901   -7.169  1.667   1.00 11.50  ? 1361 MET A CA  1 
ATOM   401  C C   . MET A 1 70  ? 4.829   -5.976  1.620   1.00 10.24  ? 1361 MET A C   1 
ATOM   402  O O   . MET A 1 70  ? 5.309   -5.527  2.631   1.00 10.54  ? 1361 MET A O   1 
ATOM   403  C CB  . MET A 1 70  ? 2.447   -6.723  1.782   1.00 11.58  ? 1361 MET A CB  1 
ATOM   404  C CG  . MET A 1 70  ? 1.896   -6.069  0.561   1.00 11.63  ? 1361 MET A CG  1 
ATOM   405  S SD  . MET A 1 70  ? 2.056   -6.923  -0.987  1.00 12.14  ? 1361 MET A SD  1 
ATOM   406  C CE  . MET A 1 70  ? 1.200   -8.465  -0.682  1.00 13.61  ? 1361 MET A CE  1 
ATOM   407  N N   . ASP A 1 71  ? 5.141   -5.526  0.407   0.39 10.36  ? 1362 ASP A N   1 
ATOM   408  C CA  . ASP A 1 71  ? 5.971   -4.320  0.184   0.39 10.84  ? 1362 ASP A CA  1 
ATOM   409  C C   . ASP A 1 71  ? 5.463   -3.604  -1.067  0.39 10.65  ? 1362 ASP A C   1 
ATOM   410  O O   . ASP A 1 71  ? 4.660   -4.181  -1.821  0.39 10.67  ? 1362 ASP A O   1 
ATOM   411  C CB  . ASP A 1 71  ? 7.464   -4.657  0.112   0.39 11.50  ? 1362 ASP A CB  1 
ATOM   412  C CG  . ASP A 1 71  ? 7.866   -5.628  -0.982  0.39 12.15  ? 1362 ASP A CG  1 
ATOM   413  O OD1 . ASP A 1 71  ? 8.640   -6.542  -0.677  0.39 12.03  ? 1362 ASP A OD1 1 
ATOM   414  O OD2 . ASP A 1 71  ? 7.441   -5.443  -2.133  0.39 12.71  ? 1362 ASP A OD2 1 
ATOM   415  N N   . PHE A 1 72  ? 5.934   -2.379  -1.281  1.00 10.32  ? 1363 PHE A N   1 
ATOM   416  C CA  . PHE A 1 72  ? 5.456   -1.562  -2.400  1.00 10.46  ? 1363 PHE A CA  1 
ATOM   417  C C   . PHE A 1 72  ? 5.932   -2.080  -3.739  1.00 11.13  ? 1363 PHE A C   1 
ATOM   418  O O   . PHE A 1 72  ? 5.241   -1.813  -4.733  1.00 11.66  ? 1363 PHE A O   1 
ATOM   419  C CB  . PHE A 1 72  ? 5.806   -0.085  -2.226  1.00 10.30  ? 1363 PHE A CB  1 
ATOM   420  C CG  . PHE A 1 72  ? 4.945   0.561   -1.190  1.00 9.89   ? 1363 PHE A CG  1 
ATOM   421  C CD1 . PHE A 1 72  ? 3.648   0.859   -1.498  1.00 10.57  ? 1363 PHE A CD1 1 
ATOM   422  C CD2 . PHE A 1 72  ? 5.444   0.905   0.039   1.00 11.12  ? 1363 PHE A CD2 1 
ATOM   423  C CE1 . PHE A 1 72  ? 2.828   1.428   -0.562  1.00 11.64  ? 1363 PHE A CE1 1 
ATOM   424  C CE2 . PHE A 1 72  ? 4.625   1.514   0.969   1.00 11.23  ? 1363 PHE A CE2 1 
ATOM   425  C CZ  . PHE A 1 72  ? 3.325   1.759   0.668   1.00 11.49  ? 1363 PHE A CZ  1 
ATOM   426  N N   . ALA A 1 73  ? 7.081   -2.732  -3.815  1.00 10.51  ? 1364 ALA A N   1 
ATOM   427  C CA  . ALA A 1 73  ? 7.501   -3.326  -5.097  1.00 11.51  ? 1364 ALA A CA  1 
ATOM   428  C C   . ALA A 1 73  ? 6.538   -4.443  -5.487  1.00 11.56  ? 1364 ALA A C   1 
ATOM   429  O O   . ALA A 1 73  ? 6.151   -4.556  -6.661  1.00 12.25  ? 1364 ALA A O   1 
ATOM   430  C CB  . ALA A 1 73  ? 8.928   -3.822  -5.060  1.00 13.52  ? 1364 ALA A CB  1 
ATOM   431  N N   . THR A 1 74  ? 6.132   -5.257  -4.549  1.00 11.12  ? 1365 THR A N   1 
ATOM   432  C CA  . THR A 1 74  ? 5.143   -6.320  -4.838  1.00 11.28  ? 1365 THR A CA  1 
ATOM   433  C C   . THR A 1 74  ? 3.817   -5.699  -5.288  1.00 10.35  ? 1365 THR A C   1 
ATOM   434  O O   . THR A 1 74  ? 3.242   -6.142  -6.257  1.00 11.15  ? 1365 THR A O   1 
ATOM   435  C CB  . THR A 1 74  ? 4.915   -7.198  -3.625  1.00 11.97  ? 1365 THR A CB  1 
ATOM   436  O OG1 . THR A 1 74  ? 6.159   -7.825  -3.368  1.00 14.70  ? 1365 THR A OG1 1 
ATOM   437  C CG2 . THR A 1 74  ? 3.836   -8.221  -3.796  1.00 12.42  ? 1365 THR A CG2 1 
ATOM   438  N N   . VAL A 1 75  ? 3.386   -4.662  -4.614  1.00 10.11  ? 1366 VAL A N   1 
ATOM   439  C CA  . VAL A 1 75  ? 2.135   -3.962  -5.022  1.00 10.16  ? 1366 VAL A CA  1 
ATOM   440  C C   . VAL A 1 75  ? 2.283   -3.436  -6.450  1.00 11.13  ? 1366 VAL A C   1 
ATOM   441  O O   . VAL A 1 75  ? 1.396   -3.661  -7.288  1.00 11.11  ? 1366 VAL A O   1 
ATOM   442  C CB  . VAL A 1 75  ? 1.764   -2.865  -4.022  1.00 10.01  ? 1366 VAL A CB  1 
ATOM   443  C CG1 . VAL A 1 75  ? 0.583   -2.097  -4.549  1.00 10.72  ? 1366 VAL A CG1 1 
ATOM   444  C CG2 . VAL A 1 75  ? 1.457   -3.465  -2.656  1.00 10.64  ? 1366 VAL A CG2 1 
ATOM   445  N N   . ARG A 1 76  ? 3.379   -2.740  -6.746  1.00 10.28  ? 1367 ARG A N   1 
ATOM   446  C CA  . ARG A 1 76  ? 3.578   -2.205  -8.094  1.00 11.99  ? 1367 ARG A CA  1 
ATOM   447  C C   . ARG A 1 76  ? 3.620   -3.319  -9.132  1.00 11.97  ? 1367 ARG A C   1 
ATOM   448  O O   . ARG A 1 76  ? 3.023   -3.158  -10.214 1.00 12.60  ? 1367 ARG A O   1 
ATOM   449  C CB  . ARG A 1 76  ? 4.855   -1.382  -8.079  1.00 13.43  ? 1367 ARG A CB  1 
ATOM   450  C CG  . ARG A 1 76  ? 5.162   -0.740  -9.419  1.00 17.76  ? 1367 ARG A CG  1 
ATOM   451  C CD  . ARG A 1 76  ? 6.517   -0.083  -9.316  1.00 21.14  ? 1367 ARG A CD  1 
ATOM   452  N NE  . ARG A 1 76  ? 6.373   1.317   -9.120  1.00 22.97  ? 1367 ARG A NE  1 
ATOM   453  C CZ  . ARG A 1 76  ? 7.359   2.146   -8.789  1.00 21.38  ? 1367 ARG A CZ  1 
ATOM   454  N NH1 . ARG A 1 76  ? 8.555   1.673   -8.465  1.00 21.15  ? 1367 ARG A NH1 1 
ATOM   455  N NH2 . ARG A 1 76  ? 7.106   3.444   -8.781  1.00 24.08  ? 1367 ARG A NH2 1 
ATOM   456  N N   . GLU A 1 77  ? 4.313   -4.395  -8.835  1.00 12.06  ? 1368 GLU A N   1 
ATOM   457  C CA  . GLU A 1 77  ? 4.456   -5.493  -9.796  1.00 12.64  ? 1368 GLU A CA  1 
ATOM   458  C C   . GLU A 1 77  ? 3.090   -6.133  -10.008 1.00 11.50  ? 1368 GLU A C   1 
ATOM   459  O O   . GLU A 1 77  ? 2.790   -6.535  -11.134 1.00 12.31  ? 1368 GLU A O   1 
ATOM   460  C CB  . GLU A 1 77  ? 5.481   -6.484  -9.248  1.00 15.30  ? 1368 GLU A CB  1 
ATOM   461  C CG  . GLU A 1 77  ? 6.896   -5.979  -9.370  1.00 19.93  ? 1368 GLU A CG  1 
ATOM   462  C CD  . GLU A 1 77  ? 7.903   -6.616  -8.431  1.00 26.39  ? 1368 GLU A CD  1 
ATOM   463  O OE1 . GLU A 1 77  ? 7.539   -7.639  -7.791  1.00 30.06  ? 1368 GLU A OE1 1 
ATOM   464  O OE2 . GLU A 1 77  ? 9.063   -6.050  -8.321  1.00 35.47  ? 1368 GLU A OE2 1 
ATOM   465  N N   . THR A 1 78  ? 2.303   -6.321  -8.964  1.00 12.08  ? 1369 THR A N   1 
ATOM   466  C CA  . THR A 1 78  ? 0.951   -6.921  -9.086  1.00 10.82  ? 1369 THR A CA  1 
ATOM   467  C C   . THR A 1 78  ? 0.093   -6.001  -9.962  1.00 11.32  ? 1369 THR A C   1 
ATOM   468  O O   . THR A 1 78  ? -0.662  -6.531  -10.839 1.00 11.56  ? 1369 THR A O   1 
ATOM   469  C CB  . THR A 1 78  ? 0.351   -7.071  -7.686  1.00 11.47  ? 1369 THR A CB  1 
ATOM   470  O OG1 . THR A 1 78  ? 1.220   -7.885  -6.915  1.00 12.40  ? 1369 THR A OG1 1 
ATOM   471  C CG2 . THR A 1 78  ? -1.009  -7.722  -7.708  1.00 12.83  ? 1369 THR A CG2 1 
ATOM   472  N N   . LEU A 1 79  ? 0.176   -4.691  -9.763  1.00 10.39  ? 1370 LEU A N   1 
ATOM   473  C CA  . LEU A 1 79  ? -0.625  -3.757  -10.545 1.00 11.47  ? 1370 LEU A CA  1 
ATOM   474  C C   . LEU A 1 79  ? -0.172  -3.881  -11.985 1.00 12.00  ? 1370 LEU A C   1 
ATOM   475  O O   . LEU A 1 79  ? -1.024  -4.015  -12.924 1.00 12.22  ? 1370 LEU A O   1 
ATOM   476  C CB  . LEU A 1 79  ? -0.387  -2.359  -9.994  1.00 10.74  ? 1370 LEU A CB  1 
ATOM   477  C CG  . LEU A 1 79  ? -1.171  -1.250  -10.693 1.00 11.88  ? 1370 LEU A CG  1 
ATOM   478  C CD1 . LEU A 1 79  ? -2.658  -1.430  -10.460 1.00 11.45  ? 1370 LEU A CD1 1 
ATOM   479  C CD2 . LEU A 1 79  ? -0.730  0.116   -10.176 1.00 12.47  ? 1370 LEU A CD2 1 
ATOM   480  N N   . GLU A 1 80  ? 1.134   -3.825  -12.222 1.00 12.87  ? 1371 GLU A N   1 
ATOM   481  C CA  . GLU A 1 80  ? 1.693   -3.836  -13.605 1.00 13.54  ? 1371 GLU A CA  1 
ATOM   482  C C   . GLU A 1 80  ? 1.448   -5.160  -14.324 1.00 13.75  ? 1371 GLU A C   1 
ATOM   483  O O   . GLU A 1 80  ? 1.344   -5.126  -15.559 1.00 15.35  ? 1371 GLU A O   1 
ATOM   484  C CB  . GLU A 1 80  ? 3.164   -3.424  -13.589 1.00 15.53  ? 1371 GLU A CB  1 
ATOM   485  C CG  . GLU A 1 80  ? 3.369   -1.993  -13.089 1.00 20.52  ? 1371 GLU A CG  1 
ATOM   486  C CD  . GLU A 1 80  ? 2.539   -0.855  -13.718 1.00 26.60  ? 1371 GLU A CD  1 
ATOM   487  O OE1 . GLU A 1 80  ? 3.198   -0.019  -14.353 1.00 34.92  ? 1371 GLU A OE1 1 
ATOM   488  O OE2 . GLU A 1 80  ? 1.229   -0.760  -13.572 1.00 24.76  ? 1371 GLU A OE2 1 
ATOM   489  N N   . ALA A 1 81  ? 1.396   -6.265  -13.631 1.00 13.08  ? 1372 ALA A N   1 
ATOM   490  C CA  . ALA A 1 81  ? 1.034   -7.604  -14.145 1.00 14.23  ? 1372 ALA A CA  1 
ATOM   491  C C   . ALA A 1 81  ? -0.428  -7.650  -14.584 1.00 13.70  ? 1372 ALA A C   1 
ATOM   492  O O   . ALA A 1 81  ? -0.838  -8.629  -15.217 1.00 14.76  ? 1372 ALA A O   1 
ATOM   493  C CB  . ALA A 1 81  ? 1.251   -8.653  -13.094 1.00 14.90  ? 1372 ALA A CB  1 
ATOM   494  N N   . GLY A 1 82  ? -1.238  -6.666  -14.185 1.00 13.41  ? 1373 GLY A N   1 
ATOM   495  C CA  . GLY A 1 82  ? -2.685  -6.784  -14.393 1.00 11.85  ? 1373 GLY A CA  1 
ATOM   496  C C   . GLY A 1 82  ? -3.282  -7.797  -13.488 1.00 11.63  ? 1373 GLY A C   1 
ATOM   497  O O   . GLY A 1 82  ? -4.179  -8.510  -13.906 1.00 12.51  ? 1373 GLY A O   1 
ATOM   498  N N   . ASN A 1 83  ? -2.835  -7.868  -12.223 1.00 11.50  ? 1374 ASN A N   1 
ATOM   499  C CA  . ASN A 1 83  ? -3.364  -8.833  -11.254 1.00 11.47  ? 1374 ASN A CA  1 
ATOM   500  C C   . ASN A 1 83  ? -4.122  -8.165  -10.099 1.00 11.39  ? 1374 ASN A C   1 
ATOM   501  O O   . ASN A 1 83  ? -4.521  -8.843  -9.186  1.00 12.81  ? 1374 ASN A O   1 
ATOM   502  C CB  . ASN A 1 83  ? -2.225  -9.672  -10.738 1.00 12.16  ? 1374 ASN A CB  1 
ATOM   503  C CG  . ASN A 1 83  ? -1.704  -10.626 -11.789 1.00 15.19  ? 1374 ASN A CG  1 
ATOM   504  O OD1 . ASN A 1 83  ? -2.226  -10.795 -12.913 1.00 17.20  ? 1374 ASN A OD1 1 
ATOM   505  N ND2 . ASN A 1 83  ? -0.669  -11.315 -11.393 1.00 15.54  ? 1374 ASN A ND2 1 
ATOM   506  N N   . TYR A 1 84  ? -4.435  -6.890  -10.252 1.00 12.60  ? 1375 TYR A N   1 
ATOM   507  C CA  . TYR A 1 84  ? -5.489  -6.259  -9.446  1.00 12.34  ? 1375 TYR A CA  1 
ATOM   508  C C   . TYR A 1 84  ? -6.688  -6.026  -10.351 1.00 12.59  ? 1375 TYR A C   1 
ATOM   509  O O   . TYR A 1 84  ? -6.534  -5.531  -11.449 1.00 12.96  ? 1375 TYR A O   1 
ATOM   510  C CB  . TYR A 1 84  ? -4.999  -4.937  -8.861  1.00 11.01  ? 1375 TYR A CB  1 
ATOM   511  C CG  . TYR A 1 84  ? -4.004  -5.060  -7.746  1.00 10.16  ? 1375 TYR A CG  1 
ATOM   512  C CD1 . TYR A 1 84  ? -4.266  -5.841  -6.637  1.00 10.44  ? 1375 TYR A CD1 1 
ATOM   513  C CD2 . TYR A 1 84  ? -2.828  -4.344  -7.799  1.00 9.95   ? 1375 TYR A CD2 1 
ATOM   514  C CE1 . TYR A 1 84  ? -3.337  -5.919  -5.620  1.00 10.22  ? 1375 TYR A CE1 1 
ATOM   515  C CE2 . TYR A 1 84  ? -1.913  -4.400  -6.782  1.00 10.31  ? 1375 TYR A CE2 1 
ATOM   516  C CZ  . TYR A 1 84  ? -2.157  -5.208  -5.702  1.00 10.18  ? 1375 TYR A CZ  1 
ATOM   517  O OH  . TYR A 1 84  ? -1.237  -5.266  -4.719  1.00 11.18  ? 1375 TYR A OH  1 
ATOM   518  N N   . GLU A 1 85  ? -7.860  -6.366  -9.821  1.00 12.80  ? 1376 GLU A N   1 
ATOM   519  C CA  . GLU A 1 85  ? -9.120  -6.117  -10.564 1.00 14.31  ? 1376 GLU A CA  1 
ATOM   520  C C   . GLU A 1 85  ? -9.670  -4.730  -10.203 1.00 13.56  ? 1376 GLU A C   1 
ATOM   521  O O   . GLU A 1 85  ? -10.412 -4.130  -10.996 1.00 16.70  ? 1376 GLU A O   1 
ATOM   522  C CB  . GLU A 1 85  ? -10.170 -7.145  -10.191 1.00 16.25  ? 1376 GLU A CB  1 
ATOM   523  C CG  . GLU A 1 85  ? -11.391 -6.955  -11.054 1.00 19.41  ? 1376 GLU A CG  1 
ATOM   524  C CD  . GLU A 1 85  ? -12.409 -8.060  -10.987 1.00 22.54  ? 1376 GLU A CD  1 
ATOM   525  O OE1 . GLU A 1 85  ? -12.304 -8.861  -10.068 1.00 26.77  ? 1376 GLU A OE1 1 
ATOM   526  O OE2 . GLU A 1 85  ? -13.275 -8.098  -11.908 1.00 28.13  ? 1376 GLU A OE2 1 
ATOM   527  N N   . SER A 1 86  ? -9.308  -4.191  -9.045  1.00 12.60  ? 1377 SER A N   1 
ATOM   528  C CA  . SER A 1 86  ? -9.934  -2.951  -8.498  1.00 12.73  ? 1377 SER A CA  1 
ATOM   529  C C   . SER A 1 86  ? -8.946  -2.267  -7.595  1.00 12.03  ? 1377 SER A C   1 
ATOM   530  O O   . SER A 1 86  ? -8.022  -2.893  -7.095  1.00 11.59  ? 1377 SER A O   1 
ATOM   531  C CB  . SER A 1 86  ? -11.168 -3.274  -7.740  1.00 12.86  ? 1377 SER A CB  1 
ATOM   532  O OG  . SER A 1 86  ? -10.817 -3.860  -6.523  1.00 14.05  ? 1377 SER A OG  1 
ATOM   533  N N   . PRO A 1 87  ? -9.123  -0.955  -7.392  1.00 11.39  ? 1378 PRO A N   1 
ATOM   534  C CA  . PRO A 1 87  ? -8.255  -0.265  -6.463  1.00 11.15  ? 1378 PRO A CA  1 
ATOM   535  C C   . PRO A 1 87  ? -8.486  -0.736  -5.036  1.00 10.56  ? 1378 PRO A C   1 
ATOM   536  O O   . PRO A 1 87  ? -7.599  -0.541  -4.232  1.00 10.43  ? 1378 PRO A O   1 
ATOM   537  C CB  . PRO A 1 87  ? -8.631  1.211   -6.613  1.00 11.73  ? 1378 PRO A CB  1 
ATOM   538  C CG  . PRO A 1 87  ? -10.036 1.153   -7.206  1.00 10.89  ? 1378 PRO A CG  1 
ATOM   539  C CD  . PRO A 1 87  ? -10.092 -0.088  -8.071  1.00 11.28  ? 1378 PRO A CD  1 
ATOM   540  N N   . MET A 1 88  ? -9.644  -1.281  -4.710  1.00 9.88   ? 1379 MET A N   1 
ATOM   541  C CA  . MET A 1 88  ? -9.854  -1.854  -3.378  1.00 10.16  ? 1379 MET A CA  1 
ATOM   542  C C   . MET A 1 88  ? -8.821  -2.939  -3.086  1.00 10.42  ? 1379 MET A C   1 
ATOM   543  O O   . MET A 1 88  ? -8.354  -3.032  -1.974  1.00 10.37  ? 1379 MET A O   1 
ATOM   544  C CB  . MET A 1 88  ? -11.283 -2.405  -3.211  1.00 11.34  ? 1379 MET A CB  1 
ATOM   545  C CG  . MET A 1 88  ? -12.313 -1.267  -3.309  1.00 12.12  ? 1379 MET A CG  1 
ATOM   546  S SD  . MET A 1 88  ? -12.819 -0.821  -4.978  1.00 13.95  ? 1379 MET A SD  1 
ATOM   547  C CE  . MET A 1 88  ? -13.973 -2.151  -5.284  1.00 15.70  ? 1379 MET A CE  1 
ATOM   548  N N   . GLU A 1 89  ? -8.560  -3.792  -4.051  1.00 10.26  ? 1380 GLU A N   1 
ATOM   549  C CA  . GLU A 1 89  ? -7.599  -4.865  -3.809  1.00 10.63  ? 1380 GLU A CA  1 
ATOM   550  C C   . GLU A 1 89  ? -6.205  -4.267  -3.566  1.00 9.58   ? 1380 GLU A C   1 
ATOM   551  O O   . GLU A 1 89  ? -5.483  -4.761  -2.704  1.00 10.08  ? 1380 GLU A O   1 
ATOM   552  C CB  . GLU A 1 89  ? -7.542  -5.758  -5.025  1.00 11.36  ? 1380 GLU A CB  1 
ATOM   553  C CG  . GLU A 1 89  ? -8.753  -6.621  -5.213  1.00 12.30  ? 1380 GLU A CG  1 
ATOM   554  C CD  . GLU A 1 89  ? -8.705  -7.464  -6.469  1.00 14.40  ? 1380 GLU A CD  1 
ATOM   555  O OE1 . GLU A 1 89  ? -7.774  -7.319  -7.223  1.00 13.56  ? 1380 GLU A OE1 1 
ATOM   556  O OE2 . GLU A 1 89  ? -9.651  -8.267  -6.670  1.00 18.90  ? 1380 GLU A OE2 1 
ATOM   557  N N   . LEU A 1 90  ? -5.788  -3.298  -4.374  1.00 9.74   ? 1381 LEU A N   1 
ATOM   558  C CA  . LEU A 1 90  ? -4.496  -2.636  -4.177  1.00 9.89   ? 1381 LEU A CA  1 
ATOM   559  C C   . LEU A 1 90  ? -4.442  -2.034  -2.772  1.00 10.27  ? 1381 LEU A C   1 
ATOM   560  O O   . LEU A 1 90  ? -3.430  -2.138  -2.066  1.00 10.45  ? 1381 LEU A O   1 
ATOM   561  C CB  . LEU A 1 90  ? -4.282  -1.580  -5.271  1.00 9.62   ? 1381 LEU A CB  1 
ATOM   562  C CG  . LEU A 1 90  ? -2.981  -0.783  -5.118  1.00 10.06  ? 1381 LEU A CG  1 
ATOM   563  C CD1 . LEU A 1 90  ? -2.383  -0.489  -6.481  1.00 10.95  ? 1381 LEU A CD1 1 
ATOM   564  C CD2 . LEU A 1 90  ? -3.144  0.484   -4.306  1.00 10.14  ? 1381 LEU A CD2 1 
ATOM   565  N N   A CYS A 1 91  ? -5.534  -1.384  -2.388  0.25 9.51   ? 1382 CYS A N   1 
ATOM   566  N N   B CYS A 1 91  ? -5.514  -1.362  -2.353  0.25 10.56  ? 1382 CYS A N   1 
ATOM   567  C CA  A CYS A 1 91  ? -5.636  -0.706  -1.085  0.25 9.43   ? 1382 CYS A CA  1 
ATOM   568  C CA  B CYS A 1 91  ? -5.589  -0.776  -0.993  0.25 11.07  ? 1382 CYS A CA  1 
ATOM   569  C C   A CYS A 1 91  ? -5.482  -1.736  0.052   0.25 9.94   ? 1382 CYS A C   1 
ATOM   570  C C   B CYS A 1 91  ? -5.373  -1.821  0.077   0.25 10.78  ? 1382 CYS A C   1 
ATOM   571  O O   A CYS A 1 91  ? -4.812  -1.405  1.048   0.25 10.12  ? 1382 CYS A O   1 
ATOM   572  O O   B CYS A 1 91  ? -4.720  -1.533  1.089   0.25 10.72  ? 1382 CYS A O   1 
ATOM   573  C CB  A CYS A 1 91  ? -6.914  0.121   -1.083  0.25 8.93   ? 1382 CYS A CB  1 
ATOM   574  C CB  B CYS A 1 91  ? -6.958  -0.212  -0.701  0.25 12.27  ? 1382 CYS A CB  1 
ATOM   575  S SG  A CYS A 1 91  ? -7.038  1.179   0.366   0.25 9.46   ? 1382 CYS A SG  1 
ATOM   576  S SG  B CYS A 1 91  ? -7.093  1.401   -1.463  0.25 14.30  ? 1382 CYS A SG  1 
ATOM   577  N N   . LYS A 1 92  ? -6.046  -2.939  -0.081  1.00 10.50  ? 1383 LYS A N   1 
ATOM   578  C CA  . LYS A 1 92  ? -5.901  -3.975  0.920   1.00 11.26  ? 1383 LYS A CA  1 
ATOM   579  C C   . LYS A 1 92  ? -4.421  -4.326  1.070   1.00 10.60  ? 1383 LYS A C   1 
ATOM   580  O O   . LYS A 1 92  ? -3.959  -4.496  2.197   1.00 11.08  ? 1383 LYS A O   1 
ATOM   581  C CB  . LYS A 1 92  ? -6.778  -5.131  0.493   1.00 12.40  ? 1383 LYS A CB  1 
ATOM   582  C CG  . LYS A 1 92  ? -6.741  -6.271  1.474   1.00 14.94  ? 1383 LYS A CG  1 
ATOM   583  C CD  . LYS A 1 92  ? -7.802  -7.319  1.178   1.00 17.98  ? 1383 LYS A CD  1 
ATOM   584  C CE  . LYS A 1 92  ? -7.508  -8.608  1.942   1.00 24.07  ? 1383 LYS A CE  1 
ATOM   585  N NZ  . LYS A 1 92  ? -8.470  -9.706  1.640   1.00 27.51  ? 1383 LYS A NZ  1 
ATOM   586  N N   . ASP A 1 93  ? -3.727  -4.483  -0.031  1.00 9.75   ? 1384 ASP A N   1 
ATOM   587  C CA  . ASP A 1 93  ? -2.316  -4.888  0.081   1.00 10.34  ? 1384 ASP A CA  1 
ATOM   588  C C   . ASP A 1 93  ? -1.488  -3.748  0.659   1.00 9.30   ? 1384 ASP A C   1 
ATOM   589  O O   . ASP A 1 93  ? -0.605  -4.001  1.456   1.00 9.48   ? 1384 ASP A O   1 
ATOM   590  C CB  . ASP A 1 93  ? -1.742  -5.339  -1.255  1.00 10.23  ? 1384 ASP A CB  1 
ATOM   591  C CG  . ASP A 1 93  ? -2.178  -6.707  -1.723  1.00 12.15  ? 1384 ASP A CG  1 
ATOM   592  O OD1 . ASP A 1 93  ? -2.765  -7.435  -0.924  1.00 15.08  ? 1384 ASP A OD1 1 
ATOM   593  O OD2 . ASP A 1 93  ? -1.876  -7.048  -2.880  1.00 12.19  ? 1384 ASP A OD2 1 
ATOM   594  N N   . VAL A 1 94  ? -1.767  -2.504  0.288   1.00 8.83   ? 1385 VAL A N   1 
ATOM   595  C CA  . VAL A 1 94  ? -0.986  -1.409  0.871   1.00 8.77   ? 1385 VAL A CA  1 
ATOM   596  C C   . VAL A 1 94  ? -1.263  -1.333  2.363   1.00 9.31   ? 1385 VAL A C   1 
ATOM   597  O O   . VAL A 1 94  ? -0.335  -1.151  3.148   1.00 9.52   ? 1385 VAL A O   1 
ATOM   598  C CB  . VAL A 1 94  ? -1.305  -0.099  0.158   1.00 9.23   ? 1385 VAL A CB  1 
ATOM   599  C CG1 . VAL A 1 94  ? -0.682  1.064   0.924   1.00 9.94   ? 1385 VAL A CG1 1 
ATOM   600  C CG2 . VAL A 1 94  ? -0.803  -0.095  -1.266  1.00 9.38   ? 1385 VAL A CG2 1 
ATOM   601  N N   . ARG A 1 95  ? -2.529  -1.510  2.752   1.00 9.08   ? 1386 ARG A N   1 
ATOM   602  C CA  . ARG A 1 95  ? -2.834  -1.456  4.181   1.00 8.81   ? 1386 ARG A CA  1 
ATOM   603  C C   . ARG A 1 95  ? -2.133  -2.593  4.923   1.00 9.52   ? 1386 ARG A C   1 
ATOM   604  O O   . ARG A 1 95  ? -1.817  -2.399  6.109   1.00 9.94   ? 1386 ARG A O   1 
ATOM   605  C CB  . ARG A 1 95  ? -4.347  -1.425  4.370   1.00 9.81   ? 1386 ARG A CB  1 
ATOM   606  C CG  . ARG A 1 95  ? -4.940  -0.080  3.965   1.00 11.24  ? 1386 ARG A CG  1 
ATOM   607  C CD  . ARG A 1 95  ? -6.449  -0.142  3.929   1.00 11.85  ? 1386 ARG A CD  1 
ATOM   608  N NE  . ARG A 1 95  ? -6.977  1.166   3.677   1.00 13.69  ? 1386 ARG A NE  1 
ATOM   609  C CZ  . ARG A 1 95  ? -8.268  1.427   3.442   1.00 16.02  ? 1386 ARG A CZ  1 
ATOM   610  N NH1 . ARG A 1 95  ? -9.159  0.451   3.323   1.00 17.42  ? 1386 ARG A NH1 1 
ATOM   611  N NH2 . ARG A 1 95  ? -8.658  2.678   3.265   1.00 18.87  ? 1386 ARG A NH2 1 
ATOM   612  N N   . LEU A 1 96  ? -1.920  -3.705  4.259   1.00 9.52   ? 1387 LEU A N   1 
ATOM   613  C CA  . LEU A 1 96  ? -1.162  -4.834  4.862   1.00 10.02  ? 1387 LEU A CA  1 
ATOM   614  C C   . LEU A 1 96  ? 0.286   -4.448  5.123   1.00 9.42   ? 1387 LEU A C   1 
ATOM   615  O O   . LEU A 1 96  ? 0.846   -4.856  6.137   1.00 9.92   ? 1387 LEU A O   1 
ATOM   616  C CB  . LEU A 1 96  ? -1.308  -6.041  3.962   1.00 10.51  ? 1387 LEU A CB  1 
ATOM   617  C CG  . LEU A 1 96  ? -0.519  -7.250  4.391   1.00 11.19  ? 1387 LEU A CG  1 
ATOM   618  C CD1 . LEU A 1 96  ? -1.026  -7.828  5.703   1.00 12.75  ? 1387 LEU A CD1 1 
ATOM   619  C CD2 . LEU A 1 96  ? -0.680  -8.303  3.323   1.00 11.76  ? 1387 LEU A CD2 1 
ATOM   620  N N   . ILE A 1 97  ? 0.873   -3.654  4.253   1.00 9.49   ? 1388 ILE A N   1 
ATOM   621  C CA  . ILE A 1 97  ? 2.234   -3.143  4.539   1.00 8.93   ? 1388 ILE A CA  1 
ATOM   622  C C   . ILE A 1 97  ? 2.231   -2.417  5.879   1.00 8.98   ? 1388 ILE A C   1 
ATOM   623  O O   . ILE A 1 97  ? 3.108   -2.646  6.720   1.00 9.42   ? 1388 ILE A O   1 
ATOM   624  C CB  . ILE A 1 97  ? 2.703   -2.210  3.423   1.00 9.63   ? 1388 ILE A CB  1 
ATOM   625  C CG1 . ILE A 1 97  ? 2.750   -2.917  2.091   1.00 9.61   ? 1388 ILE A CG1 1 
ATOM   626  C CG2 . ILE A 1 97  ? 4.053   -1.633  3.756   1.00 10.18  ? 1388 ILE A CG2 1 
ATOM   627  C CD1 . ILE A 1 97  ? 3.064   -2.048  0.923   1.00 9.41   ? 1388 ILE A CD1 1 
ATOM   628  N N   . PHE A 1 98  ? 1.237   -1.579  6.079   1.00 8.52   ? 1389 PHE A N   1 
ATOM   629  C CA  . PHE A 1 98  ? 1.189   -0.794  7.310   1.00 9.57   ? 1389 PHE A CA  1 
ATOM   630  C C   . PHE A 1 98  ? 0.821   -1.653  8.512   1.00 9.51   ? 1389 PHE A C   1 
ATOM   631  O O   . PHE A 1 98  ? 1.380   -1.451  9.604   1.00 10.11  ? 1389 PHE A O   1 
ATOM   632  C CB  . PHE A 1 98  ? 0.277   0.427   7.147   1.00 9.78   ? 1389 PHE A CB  1 
ATOM   633  C CG  . PHE A 1 98  ? 0.719   1.290   5.987   1.00 10.49  ? 1389 PHE A CG  1 
ATOM   634  C CD1 . PHE A 1 98  ? 2.032   1.680   5.840   1.00 11.42  ? 1389 PHE A CD1 1 
ATOM   635  C CD2 . PHE A 1 98  ? -0.183  1.727   5.047   1.00 10.64  ? 1389 PHE A CD2 1 
ATOM   636  C CE1 . PHE A 1 98  ? 2.434   2.504   4.789   1.00 13.49  ? 1389 PHE A CE1 1 
ATOM   637  C CE2 . PHE A 1 98  ? 0.240   2.553   4.007   1.00 11.90  ? 1389 PHE A CE2 1 
ATOM   638  C CZ  . PHE A 1 98  ? 1.532   2.939   3.897   1.00 13.27  ? 1389 PHE A CZ  1 
ATOM   639  N N   . SER A 1 99  ? -0.147  -2.550  8.380   1.00 9.44   ? 1390 SER A N   1 
ATOM   640  C CA  . SER A 1 99  ? -0.493  -3.384  9.543   1.00 10.52  ? 1390 SER A CA  1 
ATOM   641  C C   . SER A 1 99  ? 0.682   -4.304  9.886   1.00 9.65   ? 1390 SER A C   1 
ATOM   642  O O   . SER A 1 99  ? 0.877   -4.549  11.093  1.00 10.38  ? 1390 SER A O   1 
ATOM   643  C CB  . SER A 1 99  ? -1.774  -4.139  9.345   1.00 10.93  ? 1390 SER A CB  1 
ATOM   644  O OG  . SER A 1 99  ? -1.723  -4.998  8.247   1.00 12.27  ? 1390 SER A OG  1 
ATOM   645  N N   . ASN A 1 100 ? 1.421   -4.779  8.914   1.00 9.65   ? 1391 ASN A N   1 
ATOM   646  C CA  . ASN A 1 100 ? 2.595   -5.590  9.258   1.00 10.58  ? 1391 ASN A CA  1 
ATOM   647  C C   . ASN A 1 100 ? 3.567   -4.745  10.077  1.00 10.91  ? 1391 ASN A C   1 
ATOM   648  O O   . ASN A 1 100 ? 4.154   -5.249  11.037  1.00 11.52  ? 1391 ASN A O   1 
ATOM   649  C CB  . ASN A 1 100 ? 3.262   -6.099  8.006   1.00 10.57  ? 1391 ASN A CB  1 
ATOM   650  C CG  . ASN A 1 100 ? 2.519   -7.247  7.364   1.00 10.35  ? 1391 ASN A CG  1 
ATOM   651  O OD1 . ASN A 1 100 ? 1.626   -7.835  7.979   1.00 11.50  ? 1391 ASN A OD1 1 
ATOM   652  N ND2 . ASN A 1 100 ? 2.923   -7.570  6.158   1.00 11.72  ? 1391 ASN A ND2 1 
ATOM   653  N N   . SER A 1 101 ? 3.792   -3.501  9.691   1.00 10.39  ? 1392 SER A N   1 
ATOM   654  C CA  . SER A 1 101 ? 4.736   -2.658  10.438  1.00 10.34  ? 1392 SER A CA  1 
ATOM   655  C C   . SER A 1 101 ? 4.238   -2.459  11.871  1.00 10.86  ? 1392 SER A C   1 
ATOM   656  O O   . SER A 1 101 ? 5.065   -2.526  12.810  1.00 11.26  ? 1392 SER A O   1 
ATOM   657  C CB  . SER A 1 101 ? 4.937   -1.343  9.706   1.00 10.33  ? 1392 SER A CB  1 
ATOM   658  O OG  . SER A 1 101 ? 5.929   -0.570  10.340  1.00 10.35  ? 1392 SER A OG  1 
ATOM   659  N N   . LYS A 1 102 ? 2.965   -2.213  12.045  1.00 10.63  ? 1393 LYS A N   1 
ATOM   660  C CA  . LYS A 1 102 ? 2.387   -2.060  13.396  1.00 10.76  ? 1393 LYS A CA  1 
ATOM   661  C C   . LYS A 1 102 ? 2.509   -3.351  14.201  1.00 11.14  ? 1393 LYS A C   1 
ATOM   662  O O   . LYS A 1 102 ? 2.763   -3.232  15.423  1.00 11.93  ? 1393 LYS A O   1 
ATOM   663  C CB  . LYS A 1 102 ? 0.962   -1.582  13.207  1.00 11.06  ? 1393 LYS A CB  1 
ATOM   664  C CG  . LYS A 1 102 ? 0.296   -1.183  14.524  1.00 11.94  ? 1393 LYS A CG  1 
ATOM   665  C CD  . LYS A 1 102 ? -1.033  -0.587  14.304  1.00 12.97  ? 1393 LYS A CD  1 
ATOM   666  C CE  . LYS A 1 102 ? -1.599  -0.007  15.584  1.00 14.27  ? 1393 LYS A CE  1 
ATOM   667  N NZ  . LYS A 1 102 ? -2.921  0.587   15.354  1.00 16.28  ? 1393 LYS A NZ  1 
ATOM   668  N N   . ALA A 1 103 ? 2.296   -4.475  13.581  1.00 10.58  ? 1394 ALA A N   1 
ATOM   669  C CA  . ALA A 1 103 ? 2.408   -5.753  14.305  1.00 11.57  ? 1394 ALA A CA  1 
ATOM   670  C C   . ALA A 1 103 ? 3.865   -6.070  14.643  1.00 12.13  ? 1394 ALA A C   1 
ATOM   671  O O   . ALA A 1 103 ? 4.135   -6.599  15.727  1.00 13.07  ? 1394 ALA A O   1 
ATOM   672  C CB  . ALA A 1 103 ? 1.795   -6.817  13.455  1.00 11.39  ? 1394 ALA A CB  1 
ATOM   673  N N   . TYR A 1 104 ? 4.820   -5.722  13.810  1.00 11.64  ? 1395 TYR A N   1 
ATOM   674  C CA  . TYR A 1 104 ? 6.232   -6.097  14.045  1.00 11.68  ? 1395 TYR A CA  1 
ATOM   675  C C   . TYR A 1 104 ? 6.915   -5.110  14.974  1.00 11.87  ? 1395 TYR A C   1 
ATOM   676  O O   . TYR A 1 104 ? 7.897   -5.455  15.623  1.00 12.06  ? 1395 TYR A O   1 
ATOM   677  C CB  . TYR A 1 104 ? 6.968   -6.249  12.743  1.00 12.24  ? 1395 TYR A CB  1 
ATOM   678  C CG  . TYR A 1 104 ? 8.344   -6.788  12.999  1.00 13.14  ? 1395 TYR A CG  1 
ATOM   679  C CD1 . TYR A 1 104 ? 8.548   -8.081  13.466  1.00 14.71  ? 1395 TYR A CD1 1 
ATOM   680  C CD2 . TYR A 1 104 ? 9.444   -5.967  12.834  1.00 15.27  ? 1395 TYR A CD2 1 
ATOM   681  C CE1 . TYR A 1 104 ? 9.816   -8.560  13.752  1.00 13.97  ? 1395 TYR A CE1 1 
ATOM   682  C CE2 . TYR A 1 104 ? 10.709  -6.401  13.161  1.00 16.00  ? 1395 TYR A CE2 1 
ATOM   683  C CZ  . TYR A 1 104 ? 10.902  -7.712  13.571  1.00 15.20  ? 1395 TYR A CZ  1 
ATOM   684  O OH  . TYR A 1 104 ? 12.173  -8.109  13.891  1.00 17.75  ? 1395 TYR A OH  1 
ATOM   685  N N   . THR A 1 105 ? 6.426   -3.892  15.066  1.00 11.25  ? 1396 THR A N   1 
ATOM   686  C CA  . THR A 1 105 ? 7.192   -2.885  15.814  1.00 10.83  ? 1396 THR A CA  1 
ATOM   687  C C   . THR A 1 105 ? 7.261   -3.270  17.290  1.00 12.46  ? 1396 THR A C   1 
ATOM   688  O O   . THR A 1 105 ? 6.270   -3.660  17.902  1.00 12.79  ? 1396 THR A O   1 
ATOM   689  C CB  . THR A 1 105 ? 6.586   -1.485  15.621  1.00 10.40  ? 1396 THR A CB  1 
ATOM   690  O OG1 . THR A 1 105 ? 7.567   -0.569  16.113  1.00 11.68  ? 1396 THR A OG1 1 
ATOM   691  C CG2 . THR A 1 105 ? 5.277   -1.233  16.334  1.00 12.30  ? 1396 THR A CG2 1 
ATOM   692  N N   . PRO A 1 106 ? 8.427   -3.046  17.923  1.00 13.01  ? 1397 PRO A N   1 
ATOM   693  C CA  . PRO A 1 106 ? 8.536   -3.300  19.349  1.00 13.92  ? 1397 PRO A CA  1 
ATOM   694  C C   . PRO A 1 106 ? 7.995   -2.141  20.159  1.00 13.80  ? 1397 PRO A C   1 
ATOM   695  O O   . PRO A 1 106 ? 7.835   -2.265  21.385  1.00 15.27  ? 1397 PRO A O   1 
ATOM   696  C CB  . PRO A 1 106 ? 10.032  -3.404  19.608  1.00 14.31  ? 1397 PRO A CB  1 
ATOM   697  C CG  . PRO A 1 106 ? 10.676  -2.571  18.484  1.00 15.13  ? 1397 PRO A CG  1 
ATOM   698  C CD  . PRO A 1 106 ? 9.738   -2.770  17.301  1.00 14.01  ? 1397 PRO A CD  1 
ATOM   699  N N   . SER A 1 107 ? 7.806   -0.988  19.531  1.00 13.21  ? 1398 SER A N   1 
ATOM   700  C CA  . SER A 1 107 ? 7.383   0.241   20.214  1.00 13.64  ? 1398 SER A CA  1 
ATOM   701  C C   . SER A 1 107 ? 6.568   1.079   19.237  1.00 13.53  ? 1398 SER A C   1 
ATOM   702  O O   . SER A 1 107 ? 6.910   1.177   18.024  1.00 12.62  ? 1398 SER A O   1 
ATOM   703  C CB  . SER A 1 107 ? 8.590   1.007   20.664  1.00 15.52  ? 1398 SER A CB  1 
ATOM   704  O OG  . SER A 1 107 ? 8.252   2.300   20.970  1.00 16.76  ? 1398 SER A OG  1 
ATOM   705  N N   . LYS A 1 108 ? 5.622   1.827   19.756  1.00 14.19  ? 1399 LYS A N   1 
ATOM   706  C CA  . LYS A 1 108 ? 4.842   2.745   18.925  1.00 15.60  ? 1399 LYS A CA  1 
ATOM   707  C C   . LYS A 1 108 ? 5.694   3.965   18.604  1.00 14.67  ? 1399 LYS A C   1 
ATOM   708  O O   . LYS A 1 108 ? 5.255   4.733   17.769  1.00 16.58  ? 1399 LYS A O   1 
ATOM   709  C CB  . LYS A 1 108 ? 3.484   2.962   19.582  1.00 19.81  ? 1399 LYS A CB  1 
ATOM   710  C CG  . LYS A 1 108 ? 2.596   1.746   19.308  1.00 23.67  ? 1399 LYS A CG  1 
ATOM   711  C CD  . LYS A 1 108 ? 1.228   1.750   19.934  1.00 25.90  ? 1399 LYS A CD  1 
ATOM   712  C CE  . LYS A 1 108 ? 0.360   0.647   19.393  1.00 27.27  ? 1399 LYS A CE  1 
ATOM   713  N NZ  . LYS A 1 108 ? -1.073  0.943   19.642  1.00 29.67  ? 1399 LYS A NZ  1 
ATOM   714  N N   . ARG A 1 109 ? 6.895   4.112   19.170  1.00 14.98  ? 1400 ARG A N   1 
ATOM   715  C CA  . ARG A 1 109 ? 7.808   5.230   18.878  1.00 17.02  ? 1400 ARG A CA  1 
ATOM   716  C C   . ARG A 1 109 ? 8.993   4.798   18.029  1.00 15.17  ? 1400 ARG A C   1 
ATOM   717  O O   . ARG A 1 109 ? 9.888   5.618   17.840  1.00 18.88  ? 1400 ARG A O   1 
ATOM   718  C CB  . ARG A 1 109 ? 8.256   5.838   20.213  1.00 20.55  ? 1400 ARG A CB  1 
ATOM   719  C CG  . ARG A 1 109 ? 7.092   6.108   21.167  1.00 26.51  ? 1400 ARG A CG  1 
ATOM   720  C CD  . ARG A 1 109 ? 7.528   6.572   22.549  1.00 31.33  ? 1400 ARG A CD  1 
ATOM   721  N NE  . ARG A 1 109 ? 8.539   7.597   22.369  1.00 36.63  ? 1400 ARG A NE  1 
ATOM   722  C CZ  . ARG A 1 109 ? 9.788   7.526   22.808  1.00 42.49  ? 1400 ARG A CZ  1 
ATOM   723  N NH1 . ARG A 1 109 ? 10.196  6.492   23.530  1.00 47.42  ? 1400 ARG A NH1 1 
ATOM   724  N NH2 . ARG A 1 109 ? 10.624  8.515   22.543  1.00 42.12  ? 1400 ARG A NH2 1 
ATOM   725  N N   . SER A 1 110 ? 8.993   3.569   17.506  0.39 14.31  ? 1401 SER A N   1 
ATOM   726  C CA  . SER A 1 110 ? 10.107  3.037   16.683  0.39 13.39  ? 1401 SER A CA  1 
ATOM   727  C C   . SER A 1 110 ? 10.194  3.828   15.374  0.39 12.39  ? 1401 SER A C   1 
ATOM   728  O O   . SER A 1 110 ? 9.143   4.125   14.789  0.39 12.11  ? 1401 SER A O   1 
ATOM   729  C CB  . SER A 1 110 ? 9.955   1.574   16.390  0.39 13.77  ? 1401 SER A CB  1 
ATOM   730  O OG  . SER A 1 110 ? 9.478   1.389   15.067  0.39 14.69  ? 1401 SER A OG  1 
ATOM   731  N N   . ARG A 1 111 ? 11.415  4.091   14.906  1.00 11.62  ? 1402 ARG A N   1 
ATOM   732  C CA  . ARG A 1 111 ? 11.667  4.842   13.667  1.00 10.98  ? 1402 ARG A CA  1 
ATOM   733  C C   . ARG A 1 111 ? 10.848  4.286   12.521  1.00 10.48  ? 1402 ARG A C   1 
ATOM   734  O O   . ARG A 1 111 ? 10.159  5.075   11.866  1.00 10.28  ? 1402 ARG A O   1 
ATOM   735  C CB  . ARG A 1 111 ? 13.156  4.778   13.331  1.00 11.92  ? 1402 ARG A CB  1 
ATOM   736  C CG  . ARG A 1 111 ? 13.489  5.538   12.066  1.00 13.18  ? 1402 ARG A CG  1 
ATOM   737  C CD  . ARG A 1 111 ? 13.404  7.033   12.271  1.00 15.48  ? 1402 ARG A CD  1 
ATOM   738  N NE  . ARG A 1 111 ? 13.379  7.706   10.967  1.00 19.28  ? 1402 ARG A NE  1 
ATOM   739  C CZ  . ARG A 1 111 ? 14.443  8.050   10.235  1.00 20.06  ? 1402 ARG A CZ  1 
ATOM   740  N NH1 . ARG A 1 111 ? 15.650  7.934   10.734  1.00 16.36  ? 1402 ARG A NH1 1 
ATOM   741  N NH2 . ARG A 1 111 ? 14.293  8.588   9.024   1.00 24.30  ? 1402 ARG A NH2 1 
ATOM   742  N N   . ILE A 1 112 ? 10.978  3.046   12.242  1.00 10.08  ? 1403 ILE A N   1 
ATOM   743  C CA  . ILE A 1 112 ? 10.366  2.470   11.017  1.00 10.67  ? 1403 ILE A CA  1 
ATOM   744  C C   . ILE A 1 112 ? 8.856   2.507   11.133  1.00 10.64  ? 1403 ILE A C   1 
ATOM   745  O O   . ILE A 1 112 ? 8.205   2.933   10.178  1.00 10.98  ? 1403 ILE A O   1 
ATOM   746  C CB  . ILE A 1 112 ? 10.942  1.070   10.707  1.00 11.49  ? 1403 ILE A CB  1 
ATOM   747  C CG1 . ILE A 1 112 ? 12.410  1.225   10.307  1.00 12.76  ? 1403 ILE A CG1 1 
ATOM   748  C CG2 . ILE A 1 112 ? 10.113  0.368   9.627   1.00 12.66  ? 1403 ILE A CG2 1 
ATOM   749  C CD1 . ILE A 1 112 ? 13.167  -0.061  10.220  1.00 14.87  ? 1403 ILE A CD1 1 
ATOM   750  N N   . TYR A 1 113 ? 8.287   2.232   12.304  1.00 10.84  ? 1404 TYR A N   1 
ATOM   751  C CA  . TYR A 1 113 ? 6.842   2.298   12.474  1.00 10.28  ? 1404 TYR A CA  1 
ATOM   752  C C   . TYR A 1 113 ? 6.367   3.738   12.298  1.00 10.07  ? 1404 TYR A C   1 
ATOM   753  O O   . TYR A 1 113 ? 5.356   3.982   11.691  1.00 10.48  ? 1404 TYR A O   1 
ATOM   754  C CB  . TYR A 1 113 ? 6.457   1.776   13.844  1.00 10.52  ? 1404 TYR A CB  1 
ATOM   755  C CG  . TYR A 1 113 ? 4.997   1.947   14.158  1.00 9.86   ? 1404 TYR A CG  1 
ATOM   756  C CD1 . TYR A 1 113 ? 4.023   1.302   13.414  1.00 11.35  ? 1404 TYR A CD1 1 
ATOM   757  C CD2 . TYR A 1 113 ? 4.605   2.714   15.231  1.00 11.30  ? 1404 TYR A CD2 1 
ATOM   758  C CE1 . TYR A 1 113 ? 2.678   1.467   13.716  1.00 11.00  ? 1404 TYR A CE1 1 
ATOM   759  C CE2 . TYR A 1 113 ? 3.285   2.897   15.532  1.00 12.45  ? 1404 TYR A CE2 1 
ATOM   760  C CZ  . TYR A 1 113 ? 2.317   2.243   14.799  1.00 12.14  ? 1404 TYR A CZ  1 
ATOM   761  O OH  . TYR A 1 113 ? 0.984   2.399   15.115  1.00 14.14  ? 1404 TYR A OH  1 
ATOM   762  N N   A SER A 1 114 ? 7.132   4.697   12.818  0.19 10.68  ? 1405 SER A N   1 
ATOM   763  N N   B SER A 1 114 ? 7.104   4.709   12.823  0.20 10.82  ? 1405 SER A N   1 
ATOM   764  C CA  A SER A 1 114 ? 6.798   6.140   12.716  0.19 11.09  ? 1405 SER A CA  1 
ATOM   765  C CA  B SER A 1 114 ? 6.720   6.137   12.695  0.20 11.29  ? 1405 SER A CA  1 
ATOM   766  C C   A SER A 1 114 ? 6.733   6.544   11.238  0.19 10.70  ? 1405 SER A C   1 
ATOM   767  C C   B SER A 1 114 ? 6.710   6.541   11.216  0.20 10.80  ? 1405 SER A C   1 
ATOM   768  O O   A SER A 1 114 ? 5.865   7.342   10.874  0.19 10.87  ? 1405 SER A O   1 
ATOM   769  O O   B SER A 1 114 ? 5.853   7.339   10.823  0.20 10.98  ? 1405 SER A O   1 
ATOM   770  C CB  A SER A 1 114 ? 7.770   7.007   13.491  0.19 11.36  ? 1405 SER A CB  1 
ATOM   771  C CB  B SER A 1 114 ? 7.624   7.023   13.495  0.20 11.72  ? 1405 SER A CB  1 
ATOM   772  O OG  A SER A 1 114 ? 8.998   7.208   12.796  0.19 12.04  ? 1405 SER A OG  1 
ATOM   773  O OG  B SER A 1 114 ? 7.505   6.728   14.875  0.20 12.90  ? 1405 SER A OG  1 
ATOM   774  N N   . MET A 1 115 ? 7.642   6.019   10.423  1.00 10.41  ? 1406 MET A N   1 
ATOM   775  C CA  . MET A 1 115 ? 7.670   6.285   8.974   1.00 10.46  ? 1406 MET A CA  1 
ATOM   776  C C   . MET A 1 115 ? 6.394   5.693   8.380   1.00 9.59   ? 1406 MET A C   1 
ATOM   777  O O   . MET A 1 115 ? 5.764   6.317   7.519   1.00 10.78  ? 1406 MET A O   1 
ATOM   778  C CB  . MET A 1 115 ? 8.898   5.661   8.372   1.00 9.99   ? 1406 MET A CB  1 
ATOM   779  C CG  . MET A 1 115 ? 10.164  6.336   8.813   1.00 10.83  ? 1406 MET A CG  1 
ATOM   780  S SD  . MET A 1 115 ? 11.675  5.444   8.498   1.00 12.49  ? 1406 MET A SD  1 
ATOM   781  C CE  . MET A 1 115 ? 11.851  5.703   6.757   1.00 13.09  ? 1406 MET A CE  1 
ATOM   782  N N   . SER A 1 116 ? 6.020   4.484   8.818   1.00 9.86   ? 1407 SER A N   1 
ATOM   783  C CA  . SER A 1 116 ? 4.828   3.795   8.293   1.00 9.66   ? 1407 SER A CA  1 
ATOM   784  C C   . SER A 1 116 ? 3.608   4.682   8.536   1.00 9.21   ? 1407 SER A C   1 
ATOM   785  O O   . SER A 1 116 ? 2.727   4.726   7.688   1.00 10.47  ? 1407 SER A O   1 
ATOM   786  C CB  . SER A 1 116 ? 4.663   2.399   8.857   1.00 10.02  ? 1407 SER A CB  1 
ATOM   787  O OG  . SER A 1 116 ? 3.969   2.377   10.072  1.00 10.56  ? 1407 SER A OG  1 
ATOM   788  N N   . LEU A 1 117 ? 3.522   5.293   9.694   1.00 9.81   ? 1408 LEU A N   1 
ATOM   789  C CA  . LEU A 1 117 ? 2.307   6.063   10.013  1.00 10.23  ? 1408 LEU A CA  1 
ATOM   790  C C   . LEU A 1 117 ? 2.183   7.279   9.108   1.00 10.03  ? 1408 LEU A C   1 
ATOM   791  O O   . LEU A 1 117 ? 1.076   7.631   8.671   1.00 10.65  ? 1408 LEU A O   1 
ATOM   792  C CB  . LEU A 1 117 ? 2.273   6.472   11.483  1.00 10.51  ? 1408 LEU A CB  1 
ATOM   793  C CG  . LEU A 1 117 ? 2.137   5.302   12.469  1.00 11.76  ? 1408 LEU A CG  1 
ATOM   794  C CD1 . LEU A 1 117 ? 2.074   5.847   13.885  1.00 14.60  ? 1408 LEU A CD1 1 
ATOM   795  C CD2 . LEU A 1 117 ? 0.905   4.459   12.212  1.00 13.87  ? 1408 LEU A CD2 1 
ATOM   796  N N   . ARG A 1 118 ? 3.302   7.987   8.867   1.00 10.12  ? 1409 ARG A N   1 
ATOM   797  C CA  . ARG A 1 118 ? 3.227   9.159   7.973   1.00 10.40  ? 1409 ARG A CA  1 
ATOM   798  C C   . ARG A 1 118 ? 2.886   8.695   6.574   1.00 10.57  ? 1409 ARG A C   1 
ATOM   799  O O   . ARG A 1 118 ? 2.087   9.336   5.875   1.00 11.09  ? 1409 ARG A O   1 
ATOM   800  C CB  . ARG A 1 118 ? 4.570   9.867   7.979   1.00 10.60  ? 1409 ARG A CB  1 
ATOM   801  C CG  . ARG A 1 118 ? 4.848   10.629  9.280   1.00 11.31  ? 1409 ARG A CG  1 
ATOM   802  C CD  . ARG A 1 118 ? 6.060   11.551  9.115   1.00 11.95  ? 1409 ARG A CD  1 
ATOM   803  N NE  . ARG A 1 118 ? 7.264   10.845  8.850   1.00 12.28  ? 1409 ARG A NE  1 
ATOM   804  C CZ  . ARG A 1 118 ? 8.136   10.443  9.761   1.00 12.96  ? 1409 ARG A CZ  1 
ATOM   805  N NH1 . ARG A 1 118 ? 7.963   10.691  11.034  1.00 13.97  ? 1409 ARG A NH1 1 
ATOM   806  N NH2 . ARG A 1 118 ? 9.230   9.810   9.371   1.00 14.24  ? 1409 ARG A NH2 1 
ATOM   807  N N   . LEU A 1 119 ? 3.483   7.614   6.139   1.00 9.74   ? 1410 LEU A N   1 
ATOM   808  C CA  . LEU A 1 119 ? 3.233   7.162   4.779   1.00 9.94   ? 1410 LEU A CA  1 
ATOM   809  C C   . LEU A 1 119 ? 1.813   6.673   4.627   1.00 9.55   ? 1410 LEU A C   1 
ATOM   810  O O   . LEU A 1 119 ? 1.191   6.925   3.572   1.00 10.41  ? 1410 LEU A O   1 
ATOM   811  C CB  . LEU A 1 119 ? 4.241   6.076   4.447   1.00 10.83  ? 1410 LEU A CB  1 
ATOM   812  C CG  . LEU A 1 119 ? 4.329   5.755   2.960   1.00 12.24  ? 1410 LEU A CG  1 
ATOM   813  C CD1 . LEU A 1 119 ? 4.918   6.954   2.200   1.00 13.73  ? 1410 LEU A CD1 1 
ATOM   814  C CD2 . LEU A 1 119 ? 5.219   4.549   2.769   1.00 12.72  ? 1410 LEU A CD2 1 
ATOM   815  N N   . SER A 1 120 ? 1.266   6.048   5.672   1.00 9.46   ? 1411 SER A N   1 
ATOM   816  C CA  . SER A 1 120 ? -0.139  5.591   5.670   1.00 10.01  ? 1411 SER A CA  1 
ATOM   817  C C   . SER A 1 120 ? -1.051  6.807   5.519   1.00 10.19  ? 1411 SER A C   1 
ATOM   818  O O   . SER A 1 120 ? -2.014  6.773   4.762   1.00 10.40  ? 1411 SER A O   1 
ATOM   819  C CB  . SER A 1 120 ? -0.426  4.864   6.938   1.00 10.01  ? 1411 SER A CB  1 
ATOM   820  O OG  . SER A 1 120 ? -1.811  4.559   6.985   1.00 11.40  ? 1411 SER A OG  1 
ATOM   821  N N   . ALA A 1 121 ? -0.796  7.875   6.262   1.00 10.07  ? 1412 ALA A N   1 
ATOM   822  C CA  . ALA A 1 121 ? -1.630  9.095   6.169   1.00 10.49  ? 1412 ALA A CA  1 
ATOM   823  C C   . ALA A 1 121 ? -1.593  9.653   4.765   1.00 10.60  ? 1412 ALA A C   1 
ATOM   824  O O   . ALA A 1 121 ? -2.618  10.069  4.225   1.00 10.76  ? 1412 ALA A O   1 
ATOM   825  C CB  . ALA A 1 121 ? -1.174  10.157  7.169   1.00 10.36  ? 1412 ALA A CB  1 
ATOM   826  N N   . PHE A 1 122 ? -0.425  9.712   4.183   1.00 10.09  ? 1413 PHE A N   1 
ATOM   827  C CA  . PHE A 1 122 ? -0.237  10.186  2.797   1.00 10.41  ? 1413 PHE A CA  1 
ATOM   828  C C   . PHE A 1 122 ? -1.019  9.302   1.818   1.00 10.10  ? 1413 PHE A C   1 
ATOM   829  O O   . PHE A 1 122 ? -1.766  9.801   0.947   1.00 10.74  ? 1413 PHE A O   1 
ATOM   830  C CB  . PHE A 1 122 ? 1.249   10.238  2.481   1.00 11.37  ? 1413 PHE A CB  1 
ATOM   831  C CG  . PHE A 1 122 ? 1.534   10.644  1.059   1.00 12.99  ? 1413 PHE A CG  1 
ATOM   832  C CD1 . PHE A 1 122 ? 1.474   11.975  0.661   1.00 15.56  ? 1413 PHE A CD1 1 
ATOM   833  C CD2 . PHE A 1 122 ? 1.759   9.697   0.077   1.00 14.13  ? 1413 PHE A CD2 1 
ATOM   834  C CE1 . PHE A 1 122 ? 1.748   12.360  -0.651  1.00 17.06  ? 1413 PHE A CE1 1 
ATOM   835  C CE2 . PHE A 1 122 ? 2.048   10.088  -1.228  1.00 15.49  ? 1413 PHE A CE2 1 
ATOM   836  C CZ  . PHE A 1 122 ? 2.033   11.410  -1.599  1.00 17.36  ? 1413 PHE A CZ  1 
ATOM   837  N N   . PHE A 1 123 ? -0.862  8.005   1.986   1.00 9.96   ? 1414 PHE A N   1 
ATOM   838  C CA  . PHE A 1 123 ? -1.549  7.061   1.108   1.00 10.31  ? 1414 PHE A CA  1 
ATOM   839  C C   . PHE A 1 123 ? -3.054  7.221   1.224   1.00 10.85  ? 1414 PHE A C   1 
ATOM   840  O O   . PHE A 1 123 ? -3.740  7.306   0.182   1.00 11.55  ? 1414 PHE A O   1 
ATOM   841  C CB  . PHE A 1 123 ? -1.140  5.642   1.449   1.00 9.35   ? 1414 PHE A CB  1 
ATOM   842  C CG  . PHE A 1 123 ? -1.930  4.611   0.684   1.00 9.91   ? 1414 PHE A CG  1 
ATOM   843  C CD1 . PHE A 1 123 ? -1.685  4.398   -0.672  1.00 9.70   ? 1414 PHE A CD1 1 
ATOM   844  C CD2 . PHE A 1 123 ? -2.991  3.940   1.280   1.00 10.50  ? 1414 PHE A CD2 1 
ATOM   845  C CE1 . PHE A 1 123 ? -2.470  3.502   -1.388  1.00 10.57  ? 1414 PHE A CE1 1 
ATOM   846  C CE2 . PHE A 1 123 ? -3.732  3.024   0.542   1.00 10.41  ? 1414 PHE A CE2 1 
ATOM   847  C CZ  . PHE A 1 123 ? -3.465  2.814   -0.777  1.00 10.50  ? 1414 PHE A CZ  1 
ATOM   848  N N   . GLU A 1 124 ? -3.581  7.249   2.420   1.00 10.27  ? 1415 GLU A N   1 
ATOM   849  C CA  . GLU A 1 124 ? -5.032  7.345   2.628   1.00 10.95  ? 1415 GLU A CA  1 
ATOM   850  C C   . GLU A 1 124 ? -5.601  8.654   2.099   1.00 12.03  ? 1415 GLU A C   1 
ATOM   851  O O   . GLU A 1 124 ? -6.647  8.655   1.462   1.00 13.12  ? 1415 GLU A O   1 
ATOM   852  C CB  . GLU A 1 124 ? -5.398  7.162   4.089   1.00 11.86  ? 1415 GLU A CB  1 
ATOM   853  C CG  . GLU A 1 124 ? -5.104  5.761   4.627   1.00 12.99  ? 1415 GLU A CG  1 
ATOM   854  C CD  . GLU A 1 124 ? -5.903  4.635   3.997   1.00 13.99  ? 1415 GLU A CD  1 
ATOM   855  O OE1 . GLU A 1 124 ? -6.993  4.911   3.465   1.00 15.97  ? 1415 GLU A OE1 1 
ATOM   856  O OE2 . GLU A 1 124 ? -5.407  3.518   3.978   1.00 12.59  ? 1415 GLU A OE2 1 
ATOM   857  N N   . GLU A 1 125 ? -4.845  9.720   2.252   1.00 11.37  ? 1416 GLU A N   1 
ATOM   858  C CA  . GLU A 1 125 ? -5.272  11.028  1.733   1.00 11.73  ? 1416 GLU A CA  1 
ATOM   859  C C   . GLU A 1 125 ? -5.439  10.931  0.234   1.00 12.19  ? 1416 GLU A C   1 
ATOM   860  O O   . GLU A 1 125 ? -6.343  11.595  -0.296  1.00 13.26  ? 1416 GLU A O   1 
ATOM   861  C CB  . GLU A 1 125 ? -4.181  12.021  2.097   1.00 11.49  ? 1416 GLU A CB  1 
ATOM   862  C CG  . GLU A 1 125 ? -4.320  13.407  1.544   1.00 12.97  ? 1416 GLU A CG  1 
ATOM   863  C CD  . GLU A 1 125 ? -3.204  14.291  2.067   1.00 12.73  ? 1416 GLU A CD  1 
ATOM   864  O OE1 . GLU A 1 125 ? -3.193  14.526  3.315   1.00 13.88  ? 1416 GLU A OE1 1 
ATOM   865  O OE2 . GLU A 1 125 ? -2.302  14.590  1.320   1.00 14.49  ? 1416 GLU A OE2 1 
ATOM   866  N N   . HIS A 1 126 ? -4.526  10.278  -0.464  1.00 11.57  ? 1417 HIS A N   1 
ATOM   867  C CA  . HIS A 1 126 ? -4.522  10.228  -1.941  1.00 13.15  ? 1417 HIS A CA  1 
ATOM   868  C C   . HIS A 1 126 ? -5.410  9.097   -2.470  1.00 12.44  ? 1417 HIS A C   1 
ATOM   869  O O   . HIS A 1 126 ? -5.993  9.265   -3.572  1.00 15.58  ? 1417 HIS A O   1 
ATOM   870  C CB  . HIS A 1 126 ? -3.096  10.081  -2.406  1.00 14.46  ? 1417 HIS A CB  1 
ATOM   871  C CG  . HIS A 1 126 ? -2.344  11.356  -2.310  1.00 18.05  ? 1417 HIS A CG  1 
ATOM   872  N ND1 . HIS A 1 126 ? -1.916  11.879  -1.107  1.00 18.85  ? 1417 HIS A ND1 1 
ATOM   873  C CD2 . HIS A 1 126 ? -2.000  12.230  -3.280  1.00 22.21  ? 1417 HIS A CD2 1 
ATOM   874  C CE1 . HIS A 1 126 ? -1.390  13.066  -1.351  1.00 22.22  ? 1417 HIS A CE1 1 
ATOM   875  N NE2 . HIS A 1 126 ? -1.360  13.263  -2.665  1.00 26.52  ? 1417 HIS A NE2 1 
ATOM   876  N N   . ILE A 1 127 ? -5.554  7.969   -1.785  1.00 12.54  ? 1418 ILE A N   1 
ATOM   877  C CA  . ILE A 1 127 ? -6.325  6.848   -2.361  1.00 11.85  ? 1418 ILE A CA  1 
ATOM   878  C C   . ILE A 1 127 ? -7.829  7.125   -2.291  1.00 11.84  ? 1418 ILE A C   1 
ATOM   879  O O   . ILE A 1 127 ? -8.586  6.557   -3.054  1.00 12.26  ? 1418 ILE A O   1 
ATOM   880  C CB  . ILE A 1 127 ? -5.958  5.524   -1.684  1.00 11.81  ? 1418 ILE A CB  1 
ATOM   881  C CG1 . ILE A 1 127 ? -6.260  4.300   -2.563  1.00 13.27  ? 1418 ILE A CG1 1 
ATOM   882  C CG2 . ILE A 1 127 ? -6.640  5.403   -0.364  1.00 11.94  ? 1418 ILE A CG2 1 
ATOM   883  C CD1 . ILE A 1 127 ? -5.522  4.248   -3.833  1.00 13.37  ? 1418 ILE A CD1 1 
ATOM   884  N N   A SER A 1 128 ? -8.275  7.977   -1.375  0.25 11.80  ? 1419 SER A N   1 
ATOM   885  N N   B SER A 1 128 ? -8.235  7.987   -1.359  0.25 12.01  ? 1419 SER A N   1 
ATOM   886  C CA  A SER A 1 128 ? -9.726  8.171   -1.147  0.25 12.06  ? 1419 SER A CA  1 
ATOM   887  C CA  B SER A 1 128 ? -9.650  8.342   -1.104  0.25 12.50  ? 1419 SER A CA  1 
ATOM   888  C C   A SER A 1 128 ? -10.434 8.585   -2.454  0.25 12.38  ? 1419 SER A C   1 
ATOM   889  C C   B SER A 1 128 ? -10.393 8.597   -2.427  0.25 12.69  ? 1419 SER A C   1 
ATOM   890  O O   A SER A 1 128 ? -11.514 8.018   -2.725  0.25 11.89  ? 1419 SER A O   1 
ATOM   891  O O   B SER A 1 128 ? -11.434 7.945   -2.664  0.25 12.43  ? 1419 SER A O   1 
ATOM   892  C CB  A SER A 1 128 ? -9.955  9.141   -0.031  0.25 12.68  ? 1419 SER A CB  1 
ATOM   893  C CB  B SER A 1 128 ? -9.714  9.533   -0.188  0.25 13.20  ? 1419 SER A CB  1 
ATOM   894  O OG  A SER A 1 128 ? -9.292  10.360  -0.313  0.25 13.92  ? 1419 SER A OG  1 
ATOM   895  O OG  B SER A 1 128 ? -11.027 10.049  -0.140  0.25 15.33  ? 1419 SER A OG  1 
ATOM   896  N N   . SER A 1 129 ? -9.905  9.536   -3.224  1.00 12.34  ? 1420 SER A N   1 
ATOM   897  C CA  . SER A 1 129 ? -10.587 9.953   -4.461  1.00 13.13  ? 1420 SER A CA  1 
ATOM   898  C C   . SER A 1 129 ? -10.518 8.826   -5.495  1.00 12.93  ? 1420 SER A C   1 
ATOM   899  O O   . SER A 1 129 ? -11.459 8.645   -6.267  1.00 13.00  ? 1420 SER A O   1 
ATOM   900  C CB  . SER A 1 129 ? -10.027 11.212  -5.009  1.00 15.56  ? 1420 SER A CB  1 
ATOM   901  O OG  . SER A 1 129 ? -8.650  11.128  -5.243  1.00 20.19  ? 1420 SER A OG  1 
ATOM   902  N N   . VAL A 1 130 ? -9.417  8.073   -5.514  1.00 11.53  ? 1421 VAL A N   1 
ATOM   903  C CA  . VAL A 1 130 ? -9.287  6.959   -6.471  1.00 11.15  ? 1421 VAL A CA  1 
ATOM   904  C C   . VAL A 1 130 ? -10.410 5.958   -6.201  1.00 11.79  ? 1421 VAL A C   1 
ATOM   905  O O   . VAL A 1 130 ? -11.048 5.457   -7.180  1.00 11.12  ? 1421 VAL A O   1 
ATOM   906  C CB  . VAL A 1 130 ? -7.927  6.301   -6.367  1.00 10.97  ? 1421 VAL A CB  1 
ATOM   907  C CG1 . VAL A 1 130 ? -7.872  5.120   -7.321  1.00 10.96  ? 1421 VAL A CG1 1 
ATOM   908  C CG2 . VAL A 1 130 ? -6.826  7.271   -6.668  1.00 12.56  ? 1421 VAL A CG2 1 
ATOM   909  N N   . LEU A 1 131 ? -10.618 5.580   -4.940  1.00 11.43  ? 1422 LEU A N   1 
ATOM   910  C CA  . LEU A 1 131 ? -11.657 4.623   -4.593  1.00 11.46  ? 1422 LEU A CA  1 
ATOM   911  C C   . LEU A 1 131 ? -13.030 5.221   -4.905  1.00 11.34  ? 1422 LEU A C   1 
ATOM   912  O O   . LEU A 1 131 ? -13.858 4.528   -5.494  1.00 12.30  ? 1422 LEU A O   1 
ATOM   913  C CB  . LEU A 1 131 ? -11.576 4.273   -3.113  1.00 11.82  ? 1422 LEU A CB  1 
ATOM   914  C CG  . LEU A 1 131 ? -10.330 3.485   -2.716  1.00 12.53  ? 1422 LEU A CG  1 
ATOM   915  C CD1 . LEU A 1 131 ? -10.175 3.505   -1.219  1.00 14.32  ? 1422 LEU A CD1 1 
ATOM   916  C CD2 . LEU A 1 131 ? -10.380 2.081   -3.267  1.00 13.34  ? 1422 LEU A CD2 1 
ATOM   917  N N   . SER A 1 132 ? -13.244 6.475   -4.561  1.00 12.53  ? 1423 SER A N   1 
ATOM   918  C CA  . SER A 1 132 ? -14.584 7.073   -4.753  1.00 11.94  ? 1423 SER A CA  1 
ATOM   919  C C   . SER A 1 132 ? -14.901 7.084   -6.239  1.00 12.41  ? 1423 SER A C   1 
ATOM   920  O O   . SER A 1 132 ? -16.018 6.768   -6.620  1.00 12.57  ? 1423 SER A O   1 
ATOM   921  C CB  . SER A 1 132 ? -14.678 8.466   -4.177  1.00 13.19  ? 1423 SER A CB  1 
ATOM   922  O OG  . SER A 1 132 ? -14.550 8.447   -2.790  1.00 15.76  ? 1423 SER A OG  1 
ATOM   923  N N   . ASP A 1 133 ? -13.951 7.540   -7.024  1.00 12.01  ? 1424 ASP A N   1 
ATOM   924  C CA  . ASP A 1 133 ? -14.158 7.691   -8.472  1.00 12.71  ? 1424 ASP A CA  1 
ATOM   925  C C   . ASP A 1 133 ? -14.441 6.330   -9.076  1.00 12.22  ? 1424 ASP A C   1 
ATOM   926  O O   . ASP A 1 133 ? -15.326 6.166   -9.928  1.00 13.11  ? 1424 ASP A O   1 
ATOM   927  C CB  . ASP A 1 133 ? -12.995 8.337   -9.204  1.00 14.59  ? 1424 ASP A CB  1 
ATOM   928  C CG  . ASP A 1 133 ? -12.837 9.807   -8.982  1.00 17.61  ? 1424 ASP A CG  1 
ATOM   929  O OD1 . ASP A 1 133 ? -13.667 10.403  -8.282  1.00 17.71  ? 1424 ASP A OD1 1 
ATOM   930  O OD2 . ASP A 1 133 ? -11.888 10.336  -9.560  1.00 20.53  ? 1424 ASP A OD2 1 
ATOM   931  N N   . TYR A 1 134 ? -13.682 5.321   -8.673  1.00 11.49  ? 1425 TYR A N   1 
ATOM   932  C CA  . TYR A 1 134 ? -13.875 3.989   -9.242  1.00 11.69  ? 1425 TYR A CA  1 
ATOM   933  C C   . TYR A 1 134 ? -15.267 3.523   -8.894  1.00 11.32  ? 1425 TYR A C   1 
ATOM   934  O O   . TYR A 1 134 ? -16.000 2.938   -9.747  1.00 11.87  ? 1425 TYR A O   1 
ATOM   935  C CB  . TYR A 1 134 ? -12.792 3.013   -8.755  1.00 11.40  ? 1425 TYR A CB  1 
ATOM   936  C CG  . TYR A 1 134 ? -13.059 1.598   -9.172  1.00 11.67  ? 1425 TYR A CG  1 
ATOM   937  C CD1 . TYR A 1 134 ? -12.772 1.172   -10.444 1.00 12.53  ? 1425 TYR A CD1 1 
ATOM   938  C CD2 . TYR A 1 134 ? -13.666 0.720   -8.317  1.00 12.09  ? 1425 TYR A CD2 1 
ATOM   939  C CE1 . TYR A 1 134 ? -13.024 -0.127  -10.837 1.00 13.50  ? 1425 TYR A CE1 1 
ATOM   940  C CE2 . TYR A 1 134 ? -13.871 -0.593  -8.651  1.00 14.66  ? 1425 TYR A CE2 1 
ATOM   941  C CZ  . TYR A 1 134 ? -13.600 -1.009  -9.937  1.00 13.64  ? 1425 TYR A CZ  1 
ATOM   942  O OH  . TYR A 1 134 ? -13.796 -2.297  -10.363 1.00 17.68  ? 1425 TYR A OH  1 
ATOM   943  N N   . LYS A 1 135 ? -15.640 3.632   -7.634  1.00 11.43  ? 1426 LYS A N   1 
ATOM   944  C CA  . LYS A 1 135 ? -16.922 3.074   -7.194  1.00 11.36  ? 1426 LYS A CA  1 
ATOM   945  C C   . LYS A 1 135 ? -18.060 3.820   -7.880  1.00 11.31  ? 1426 LYS A C   1 
ATOM   946  O O   . LYS A 1 135 ? -19.040 3.168   -8.284  1.00 11.76  ? 1426 LYS A O   1 
ATOM   947  C CB  . LYS A 1 135 ? -17.040 3.095   -5.676  1.00 12.85  ? 1426 LYS A CB  1 
ATOM   948  C CG  . LYS A 1 135 ? -16.019 2.174   -5.016  1.00 13.26  ? 1426 LYS A CG  1 
ATOM   949  C CD  . LYS A 1 135 ? -16.102 2.286   -3.533  1.00 15.09  ? 1426 LYS A CD  1 
ATOM   950  C CE  . LYS A 1 135 ? -15.148 1.358   -2.813  1.00 18.85  ? 1426 LYS A CE  1 
ATOM   951  N NZ  . LYS A 1 135 ? -15.050 1.767   -1.401  1.00 24.29  ? 1426 LYS A NZ  1 
ATOM   952  N N   . SER A 1 136 ? -17.920 5.119   -8.039  1.00 11.42  ? 1427 SER A N   1 
ATOM   953  C CA  . SER A 1 136 ? -18.941 5.917   -8.744  1.00 12.87  ? 1427 SER A CA  1 
ATOM   954  C C   . SER A 1 136 ? -19.032 5.498   -10.206 1.00 12.11  ? 1427 SER A C   1 
ATOM   955  O O   . SER A 1 136 ? -20.138 5.365   -10.754 1.00 12.42  ? 1427 SER A O   1 
ATOM   956  C CB  . SER A 1 136 ? -18.580 7.342   -8.626  1.00 14.40  ? 1427 SER A CB  1 
ATOM   957  O OG  . SER A 1 136 ? -19.215 8.082   -9.655  1.00 21.33  ? 1427 SER A OG  1 
ATOM   958  N N   . ALA A 1 137 ? -17.911 5.212   -10.844 1.00 12.64  ? 1428 ALA A N   1 
ATOM   959  C CA  . ALA A 1 137 ? -17.850 4.816   -12.263 1.00 12.81  ? 1428 ALA A CA  1 
ATOM   960  C C   . ALA A 1 137 ? -18.527 3.480   -12.406 1.00 12.91  ? 1428 ALA A C   1 
ATOM   961  O O   . ALA A 1 137 ? -19.275 3.261   -13.358 1.00 14.42  ? 1428 ALA A O   1 
ATOM   962  C CB  . ALA A 1 137 ? -16.403 4.811   -12.735 1.00 15.09  ? 1428 ALA A CB  1 
ATOM   963  N N   A LEU A 1 138 ? -18.312 2.542   -11.482 0.25 13.63  ? 1429 LEU A N   1 
ATOM   964  N N   B LEU A 1 138 ? -18.283 2.583   -11.472 0.25 13.13  ? 1429 LEU A N   1 
ATOM   965  C CA  A LEU A 1 138 ? -18.956 1.207   -11.538 0.25 14.95  ? 1429 LEU A CA  1 
ATOM   966  C CA  B LEU A 1 138 ? -18.910 1.264   -11.552 0.25 13.80  ? 1429 LEU A CA  1 
ATOM   967  C C   A LEU A 1 138 ? -20.456 1.335   -11.274 0.25 13.67  ? 1429 LEU A C   1 
ATOM   968  C C   B LEU A 1 138 ? -20.413 1.415   -11.346 0.25 12.88  ? 1429 LEU A C   1 
ATOM   969  O O   A LEU A 1 138 ? -21.248 0.556   -11.847 0.25 13.82  ? 1429 LEU A O   1 
ATOM   970  O O   B LEU A 1 138 ? -21.138 0.805   -12.128 0.25 12.94  ? 1429 LEU A O   1 
ATOM   971  C CB  A LEU A 1 138 ? -18.284 0.266   -10.530 0.25 17.54  ? 1429 LEU A CB  1 
ATOM   972  C CB  B LEU A 1 138 ? -18.236 0.315   -10.564 0.25 15.48  ? 1429 LEU A CB  1 
ATOM   973  C CG  A LEU A 1 138 ? -17.228 -0.687  -11.085 0.25 17.73  ? 1429 LEU A CG  1 
ATOM   974  C CG  B LEU A 1 138 ? -18.203 -1.131  -11.036 0.25 14.90  ? 1429 LEU A CG  1 
ATOM   975  C CD1 A LEU A 1 138 ? -17.003 -1.825  -10.105 0.25 18.97  ? 1429 LEU A CD1 1 
ATOM   976  C CD1 B LEU A 1 138 ? -17.229 -1.294  -12.190 0.25 14.92  ? 1429 LEU A CD1 1 
ATOM   977  C CD2 A LEU A 1 138 ? -17.636 -1.243  -12.442 0.25 18.26  ? 1429 LEU A CD2 1 
ATOM   978  C CD2 B LEU A 1 138 ? -17.804 -2.047  -9.888  0.25 15.28  ? 1429 LEU A CD2 1 
ATOM   979  N N   . ARG A 1 139 ? -20.863 2.263   -10.412 1.00 12.17  ? 1430 ARG A N   1 
ATOM   980  C CA  . ARG A 1 139 ? -22.300 2.434   -10.191 1.00 13.01  ? 1430 ARG A CA  1 
ATOM   981  C C   . ARG A 1 139 ? -22.933 2.983   -11.470 1.00 10.99  ? 1430 ARG A C   1 
ATOM   982  O O   . ARG A 1 139 ? -23.986 2.510   -11.860 1.00 12.80  ? 1430 ARG A O   1 
ATOM   983  C CB  . ARG A 1 139 ? -22.582 3.360   -9.026  1.00 12.41  ? 1430 ARG A CB  1 
ATOM   984  C CG  . ARG A 1 139 ? -22.253 2.758   -7.683  1.00 13.30  ? 1430 ARG A CG  1 
ATOM   985  C CD  . ARG A 1 139 ? -22.750 3.582   -6.528  1.00 13.81  ? 1430 ARG A CD  1 
ATOM   986  N NE  . ARG A 1 139 ? -22.107 4.863   -6.409  1.00 13.45  ? 1430 ARG A NE  1 
ATOM   987  C CZ  . ARG A 1 139 ? -21.032 5.144   -5.647  1.00 12.27  ? 1430 ARG A CZ  1 
ATOM   988  N NH1 . ARG A 1 139 ? -20.425 4.180   -5.001  1.00 13.72  ? 1430 ARG A NH1 1 
ATOM   989  N NH2 . ARG A 1 139 ? -20.572 6.360   -5.565  1.00 13.74  ? 1430 ARG A NH2 1 
ATOM   990  N N   . PHE A 1 140 ? -22.249 3.915   -12.136 1.00 11.00  ? 1431 PHE A N   1 
ATOM   991  C CA  . PHE A 1 140 ? -22.799 4.500   -13.377 1.00 11.56  ? 1431 PHE A CA  1 
ATOM   992  C C   . PHE A 1 140 ? -22.895 3.418   -14.439 1.00 11.73  ? 1431 PHE A C   1 
ATOM   993  O O   . PHE A 1 140 ? -23.892 3.283   -15.132 1.00 12.12  ? 1431 PHE A O   1 
ATOM   994  C CB  . PHE A 1 140 ? -21.912 5.635   -13.832 1.00 11.84  ? 1431 PHE A CB  1 
ATOM   995  C CG  . PHE A 1 140 ? -22.511 6.393   -14.968 1.00 13.31  ? 1431 PHE A CG  1 
ATOM   996  C CD1 . PHE A 1 140 ? -23.518 7.327   -14.755 1.00 15.19  ? 1431 PHE A CD1 1 
ATOM   997  C CD2 . PHE A 1 140 ? -22.103 6.159   -16.271 1.00 13.96  ? 1431 PHE A CD2 1 
ATOM   998  C CE1 . PHE A 1 140 ? -24.088 8.005   -15.829 1.00 15.52  ? 1431 PHE A CE1 1 
ATOM   999  C CE2 . PHE A 1 140 ? -22.656 6.848   -17.346 1.00 16.71  ? 1431 PHE A CE2 1 
ATOM   1000 C CZ  . PHE A 1 140 ? -23.629 7.785   -17.097 1.00 15.94  ? 1431 PHE A CZ  1 
ATOM   1001 N N   . HIS A 1 141 ? -21.867 2.569   -14.494 1.00 12.37  ? 1432 HIS A N   1 
ATOM   1002 C CA  . HIS A 1 141 ? -21.857 1.468   -15.486 1.00 14.41  ? 1432 HIS A CA  1 
ATOM   1003 C C   . HIS A 1 141 ? -23.079 0.588   -15.278 1.00 17.76  ? 1432 HIS A C   1 
ATOM   1004 O O   . HIS A 1 141 ? -23.628 0.091   -16.281 1.00 20.35  ? 1432 HIS A O   1 
ATOM   1005 C CB  . HIS A 1 141 ? -20.570 0.685   -15.350 1.00 15.82  ? 1432 HIS A CB  1 
ATOM   1006 C CG  . HIS A 1 141 ? -20.432 -0.325  -16.432 1.00 15.52  ? 1432 HIS A CG  1 
ATOM   1007 N ND1 . HIS A 1 141 ? -20.173 0.062   -17.733 1.00 14.21  ? 1432 HIS A ND1 1 
ATOM   1008 C CD2 . HIS A 1 141 ? -20.505 -1.666  -16.408 1.00 17.86  ? 1432 HIS A CD2 1 
ATOM   1009 C CE1 . HIS A 1 141 ? -20.140 -1.029  -18.474 1.00 15.21  ? 1432 HIS A CE1 1 
ATOM   1010 N NE2 . HIS A 1 141 ? -20.282 -2.084  -17.702 1.00 15.35  ? 1432 HIS A NE2 1 
ATOM   1011 N N   . LYS A 1 142 ? -23.459 0.348   -14.036 1.00 17.31  ? 1433 LYS A N   1 
ATOM   1012 C CA  . LYS A 1 142 ? -24.549 -0.585  -13.683 1.00 19.28  ? 1433 LYS A CA  1 
ATOM   1013 C C   . LYS A 1 142 ? -25.883 0.142   -13.551 1.00 22.57  ? 1433 LYS A C   1 
ATOM   1014 O O   . LYS A 1 142 ? -26.851 -0.520  -13.205 1.00 29.16  ? 1433 LYS A O   1 
ATOM   1015 C CB  . LYS A 1 142 ? -24.120 -1.349  -12.424 1.00 24.45  ? 1433 LYS A CB  1 
ATOM   1016 C CG  . LYS A 1 142 ? -22.839 -2.159  -12.539 1.00 28.32  ? 1433 LYS A CG  1 
ATOM   1017 C CD  . LYS A 1 142 ? -22.585 -2.964  -11.288 1.00 31.61  ? 1433 LYS A CD  1 
ATOM   1018 C CE  . LYS A 1 142 ? -21.136 -3.051  -10.873 1.00 36.06  ? 1433 LYS A CE  1 
ATOM   1019 N NZ  . LYS A 1 142 ? -20.307 -3.660  -11.944 1.00 39.23  ? 1433 LYS A NZ  1 
ATOM   1020 N N   . ARG A 1 143 ? -25.988 1.419   -13.891 1.00 20.57  ? 1434 ARG A N   1 
ATOM   1021 C CA  . ARG A 1 143 ? -27.164 2.265   -13.554 1.00 22.08  ? 1434 ARG A CA  1 
ATOM   1022 C C   . ARG A 1 143 ? -28.460 1.687   -14.144 1.00 24.16  ? 1434 ARG A C   1 
ATOM   1023 O O   . ARG A 1 143 ? -28.433 1.230   -15.248 1.00 24.26  ? 1434 ARG A O   1 
ATOM   1024 C CB  . ARG A 1 143 ? -26.910 3.705   -13.977 1.00 20.03  ? 1434 ARG A CB  1 
ATOM   1025 C CG  . ARG A 1 143 ? -26.852 3.894   -15.482 1.00 19.02  ? 1434 ARG A CG  1 
ATOM   1026 C CD  . ARG A 1 143 ? -26.328 5.256   -15.842 1.00 19.15  ? 1434 ARG A CD  1 
ATOM   1027 N NE  . ARG A 1 143 ? -26.378 5.492   -17.275 1.00 19.60  ? 1434 ARG A NE  1 
ATOM   1028 C CZ  . ARG A 1 143 ? -25.591 4.960   -18.179 1.00 18.96  ? 1434 ARG A CZ  1 
ATOM   1029 N NH1 . ARG A 1 143 ? -24.572 4.185   -17.840 1.00 17.11  ? 1434 ARG A NH1 1 
ATOM   1030 N NH2 . ARG A 1 143 ? -25.742 5.302   -19.457 1.00 22.93  ? 1434 ARG A NH2 1 
HETATM 1031 N N1  . Y47 B 2 .   ? 9.639   -3.663  9.138   0.39 10.44  ? 1501 Y47 A N1  1 
HETATM 1032 N N3  . Y47 B 2 .   ? 12.564  -3.572  5.131   0.39 13.59  ? 1501 Y47 A N3  1 
HETATM 1033 C C4  . Y47 B 2 .   ? 8.538   -1.915  12.235  0.39 9.52   ? 1501 Y47 A C4  1 
HETATM 1034 C C5  . Y47 B 2 .   ? 9.285   -2.477  11.267  0.39 9.20   ? 1501 Y47 A C5  1 
HETATM 1035 C C6  . Y47 B 2 .   ? 8.879   -2.938  9.968   0.39 9.62   ? 1501 Y47 A C6  1 
HETATM 1036 C C7  . Y47 B 2 .   ? 9.378   -3.783  7.704   0.39 10.62  ? 1501 Y47 A C7  1 
HETATM 1037 C C8  . Y47 B 2 .   ? 10.471  -3.041  6.965   0.39 10.56  ? 1501 Y47 A C8  1 
HETATM 1038 C C10 . Y47 B 2 .   ? 13.336  -4.212  4.071   0.39 15.22  ? 1501 Y47 A C10 1 
HETATM 1039 C C13 . Y47 B 2 .   ? 16.735  -3.188  2.722   0.39 19.78  ? 1501 Y47 A C13 1 
HETATM 1040 C C15 . Y47 B 2 .   ? 14.368  -2.048  3.348   0.39 18.58  ? 1501 Y47 A C15 1 
HETATM 1041 C C17 . Y47 B 2 .   ? 10.887  -4.348  9.485   0.39 10.51  ? 1501 Y47 A C17 1 
HETATM 1042 C C1  . Y47 B 2 .   ? 11.947  -1.964  13.626  0.39 9.09   ? 1501 Y47 A C1  1 
HETATM 1043 C C11 . Y47 B 2 .   ? 14.496  -3.394  3.557   0.39 17.40  ? 1501 Y47 A C11 1 
HETATM 1044 C C12 . Y47 B 2 .   ? 15.706  -3.970  3.208   0.39 19.07  ? 1501 Y47 A C12 1 
HETATM 1045 C C14 . Y47 B 2 .   ? 16.518  -1.846  2.574   0.39 19.61  ? 1501 Y47 A C14 1 
HETATM 1046 C C16 . Y47 B 2 .   ? 12.036  -3.668  8.769   0.39 10.70  ? 1501 Y47 A C16 1 
HETATM 1047 C C2  . Y47 B 2 .   ? 10.630  -2.013  12.953  0.39 9.18   ? 1501 Y47 A C2  1 
HETATM 1048 C C3  . Y47 B 2 .   ? 9.404   -1.597  13.300  0.39 9.38   ? 1501 Y47 A C3  1 
HETATM 1049 C C9  . Y47 B 2 .   ? 12.772  -3.836  6.437   0.39 12.14  ? 1501 Y47 A C9  1 
HETATM 1050 N N2  . Y47 B 2 .   ? 11.793  -3.558  7.324   0.39 11.31  ? 1501 Y47 A N2  1 
HETATM 1051 N N4  . Y47 B 2 .   ? 15.351  -1.258  2.875   0.39 19.18  ? 1501 Y47 A N4  1 
HETATM 1052 O O1  . Y47 B 2 .   ? 7.787   -2.549  9.588   0.39 9.20   ? 1501 Y47 A O1  1 
HETATM 1053 O O2  . Y47 B 2 .   ? 13.836  -4.311  6.822   0.39 11.67  ? 1501 Y47 A O2  1 
HETATM 1054 O O3  . Y47 B 2 .   ? 10.594  -2.571  11.703  0.39 8.73   ? 1501 Y47 A O3  1 
HETATM 1055 O O   . HOH C 3 .   ? 15.354  -0.432  4.399   1.00 24.20  ? 1601 HOH A O   1 
HETATM 1056 O O   . HOH C 3 .   ? 4.292   9.187   -12.096 1.00 33.89  ? 1602 HOH A O   1 
HETATM 1057 O O   . HOH C 3 .   ? 10.532  8.338   11.566  1.00 27.20  ? 1603 HOH A O   1 
HETATM 1058 O O   . HOH C 3 .   ? -12.957 -3.100  -12.335 1.00 29.42  ? 1604 HOH A O   1 
HETATM 1059 O O   . HOH C 3 .   ? -2.011  -1.211  19.355  1.00 28.75  ? 1605 HOH A O   1 
HETATM 1060 O O   . HOH C 3 .   ? 21.323  -8.702  5.198   1.00 40.17  ? 1606 HOH A O   1 
HETATM 1061 O O   . HOH C 3 .   ? -5.800  10.995  -5.255  1.00 31.58  ? 1607 HOH A O   1 
HETATM 1062 O O   . HOH C 3 .   ? 10.422  -17.487 11.332  1.00 41.46  ? 1608 HOH A O   1 
HETATM 1063 O O   . HOH C 3 .   ? 13.122  -9.779  17.842  1.00 31.35  ? 1609 HOH A O   1 
HETATM 1064 O O   . HOH C 3 .   ? -10.826 -9.311  0.979   1.00 42.48  ? 1610 HOH A O   1 
HETATM 1065 O O   . HOH C 3 .   ? 1.533   5.845   -14.963 1.00 36.62  ? 1611 HOH A O   1 
HETATM 1066 O O   . HOH C 3 .   ? -2.478  -9.234  -3.895  1.00 35.64  ? 1612 HOH A O   1 
HETATM 1067 O O   . HOH C 3 .   ? -12.691 -5.349  -5.848  1.00 27.60  ? 1613 HOH A O   1 
HETATM 1068 O O   . HOH C 3 .   ? 16.187  -2.291  8.173   1.00 22.24  ? 1614 HOH A O   1 
HETATM 1069 O O   . HOH C 3 .   ? 6.510   -10.328 -3.399  1.00 37.65  ? 1615 HOH A O   1 
HETATM 1070 O O   . HOH C 3 .   ? 12.516  5.257   -4.841  1.00 27.55  ? 1616 HOH A O   1 
HETATM 1071 O O   . HOH C 3 .   ? 14.747  -7.616  0.628   1.00 37.36  ? 1617 HOH A O   1 
HETATM 1072 O O   . HOH C 3 .   ? 2.896   -12.072 0.805   1.00 26.95  ? 1618 HOH A O   1 
HETATM 1073 O O   . HOH C 3 .   ? -15.326 -9.593  -12.266 1.00 38.99  ? 1619 HOH A O   1 
HETATM 1074 O O   . HOH C 3 .   ? 3.979   1.852   -12.785 1.00 43.03  ? 1620 HOH A O   1 
HETATM 1075 O O   . HOH C 3 .   ? 2.630   -8.156  17.124  1.00 16.72  ? 1621 HOH A O   1 
HETATM 1076 O O   . HOH C 3 .   ? 13.760  -11.516 2.658   1.00 36.17  ? 1622 HOH A O   1 
HETATM 1077 O O   . HOH C 3 .   ? 16.572  -7.630  14.480  1.00 50.08  ? 1623 HOH A O   1 
HETATM 1078 O O   . HOH C 3 .   ? 1.917   -11.950 15.168  1.00 35.40  ? 1624 HOH A O   1 
HETATM 1079 O O   . HOH C 3 .   ? 8.159   8.156   16.941  1.00 26.17  ? 1625 HOH A O   1 
HETATM 1080 O O   . HOH C 3 .   ? 11.008  -7.081  -4.475  1.00 55.18  ? 1626 HOH A O   1 
HETATM 1081 O O   . HOH C 3 .   ? 3.754   -4.315  18.067  1.00 14.26  ? 1627 HOH A O   1 
HETATM 1082 O O   . HOH C 3 .   ? 6.366   -4.711  8.360   0.39 11.57  ? 1628 HOH A O   1 
HETATM 1083 O O   . HOH C 3 .   ? -25.928 1.846   -10.232 1.00 28.12  ? 1629 HOH A O   1 
HETATM 1084 O O   . HOH C 3 .   ? 5.773   -6.880  5.256   1.00 13.17  ? 1630 HOH A O   1 
HETATM 1085 O O   . HOH C 3 .   ? -3.272  2.859   5.358   1.00 14.96  ? 1631 HOH A O   1 
HETATM 1086 O O   . HOH C 3 .   ? 10.251  -12.485 18.161  1.00 22.28  ? 1632 HOH A O   1 
HETATM 1087 O O   . HOH C 3 .   ? 15.562  -6.075  5.901   0.39 16.14  ? 1633 HOH A O   1 
HETATM 1088 O O   . HOH C 3 .   ? -0.780  -4.487  -16.991 1.00 15.81  ? 1634 HOH A O   1 
HETATM 1089 O O   . HOH C 3 .   ? 0.261   4.175   16.936  1.00 28.22  ? 1635 HOH A O   1 
HETATM 1090 O O   . HOH C 3 .   ? -5.283  14.318  4.932   1.00 24.34  ? 1636 HOH A O   1 
HETATM 1091 O O   . HOH C 3 .   ? 3.756   6.821   17.119  1.00 31.20  ? 1637 HOH A O   1 
HETATM 1092 O O   . HOH C 3 .   ? 17.753  -2.898  6.698   0.39 13.68  ? 1638 HOH A O   1 
HETATM 1093 O O   . HOH C 3 .   ? -19.950 2.696   -18.040 1.00 14.76  ? 1639 HOH A O   1 
HETATM 1094 O O   . HOH C 3 .   ? -8.533  6.809   2.404   1.00 15.55  ? 1640 HOH A O   1 
HETATM 1095 O O   . HOH C 3 .   ? -11.030 12.392  -1.413  1.00 33.07  ? 1641 HOH A O   1 
HETATM 1096 O O   . HOH C 3 .   ? 10.136  -15.274 17.811  1.00 28.25  ? 1642 HOH A O   1 
HETATM 1097 O O   . HOH C 3 .   ? -14.772 -4.111  -8.653  1.00 25.94  ? 1643 HOH A O   1 
HETATM 1098 O O   . HOH C 3 .   ? -0.682  -7.226  9.312   1.00 14.95  ? 1644 HOH A O   1 
HETATM 1099 O O   . HOH C 3 .   ? 14.079  10.539  5.991   1.00 26.91  ? 1645 HOH A O   1 
HETATM 1100 O O   . HOH C 3 .   ? -18.968 4.091   -15.937 1.00 15.05  ? 1646 HOH A O   1 
HETATM 1101 O O   . HOH C 3 .   ? -23.118 -0.400  -18.880 1.00 45.45  ? 1647 HOH A O   1 
HETATM 1102 O O   . HOH C 3 .   ? -4.129  -5.109  7.036   1.00 14.77  ? 1648 HOH A O   1 
HETATM 1103 O O   . HOH C 3 .   ? -3.851  -8.448  1.329   1.00 23.50  ? 1649 HOH A O   1 
HETATM 1104 O O   . HOH C 3 .   ? 0.077   14.624  2.595   1.00 14.30  ? 1650 HOH A O   1 
HETATM 1105 O O   . HOH C 3 .   ? -1.721  1.270   -16.866 1.00 30.79  ? 1651 HOH A O   1 
HETATM 1106 O O   . HOH C 3 .   ? 4.577   -6.908  -13.127 1.00 26.85  ? 1652 HOH A O   1 
HETATM 1107 O O   . HOH C 3 .   ? -9.765  -8.927  3.880   1.00 25.69  ? 1653 HOH A O   1 
HETATM 1108 O O   . HOH C 3 .   ? 4.936   -16.645 8.721   1.00 29.99  ? 1654 HOH A O   1 
HETATM 1109 O O   . HOH C 3 .   ? -9.767  -2.396  0.240   1.00 18.55  ? 1655 HOH A O   1 
HETATM 1110 O O   . HOH C 3 .   ? -3.311  -1.025  7.901   1.00 12.13  ? 1656 HOH A O   1 
HETATM 1111 O O   . HOH C 3 .   ? -5.107  -5.353  4.501   1.00 13.38  ? 1657 HOH A O   1 
HETATM 1112 O O   . HOH C 3 .   ? 14.110  11.044  -4.592  1.00 16.79  ? 1658 HOH A O   1 
HETATM 1113 O O   . HOH C 3 .   ? -1.882  2.658   17.691  1.00 27.63  ? 1659 HOH A O   1 
HETATM 1114 O O   . HOH C 3 .   ? -12.917 6.865   -0.646  1.00 18.48  ? 1660 HOH A O   1 
HETATM 1115 O O   . HOH C 3 .   ? 1.691   -17.418 5.622   1.00 38.91  ? 1661 HOH A O   1 
HETATM 1116 O O   . HOH C 3 .   ? 11.325  -15.326 10.858  1.00 28.84  ? 1662 HOH A O   1 
HETATM 1117 O O   . HOH C 3 .   ? -13.480 10.817  -1.952  1.00 21.45  ? 1663 HOH A O   1 
HETATM 1118 O O   . HOH C 3 .   ? 15.226  -16.381 10.963  1.00 28.26  ? 1664 HOH A O   1 
HETATM 1119 O O   . HOH C 3 .   ? 1.536   1.175   10.390  1.00 12.58  ? 1665 HOH A O   1 
HETATM 1120 O O   . HOH C 3 .   ? -5.733  3.683   -15.943 1.00 12.54  ? 1666 HOH A O   1 
HETATM 1121 O O   . HOH C 3 .   ? -23.444 6.693   -7.960  1.00 18.16  ? 1667 HOH A O   1 
HETATM 1122 O O   . HOH C 3 .   ? -2.839  9.425   -8.371  1.00 26.53  ? 1668 HOH A O   1 
HETATM 1123 O O   . HOH C 3 .   ? -3.389  16.360  -0.479  1.00 23.75  ? 1669 HOH A O   1 
HETATM 1124 O O   . HOH C 3 .   ? -2.394  3.448   9.432   1.00 24.43  ? 1670 HOH A O   1 
HETATM 1125 O O   . HOH C 3 .   ? -21.488 11.538  -10.738 1.00 26.83  ? 1671 HOH A O   1 
HETATM 1126 O O   . HOH C 3 .   ? 9.229   7.487   -8.011  1.00 21.78  ? 1672 HOH A O   1 
HETATM 1127 O O   . HOH C 3 .   ? 9.218   -4.920  3.890   0.39 12.29  ? 1673 HOH A O   1 
HETATM 1128 O O   . HOH C 3 .   ? 0.868   -10.357 -16.521 1.00 26.97  ? 1674 HOH A O   1 
HETATM 1129 O O   . HOH C 3 .   ? -4.844  10.486  5.804   1.00 23.34  ? 1675 HOH A O   1 
HETATM 1130 O O   . HOH C 3 .   ? 4.597   9.109   12.575  1.00 16.22  ? 1676 HOH A O   1 
HETATM 1131 O O   . HOH C 3 .   ? 3.129   -9.534  -8.046  1.00 35.88  ? 1677 HOH A O   1 
HETATM 1132 O O   . HOH C 3 .   ? -7.991  13.432  0.957   1.00 30.45  ? 1678 HOH A O   1 
HETATM 1133 O O   . HOH C 3 .   ? -1.369  7.348   9.938   1.00 21.06  ? 1679 HOH A O   1 
HETATM 1134 O O   . HOH C 3 .   ? 16.143  11.404  -0.555  1.00 19.56  ? 1680 HOH A O   1 
HETATM 1135 O O   . HOH C 3 .   ? 12.136  9.294   7.264   1.00 23.34  ? 1681 HOH A O   1 
HETATM 1136 O O   . HOH C 3 .   ? 2.566   12.057  5.545   1.00 16.81  ? 1682 HOH A O   1 
HETATM 1137 O O   . HOH C 3 .   ? -13.691 9.424   -15.425 1.00 24.18  ? 1683 HOH A O   1 
HETATM 1138 O O   . HOH C 3 .   ? -1.273  -4.466  12.857  1.00 20.54  ? 1684 HOH A O   1 
HETATM 1139 O O   . HOH C 3 .   ? -6.208  7.539   -14.966 1.00 21.38  ? 1685 HOH A O   1 
HETATM 1140 O O   . HOH C 3 .   ? 6.618   -0.965  23.534  1.00 21.32  ? 1686 HOH A O   1 
HETATM 1141 O O   . HOH C 3 .   ? 6.950   -3.571  3.766   0.39 7.45   ? 1687 HOH A O   1 
HETATM 1142 O O   . HOH C 3 .   ? -5.482  -7.519  -2.257  1.00 21.65  ? 1688 HOH A O   1 
HETATM 1143 O O   . HOH C 3 .   ? -11.483 1.272   1.989   1.00 30.21  ? 1689 HOH A O   1 
HETATM 1144 O O   . HOH C 3 .   ? 4.226   2.759   -10.199 1.00 29.05  ? 1690 HOH A O   1 
HETATM 1145 O O   . HOH C 3 .   ? -3.620  -4.615  -12.053 1.00 12.13  ? 1691 HOH A O   1 
HETATM 1146 O O   . HOH C 3 .   ? -8.021  11.622  -2.556  1.00 18.61  ? 1692 HOH A O   1 
HETATM 1147 O O   . HOH C 3 .   ? -10.541 5.891   -9.947  1.00 11.68  ? 1693 HOH A O   1 
HETATM 1148 O O   . HOH C 3 .   ? -19.391 0.643   -7.107  1.00 17.11  ? 1694 HOH A O   1 
HETATM 1149 O O   . HOH C 3 .   ? 6.572   12.040  -3.209  1.00 35.53  ? 1695 HOH A O   1 
HETATM 1150 O O   . HOH C 3 .   ? 0.461   -9.973  -5.173  1.00 29.13  ? 1696 HOH A O   1 
HETATM 1151 O O   . HOH C 3 .   ? 11.192  2.700   -8.548  1.00 25.78  ? 1697 HOH A O   1 
HETATM 1152 O O   . HOH C 3 .   ? 5.140   10.162  4.570   1.00 22.51  ? 1698 HOH A O   1 
HETATM 1153 O O   . HOH C 3 .   ? 5.780   11.595  12.600  1.00 15.06  ? 1699 HOH A O   1 
HETATM 1154 O O   . HOH C 3 .   ? 15.645  -1.481  12.923  1.00 26.98  ? 1700 HOH A O   1 
HETATM 1155 O O   . HOH C 3 .   ? 13.721  10.575  -1.868  1.00 19.62  ? 1701 HOH A O   1 
HETATM 1156 O O   . HOH C 3 .   ? 15.354  2.295   -2.652  1.00 28.27  ? 1702 HOH A O   1 
HETATM 1157 O O   . HOH C 3 .   ? -13.032 7.256   -12.761 1.00 19.73  ? 1703 HOH A O   1 
HETATM 1158 O O   . HOH C 3 .   ? 5.462   -4.059  5.970   0.39 6.56   ? 1704 HOH A O   1 
HETATM 1159 O O   . HOH C 3 .   ? -3.525  -1.822  -18.427 1.00 18.71  ? 1705 HOH A O   1 
HETATM 1160 O O   . HOH C 3 .   ? 0.808   -10.567 7.917   1.00 16.87  ? 1706 HOH A O   1 
HETATM 1161 O O   . HOH C 3 .   ? 1.042   -10.493 -9.258  1.00 35.71  ? 1707 HOH A O   1 
HETATM 1162 O O   . HOH C 3 .   ? -3.991  -9.577  -6.472  1.00 25.41  ? 1708 HOH A O   1 
HETATM 1163 O O   . HOH C 3 .   ? -22.490 6.966   -10.401 1.00 14.16  ? 1709 HOH A O   1 
HETATM 1164 O O   . HOH C 3 .   ? 14.533  6.584   4.428   1.00 21.55  ? 1710 HOH A O   1 
HETATM 1165 O O   . HOH C 3 .   ? -3.473  6.622   8.144   1.00 20.15  ? 1711 HOH A O   1 
HETATM 1166 O O   . HOH C 3 .   ? 9.549   -0.979  -7.857  1.00 33.34  ? 1712 HOH A O   1 
HETATM 1167 O O   . HOH C 3 .   ? 10.896  13.896  -5.646  1.00 35.50  ? 1713 HOH A O   1 
HETATM 1168 O O   . HOH C 3 .   ? 12.743  1.269   13.720  1.00 14.51  ? 1714 HOH A O   1 
HETATM 1169 O O   . HOH C 3 .   ? 17.356  9.401   8.881   1.00 18.99  ? 1715 HOH A O   1 
HETATM 1170 O O   . HOH C 3 .   ? -11.164 9.031   -12.066 1.00 19.16  ? 1716 HOH A O   1 
HETATM 1171 O O   . HOH C 3 .   ? -20.754 1.281   -4.892  1.00 17.13  ? 1717 HOH A O   1 
HETATM 1172 O O   . HOH C 3 .   ? 18.751  0.586   2.777   1.00 34.11  ? 1718 HOH A O   1 
HETATM 1173 O O   . HOH C 3 .   ? -9.189  9.863   -8.548  1.00 26.40  ? 1719 HOH A O   1 
HETATM 1174 O O   . HOH C 3 .   ? -11.394 4.192   -12.039 1.00 12.25  ? 1720 HOH A O   1 
HETATM 1175 O O   . HOH C 3 .   ? -12.330 -2.957  -16.345 1.00 20.00  ? 1721 HOH A O   1 
HETATM 1176 O O   . HOH C 3 .   ? 0.497   -8.393  -4.126  1.00 33.62  ? 1722 HOH A O   1 
HETATM 1177 O O   . HOH C 3 .   ? 7.166   -8.341  1.100   1.00 18.04  ? 1723 HOH A O   1 
HETATM 1178 O O   . HOH C 3 .   ? 3.803   10.333  -9.754  1.00 26.44  ? 1724 HOH A O   1 
HETATM 1179 O O   . HOH C 3 .   ? -23.399 12.472  -15.579 1.00 39.11  ? 1725 HOH A O   1 
HETATM 1180 O O   . HOH C 3 .   ? 6.932   9.252   16.284  1.00 36.16  ? 1726 HOH A O   1 
HETATM 1181 O O   . HOH C 3 .   ? -13.844 -5.634  -13.436 0.50 29.68  ? 1727 HOH A O   1 
HETATM 1182 O O   . HOH C 3 .   ? 10.656  12.485  1.227   1.00 25.94  ? 1728 HOH A O   1 
HETATM 1183 O O   . HOH C 3 .   ? -7.575  -0.363  -15.498 1.00 14.20  ? 1729 HOH A O   1 
HETATM 1184 O O   . HOH C 3 .   ? -11.375 3.545   2.437   1.00 24.77  ? 1730 HOH A O   1 
HETATM 1185 O O   . HOH C 3 .   ? -2.114  -10.287 -0.391  1.00 34.42  ? 1731 HOH A O   1 
HETATM 1186 O O   . HOH C 3 .   ? 0.634   -11.568 10.559  1.00 25.17  ? 1732 HOH A O   1 
HETATM 1187 O O   . HOH C 3 .   ? -8.377  4.651   -17.800 1.00 19.26  ? 1733 HOH A O   1 
HETATM 1188 O O   . HOH C 3 .   ? 8.786   -7.609  -5.071  1.00 37.44  ? 1734 HOH A O   1 
HETATM 1189 O O   . HOH C 3 .   ? -9.787  -1.763  -14.712 1.00 18.06  ? 1735 HOH A O   1 
HETATM 1190 O O   . HOH C 3 .   ? -2.234  2.604   13.228  1.00 22.78  ? 1736 HOH A O   1 
HETATM 1191 O O   . HOH C 3 .   ? 9.541   -10.021 4.141   1.00 23.80  ? 1737 HOH A O   1 
HETATM 1192 O O   . HOH C 3 .   ? 8.035   -3.203  -8.614  1.00 36.30  ? 1738 HOH A O   1 
HETATM 1193 O O   . HOH C 3 .   ? 3.456   -6.086  -17.542 1.00 34.65  ? 1739 HOH A O   1 
HETATM 1194 O O   . HOH C 3 .   ? -8.659  -2.514  2.791   1.00 14.63  ? 1740 HOH A O   1 
HETATM 1195 O O   . HOH C 3 .   ? 2.091   -1.039  17.471  1.00 23.13  ? 1741 HOH A O   1 
HETATM 1196 O O   . HOH C 3 .   ? 13.949  8.111   -1.472  1.00 31.13  ? 1742 HOH A O   1 
HETATM 1197 O O   . HOH C 3 .   ? -14.052 -0.989  -0.395  1.00 30.20  ? 1743 HOH A O   1 
HETATM 1198 O O   . HOH C 3 .   ? -12.774 -2.098  -14.416 1.00 37.77  ? 1744 HOH A O   1 
HETATM 1199 O O   . HOH C 3 .   ? 15.215  8.527   5.890   1.00 37.02  ? 1745 HOH A O   1 
HETATM 1200 O O   . HOH C 3 .   ? 14.655  -1.141  -0.384  1.00 40.50  ? 1746 HOH A O   1 
HETATM 1201 O O   . HOH C 3 .   ? 15.777  11.614  8.511   1.00 35.38  ? 1747 HOH A O   1 
HETATM 1202 O O   . HOH C 3 .   ? 5.909   -17.133 17.094  1.00 33.94  ? 1748 HOH A O   1 
HETATM 1203 O O   . HOH C 3 .   ? 9.860   -12.680 4.225   1.00 115.31 ? 1749 HOH A O   1 
HETATM 1204 O O   . HOH C 3 .   ? 14.702  6.595   -4.332  1.00 29.40  ? 1750 HOH A O   1 
HETATM 1205 O O   . HOH C 3 .   ? -15.973 9.517   -10.779 1.00 50.47  ? 1751 HOH A O   1 
HETATM 1206 O O   . HOH C 3 .   ? 15.302  6.613   2.569   1.00 36.96  ? 1752 HOH A O   1 
HETATM 1207 O O   . HOH C 3 .   ? -2.258  -0.651  10.485  1.00 13.38  ? 1753 HOH A O   1 
HETATM 1208 O O   . HOH C 3 .   ? -25.007 6.073   -11.549 1.00 14.76  ? 1754 HOH A O   1 
HETATM 1209 O O   . HOH C 3 .   ? -10.765 -5.680  -1.917  1.00 27.62  ? 1755 HOH A O   1 
HETATM 1210 O O   . HOH C 3 .   ? 14.741  7.305   0.550   1.00 41.54  ? 1756 HOH A O   1 
HETATM 1211 O O   . HOH C 3 .   ? 8.012   -7.733  3.669   1.00 18.26  ? 1757 HOH A O   1 
HETATM 1212 O O   . HOH C 3 .   ? -21.145 -0.795  -8.452  1.00 26.25  ? 1758 HOH A O   1 
HETATM 1213 O O   . HOH C 3 .   ? 16.504  4.998   -3.932  1.00 24.55  ? 1759 HOH A O   1 
HETATM 1214 O O   . HOH C 3 .   ? 4.390   8.632   15.224  1.00 21.04  ? 1760 HOH A O   1 
HETATM 1215 O O   . HOH C 3 .   ? 10.114  12.213  4.723   1.00 27.65  ? 1761 HOH A O   1 
HETATM 1216 O O   . HOH C 3 .   ? -26.640 4.497   -10.114 1.00 35.27  ? 1762 HOH A O   1 
HETATM 1217 O O   . HOH C 3 .   ? -25.719 5.392   -7.592  1.00 24.75  ? 1763 HOH A O   1 
HETATM 1218 O O   . HOH C 3 .   ? -7.428  -9.348  5.359   1.00 26.54  ? 1764 HOH A O   1 
HETATM 1219 O O   . HOH C 3 .   ? -4.175  1.481   7.477   1.00 19.06  ? 1765 HOH A O   1 
HETATM 1220 O O   . HOH C 3 .   ? -1.023  -4.570  15.722  1.00 26.29  ? 1766 HOH A O   1 
HETATM 1221 O O   . HOH C 3 .   ? 8.145   9.389   -12.178 1.00 30.31  ? 1767 HOH A O   1 
HETATM 1222 O O   . HOH C 3 .   ? -1.916  5.108   14.445  1.00 29.89  ? 1768 HOH A O   1 
HETATM 1223 O O   . HOH C 3 .   ? 1.408   5.914   17.563  1.00 36.18  ? 1769 HOH A O   1 
HETATM 1224 O O   . HOH C 3 .   ? -11.080 -0.204  -0.203  1.00 24.27  ? 1770 HOH A O   1 
HETATM 1225 O O   . HOH C 3 .   ? 12.938  0.016   16.848  1.00 34.75  ? 1771 HOH A O   1 
HETATM 1226 O O   . HOH C 3 .   ? 1.034   -9.613  15.718  1.00 31.17  ? 1772 HOH A O   1 
HETATM 1227 O O   . HOH C 3 .   ? -4.212  2.011   -17.411 1.00 19.17  ? 1773 HOH A O   1 
HETATM 1228 O O   . HOH C 3 .   ? -5.012  -8.093  4.134   1.00 24.23  ? 1774 HOH A O   1 
HETATM 1229 O O   . HOH C 3 .   ? -1.057  1.696   11.010  1.00 12.42  ? 1775 HOH A O   1 
HETATM 1230 O O   . HOH C 3 .   ? -6.084  6.280   -17.274 1.00 24.65  ? 1776 HOH A O   1 
HETATM 1231 O O   . HOH C 3 .   ? 12.843  0.101   -4.767  1.00 41.31  ? 1777 HOH A O   1 
HETATM 1232 O O   . HOH C 3 .   ? 1.848   9.917   12.383  1.00 33.39  ? 1778 HOH A O   1 
HETATM 1233 O O   . HOH C 3 .   ? -11.047 6.082   1.469   1.00 17.45  ? 1779 HOH A O   1 
HETATM 1234 O O   . HOH C 3 .   ? 7.715   -18.812 17.591  1.00 37.74  ? 1780 HOH A O   1 
HETATM 1235 O O   . HOH C 3 .   ? 14.169  -0.317  -2.905  1.00 36.95  ? 1781 HOH A O   1 
HETATM 1236 O O   . HOH C 3 .   ? -23.726 -0.639  -8.506  1.00 31.93  ? 1782 HOH A O   1 
HETATM 1237 O O   . HOH C 3 .   ? 9.372   -11.964 2.099   1.00 40.45  ? 1783 HOH A O   1 
HETATM 1238 O O   . HOH C 3 .   ? -26.328 3.307   -5.926  1.00 40.99  ? 1784 HOH A O   1 
HETATM 1239 O O   . HOH C 3 .   ? -23.276 0.600   -4.780  1.00 35.63  ? 1785 HOH A O   1 
HETATM 1240 O O   . HOH C 3 .   ? 12.170  0.407   19.112  1.00 38.24  ? 1786 HOH A O   1 
HETATM 1241 O O   . HOH C 3 .   ? -6.360  -0.274  -18.323 0.50 11.46  ? 1787 HOH A O   1 
HETATM 1242 O O   . HOH C 3 .   ? -5.386  8.160   7.654   1.00 31.03  ? 1788 HOH A O   1 
HETATM 1243 O O   . HOH C 3 .   ? 7.540   -11.052 0.114   1.00 36.61  ? 1789 HOH A O   1 
HETATM 1244 O O   . HOH C 3 .   ? -16.827 -3.608  -7.066  1.00 20.93  ? 1790 HOH A O   1 
HETATM 1245 O O   . HOH C 3 .   ? 1.291   -10.906 -3.313  1.00 39.10  ? 1791 HOH A O   1 
HETATM 1246 O O   . HOH C 3 .   ? -1.839  7.439   12.359  1.00 41.51  ? 1792 HOH A O   1 
HETATM 1247 O O   . HOH C 3 .   ? -17.181 -0.988  -6.238  1.00 22.77  ? 1793 HOH A O   1 
# 
